data_1L5G
#
_entry.id   1L5G
#
_cell.length_a   129.79
_cell.length_b   129.79
_cell.length_c   308.78
_cell.angle_alpha   90
_cell.angle_beta   90
_cell.angle_gamma   120
#
_symmetry.space_group_name_H-M   'P 32 2 1'
#
loop_
_entity.id
_entity.type
_entity.pdbx_description
1 polymer 'INTEGRIN ALPHA V'
2 polymer 'INTEGRIN BETA-3'
3 polymer 'CYCLIC ARG-GLY-ASP PEPTIDE'
4 branched 2-acetamido-2-deoxy-beta-D-glucopyranose-(1-4)-2-acetamido-2-deoxy-beta-D-glucopyranose
5 branched 2-acetamido-2-deoxy-alpha-D-glucopyranose-(1-4)-2-acetamido-2-deoxy-beta-D-glucopyranose
6 non-polymer 2-acetamido-2-deoxy-beta-D-glucopyranose
7 non-polymer 'MANGANESE (II) ION'
#
loop_
_entity_poly.entity_id
_entity_poly.type
_entity_poly.pdbx_seq_one_letter_code
_entity_poly.pdbx_strand_id
1 'polypeptide(L)'
;FNLDVDSPAEYSGPEGSYFGFAVDFFVPSASSRMFLLVGAPKANTTQPGIVEGGQVLKCDWSSTRRCQPIEFDATGNRDY
AKDDPLEFKSHQWFGASVRSKQDKILACAPLYHWRTEMKQEREPVGTCFLQDGTKTVEYAPCRSQDIDADGQGFCQGGFS
IDFTKADRVLLGGPGSFYWQGQLISDQVAEIVSKYDPNVYSIKYNNQLATRTAQAIFDDSYLGYSVAVGDFNGDGIDDFV
SGVPRAARTLGMVYIYDGKNMSSLYNFTGEQMAAYFGFSVAATDINGDDYADVFIGAPLFMDRGSDGKLQEVGQVSVSLQ
RASGDFQTTKLNGFEVFARFGSAIAPLGDLDQDGFNDIAIAAPYGGEDKKGIVYIFNGRSTGLNAVPSQILEGQWAARSM
PPSFGYSMKGATDIDKNGYPDLIVGAFGVDRAILYRARPVITVNAGLEVYPSILNQDNKTCSLPGTALKVSCFNVRFCLK
ADGKGVLPRKLNFQVELLLDKLKQKGAIRRALFLYSRSPSHSKNMTISRGGLMQCEELIAYLRDESEFRDKLTPITIFME
YRLDYRTAADTTGLQPILNQFTPANISRQAHILLDCGEDNVCKPKLEVSVDSDQKKIYIGDDNPLTLIVKAQNQGEGAYE
AELIVSIPLQADFIGVVRNNEALARLSCAFKTENQTRQVVCDLGNPMKAGTQLLAGLRFSVHQQSEMDTSVKFDLQIQSS
NLFDKVSPVVSHKVDLAVLAAVEIRGVSSPDHVFLPIPNWEHKENPETEEDVGPVVQHIYELRNNGPSSFSKAMLHLQWP
YKYNNNTLLYILHYDIDGPMNCTSDMEINPLRIKISSLQTTEKNDTVAGQGERDHLITKRDLALSEGDIHTLGCGVAQCL
KIVCQVGRLDRGKSAILYVKSLLWTETFMNKENQNHSYSLKSSASFNVIEFPYKNLPIEDITNSTLVTTNVTWGIQP
;
A
2 'polypeptide(L)'
;GPNICTTRGVSSCQQCLAVSPMCAWCSDEALPLGSPRCDLKENLLKDNCAPESIEFPVSEARVLEDRPLSDKGSGDSSQV
TQVSPQRIALRLRPDDSKNFSIQVRQVEDYPVDIYYLMDLSYSMKDDLWSIQNLGTKLATQMRKLTSNLRIGFGAFVDKP
VSPYMYISPPEALENPCYDMKTTCLPMFGYKHVLTLTDQVTRFNEEVKKQSVSRNRDAPEGGFDAIMQATVCDEKIGWRN
DASHLLVFTTDAKTHIALDGRLAGIVQPNDGQCHVGSDNHYSASTTMDYPSLGLMTEKLSQKNINLIFAVTENVVNLYQN
YSELIPGTTVGVLSMDSSNVLQLIVDAYGKIRSKVELEVRDLPEELSLSFNATCLNNEVIPGLKSCMGLKIGDTVSFSIE
AKVRGCPQEKEKSFTIKPVGFKDSLIVQVTFDCDCACQAQAEPNSHRCNNGNGTFECGVCRCGPGWLGSQCECSEEDYRP
SQQDECSPREGQPVCSQRGECLCGQCVCHSSDFGKITGKYCECDDFSCVRYKGEMCSGHGQCSCGDCLCDSDWTGYYCNC
TTRTDTCMSSNGLLCSGRGKCECGSCVCIQPGSYGDTCEKCPTCPDACTFKKECVECKKFDREPYMTENTCNRYCRDEIE
SVKELKDTGKDAVNCTYKNEDDCVVRFQYYEDSSGKSILYVVEEPECPKGPD
;
B
3 'polypeptide(L)' RGDF(MVA) C
#
# COMPACT_ATOMS: atom_id res chain seq x y z
N PHE A 1 -0.22 10.55 -24.42
CA PHE A 1 0.76 11.47 -23.84
C PHE A 1 0.51 12.93 -24.20
N ASN A 2 -0.35 13.17 -25.18
CA ASN A 2 -0.63 14.54 -25.56
C ASN A 2 -2.00 14.88 -26.12
N LEU A 3 -2.57 15.87 -25.44
CA LEU A 3 -3.87 16.44 -25.72
C LEU A 3 -3.65 17.90 -25.44
N ASP A 4 -4.17 18.77 -26.29
CA ASP A 4 -4.03 20.20 -26.11
C ASP A 4 -4.49 20.57 -24.72
N VAL A 5 -3.77 21.50 -24.10
CA VAL A 5 -4.11 21.97 -22.76
C VAL A 5 -4.10 23.49 -22.78
N ASP A 6 -3.99 24.03 -23.99
CA ASP A 6 -3.98 25.47 -24.21
C ASP A 6 -5.37 26.02 -24.49
N SER A 7 -6.15 25.27 -25.26
CA SER A 7 -7.50 25.69 -25.61
C SER A 7 -8.52 24.56 -25.58
N PRO A 8 -8.85 24.07 -24.39
CA PRO A 8 -9.83 22.98 -24.29
C PRO A 8 -11.22 23.62 -24.28
N ALA A 9 -12.23 22.89 -24.73
CA ALA A 9 -13.59 23.42 -24.76
C ALA A 9 -14.09 23.52 -23.34
N GLU A 10 -14.29 24.77 -22.91
CA GLU A 10 -14.73 25.04 -21.56
C GLU A 10 -16.25 25.27 -21.56
N TYR A 11 -16.99 24.43 -20.84
CA TYR A 11 -18.45 24.53 -20.74
C TYR A 11 -18.84 24.78 -19.28
N SER A 12 -19.81 25.66 -19.05
CA SER A 12 -20.25 25.98 -17.68
C SER A 12 -21.75 25.73 -17.36
N GLY A 13 -22.16 26.08 -16.15
CA GLY A 13 -23.55 25.87 -15.77
C GLY A 13 -23.95 26.70 -14.55
N PRO A 14 -25.24 26.71 -14.17
CA PRO A 14 -25.77 27.47 -13.00
C PRO A 14 -25.09 27.20 -11.67
N GLU A 15 -24.95 28.23 -10.84
CA GLU A 15 -24.31 28.10 -9.52
C GLU A 15 -25.09 27.29 -8.48
N GLY A 16 -24.42 26.27 -7.96
CA GLY A 16 -24.99 25.39 -6.96
C GLY A 16 -25.72 24.21 -7.57
N SER A 17 -25.50 23.97 -8.86
CA SER A 17 -26.16 22.89 -9.59
C SER A 17 -25.30 21.67 -9.90
N TYR A 18 -24.06 21.68 -9.43
CA TYR A 18 -23.16 20.56 -9.69
C TYR A 18 -23.03 20.23 -11.17
N PHE A 19 -23.08 21.25 -12.02
CA PHE A 19 -22.95 21.05 -13.47
C PHE A 19 -21.61 20.33 -13.71
N GLY A 20 -21.69 19.07 -14.08
CA GLY A 20 -20.47 18.32 -14.32
C GLY A 20 -20.28 17.18 -13.33
N PHE A 21 -21.31 16.83 -12.58
CA PHE A 21 -21.19 15.72 -11.63
C PHE A 21 -21.15 14.39 -12.38
N ALA A 22 -21.56 14.39 -13.64
CA ALA A 22 -21.54 13.21 -14.48
C ALA A 22 -21.55 13.67 -15.91
N VAL A 23 -20.58 13.19 -16.69
CA VAL A 23 -20.44 13.59 -18.07
C VAL A 23 -20.54 12.43 -19.05
N ASP A 24 -20.81 12.78 -20.32
CA ASP A 24 -20.88 11.83 -21.42
C ASP A 24 -20.90 12.39 -22.85
N PHE A 25 -20.73 11.47 -23.79
CA PHE A 25 -20.74 11.75 -25.23
C PHE A 25 -22.04 11.26 -25.86
N PHE A 26 -22.69 12.12 -26.62
CA PHE A 26 -23.92 11.74 -27.29
C PHE A 26 -23.68 11.74 -28.79
N VAL A 27 -23.50 10.54 -29.35
CA VAL A 27 -23.25 10.41 -30.78
C VAL A 27 -24.41 9.70 -31.52
N PRO A 28 -25.41 10.48 -31.99
CA PRO A 28 -26.60 10.01 -32.72
C PRO A 28 -26.27 9.29 -34.03
N SER A 29 -27.04 8.26 -34.35
CA SER A 29 -26.84 7.50 -35.59
C SER A 29 -27.34 8.31 -36.77
N ALA A 30 -28.43 9.02 -36.56
CA ALA A 30 -29.04 9.83 -37.59
C ALA A 30 -28.40 11.19 -37.81
N SER A 31 -27.25 11.44 -37.20
CA SER A 31 -26.58 12.75 -37.38
C SER A 31 -25.08 12.68 -37.55
N SER A 32 -24.58 13.60 -38.35
CA SER A 32 -23.16 13.70 -38.65
C SER A 32 -22.39 14.14 -37.41
N ARG A 33 -22.95 15.10 -36.68
CA ARG A 33 -22.27 15.59 -35.50
C ARG A 33 -22.69 14.97 -34.15
N MET A 34 -21.80 15.10 -33.17
CA MET A 34 -22.00 14.57 -31.81
C MET A 34 -22.03 15.68 -30.70
N PHE A 35 -22.34 15.31 -29.45
CA PHE A 35 -22.41 16.30 -28.37
C PHE A 35 -21.90 15.82 -27.01
N LEU A 36 -21.86 16.75 -26.06
CA LEU A 36 -21.44 16.46 -24.70
C LEU A 36 -22.68 16.45 -23.83
N LEU A 37 -22.78 15.48 -22.94
CA LEU A 37 -23.92 15.40 -22.06
C LEU A 37 -23.40 15.67 -20.68
N VAL A 38 -23.94 16.68 -20.03
CA VAL A 38 -23.50 17.00 -18.69
C VAL A 38 -24.62 16.93 -17.66
N GLY A 39 -24.51 15.95 -16.78
CA GLY A 39 -25.49 15.81 -15.74
C GLY A 39 -25.27 16.91 -14.72
N ALA A 40 -26.35 17.53 -14.28
CA ALA A 40 -26.28 18.59 -13.32
C ALA A 40 -27.40 18.46 -12.31
N PRO A 41 -27.25 17.58 -11.30
CA PRO A 41 -28.28 17.37 -10.25
C PRO A 41 -28.37 18.67 -9.44
N LYS A 42 -29.33 18.82 -8.53
CA LYS A 42 -29.44 20.08 -7.74
C LYS A 42 -29.99 21.27 -8.60
N ALA A 43 -29.83 21.17 -9.93
CA ALA A 43 -30.30 22.19 -10.85
C ALA A 43 -31.82 22.29 -10.88
N ASN A 44 -32.33 23.48 -10.59
CA ASN A 44 -33.77 23.73 -10.59
C ASN A 44 -34.38 23.59 -11.97
N THR A 45 -35.62 23.13 -12.01
CA THR A 45 -36.33 22.94 -13.27
C THR A 45 -37.71 23.57 -13.24
N THR A 46 -38.28 23.72 -14.43
CA THR A 46 -39.61 24.29 -14.57
C THR A 46 -40.73 23.36 -14.08
N GLN A 47 -40.37 22.16 -13.64
CA GLN A 47 -41.33 21.18 -13.14
C GLN A 47 -42.13 21.76 -11.98
N PRO A 48 -43.47 21.67 -12.04
CA PRO A 48 -44.44 22.17 -11.06
C PRO A 48 -44.20 21.71 -9.61
N GLY A 49 -43.71 22.63 -8.79
CA GLY A 49 -43.47 22.36 -7.37
C GLY A 49 -42.31 21.44 -6.97
N ILE A 50 -41.37 21.24 -7.90
CA ILE A 50 -40.21 20.40 -7.66
C ILE A 50 -38.98 21.27 -7.52
N VAL A 51 -38.27 21.15 -6.39
CA VAL A 51 -37.05 21.93 -6.15
C VAL A 51 -35.79 21.09 -6.31
N GLU A 52 -34.88 21.55 -7.16
CA GLU A 52 -33.61 20.85 -7.45
C GLU A 52 -33.84 19.43 -7.97
N GLY A 53 -34.63 19.35 -9.03
CA GLY A 53 -34.95 18.08 -9.65
C GLY A 53 -33.81 17.57 -10.48
N GLY A 54 -32.94 18.49 -10.88
CA GLY A 54 -31.79 18.14 -11.69
C GLY A 54 -32.11 18.14 -13.18
N GLN A 55 -31.11 17.93 -14.02
CA GLN A 55 -31.33 17.90 -15.45
C GLN A 55 -30.08 17.67 -16.24
N VAL A 56 -30.12 16.72 -17.15
CA VAL A 56 -28.98 16.47 -18.00
C VAL A 56 -29.04 17.55 -19.08
N LEU A 57 -27.90 18.10 -19.45
CA LEU A 57 -27.88 19.13 -20.49
C LEU A 57 -27.11 18.62 -21.68
N LYS A 58 -27.60 18.95 -22.87
CA LYS A 58 -26.94 18.56 -24.10
C LYS A 58 -26.15 19.79 -24.50
N CYS A 59 -24.84 19.60 -24.63
CA CYS A 59 -23.92 20.67 -25.00
C CYS A 59 -23.47 20.54 -26.44
N ASP A 60 -23.35 21.69 -27.09
CA ASP A 60 -22.97 21.74 -28.50
C ASP A 60 -21.50 22.00 -28.69
N TRP A 61 -20.78 20.98 -29.16
CA TRP A 61 -19.37 21.17 -29.40
C TRP A 61 -19.20 21.96 -30.68
N SER A 62 -20.27 22.61 -31.10
CA SER A 62 -20.27 23.42 -32.31
C SER A 62 -19.44 24.69 -32.03
N SER A 63 -18.53 24.60 -31.07
CA SER A 63 -17.68 25.72 -30.66
C SER A 63 -18.56 26.92 -30.35
N THR A 64 -19.81 26.61 -30.02
CA THR A 64 -20.81 27.57 -29.65
C THR A 64 -20.70 27.49 -28.13
N ARG A 65 -20.64 26.24 -27.64
CA ARG A 65 -20.52 25.92 -26.22
C ARG A 65 -21.79 26.11 -25.39
N ARG A 66 -22.90 26.39 -26.06
CA ARG A 66 -24.18 26.59 -25.38
C ARG A 66 -24.66 25.19 -25.00
N CYS A 67 -25.23 25.09 -23.81
CA CYS A 67 -25.74 23.82 -23.35
C CYS A 67 -27.18 24.05 -22.95
N GLN A 68 -28.12 23.39 -23.59
CA GLN A 68 -29.49 23.55 -23.13
C GLN A 68 -29.99 22.22 -22.64
N PRO A 69 -30.74 22.20 -21.52
CA PRO A 69 -31.26 20.95 -20.96
C PRO A 69 -31.93 20.04 -21.96
N ILE A 70 -32.08 18.78 -21.56
CA ILE A 70 -32.72 17.79 -22.38
C ILE A 70 -34.02 17.48 -21.63
N GLU A 71 -35.14 17.59 -22.34
CA GLU A 71 -36.46 17.33 -21.75
C GLU A 71 -36.75 15.87 -21.44
N PHE A 72 -36.80 15.57 -20.16
CA PHE A 72 -37.07 14.21 -19.77
C PHE A 72 -38.42 14.07 -19.14
N ASP A 73 -38.64 14.66 -17.96
CA ASP A 73 -39.93 14.48 -17.30
C ASP A 73 -40.79 15.62 -17.69
N ALA A 74 -40.68 16.72 -16.91
CA ALA A 74 -41.53 17.94 -17.07
C ALA A 74 -42.90 17.39 -16.55
N THR A 75 -43.28 17.60 -15.31
CA THR A 75 -44.62 17.17 -14.84
C THR A 75 -44.76 17.49 -13.37
N GLY A 76 -43.86 16.96 -12.54
CA GLY A 76 -44.05 17.25 -11.12
C GLY A 76 -44.57 15.94 -10.48
N ASN A 77 -44.97 15.98 -9.21
CA ASN A 77 -45.39 14.75 -8.54
C ASN A 77 -46.80 14.19 -8.78
N ARG A 78 -46.88 12.88 -8.99
CA ARG A 78 -48.17 12.24 -9.19
C ARG A 78 -48.79 11.92 -7.82
N ASP A 79 -50.11 11.77 -7.78
CA ASP A 79 -50.77 11.49 -6.52
C ASP A 79 -51.28 10.07 -6.36
N TYR A 80 -51.48 9.69 -5.10
CA TYR A 80 -52.00 8.39 -4.73
C TYR A 80 -53.42 8.66 -4.21
N ALA A 81 -53.63 9.88 -3.75
CA ALA A 81 -54.92 10.34 -3.22
C ALA A 81 -54.92 11.85 -3.35
N LYS A 82 -55.83 12.51 -2.62
CA LYS A 82 -55.97 13.97 -2.65
C LYS A 82 -54.69 14.80 -2.42
N ASP A 83 -54.32 15.01 -1.16
CA ASP A 83 -53.10 15.74 -0.83
C ASP A 83 -52.26 14.68 -0.15
N ASP A 84 -51.87 13.70 -0.94
CA ASP A 84 -51.11 12.58 -0.45
C ASP A 84 -50.37 12.08 -1.68
N PRO A 85 -49.30 12.79 -2.07
CA PRO A 85 -48.46 12.46 -3.23
C PRO A 85 -47.99 11.03 -3.30
N LEU A 86 -47.69 10.59 -4.54
CA LEU A 86 -47.23 9.24 -4.82
C LEU A 86 -45.71 9.23 -4.85
N GLU A 87 -45.13 10.32 -5.36
CA GLU A 87 -43.69 10.46 -5.49
C GLU A 87 -43.31 11.91 -5.13
N PHE A 88 -42.03 12.13 -4.82
CA PHE A 88 -41.50 13.45 -4.47
C PHE A 88 -40.21 13.63 -5.27
N LYS A 89 -40.30 14.38 -6.34
CA LYS A 89 -39.17 14.58 -7.21
C LYS A 89 -38.20 15.65 -6.77
N SER A 90 -38.64 16.60 -5.95
CA SER A 90 -37.78 17.68 -5.47
C SER A 90 -36.56 17.10 -4.75
N HIS A 91 -35.37 17.52 -5.20
CA HIS A 91 -34.06 17.09 -4.66
C HIS A 91 -33.80 15.62 -4.95
N GLN A 92 -34.18 15.18 -6.15
CA GLN A 92 -34.00 13.77 -6.50
C GLN A 92 -32.64 13.46 -7.08
N TRP A 93 -31.86 14.49 -7.39
CA TRP A 93 -30.54 14.29 -7.97
C TRP A 93 -30.61 13.67 -9.36
N PHE A 94 -31.61 14.05 -10.15
CA PHE A 94 -31.69 13.53 -11.52
C PHE A 94 -30.46 14.04 -12.28
N GLY A 95 -29.76 13.14 -12.97
CA GLY A 95 -28.59 13.56 -13.70
C GLY A 95 -27.32 13.15 -12.98
N ALA A 96 -27.49 12.53 -11.80
CA ALA A 96 -26.33 12.08 -11.05
C ALA A 96 -25.58 11.04 -11.87
N SER A 97 -26.29 10.33 -12.75
CA SER A 97 -25.72 9.28 -13.60
C SER A 97 -26.15 9.53 -15.03
N VAL A 98 -25.24 9.44 -15.99
CA VAL A 98 -25.60 9.68 -17.40
C VAL A 98 -24.92 8.69 -18.34
N ARG A 99 -25.72 8.03 -19.18
CA ARG A 99 -25.21 7.06 -20.14
C ARG A 99 -26.01 7.09 -21.44
N SER A 100 -25.26 7.18 -22.54
CA SER A 100 -25.81 7.26 -23.88
C SER A 100 -25.21 6.21 -24.78
N LYS A 101 -26.04 5.44 -25.47
CA LYS A 101 -25.54 4.42 -26.39
C LYS A 101 -25.47 5.08 -27.77
N GLN A 102 -26.46 4.85 -28.62
CA GLN A 102 -26.40 5.50 -29.92
C GLN A 102 -27.36 6.67 -29.70
N ASP A 103 -28.56 6.59 -30.28
CA ASP A 103 -29.53 7.67 -30.14
C ASP A 103 -30.22 7.70 -28.78
N LYS A 104 -30.15 6.58 -28.05
CA LYS A 104 -30.84 6.45 -26.75
C LYS A 104 -29.94 6.76 -25.59
N ILE A 105 -30.47 7.51 -24.63
CA ILE A 105 -29.70 7.88 -23.46
C ILE A 105 -30.47 7.73 -22.17
N LEU A 106 -29.85 7.00 -21.26
CA LEU A 106 -30.38 6.71 -19.93
C LEU A 106 -29.89 7.76 -18.93
N ALA A 107 -30.74 8.16 -18.00
CA ALA A 107 -30.36 9.15 -16.98
C ALA A 107 -31.10 8.79 -15.71
N CYS A 108 -30.57 9.17 -14.56
CA CYS A 108 -31.22 8.77 -13.34
C CYS A 108 -31.21 9.77 -12.22
N ALA A 109 -32.14 9.57 -11.30
CA ALA A 109 -32.31 10.41 -10.14
C ALA A 109 -32.26 9.45 -8.97
N PRO A 110 -31.04 9.06 -8.56
CA PRO A 110 -30.81 8.11 -7.46
C PRO A 110 -31.39 8.48 -6.11
N LEU A 111 -31.74 9.76 -5.92
CA LEU A 111 -32.32 10.20 -4.66
C LEU A 111 -33.82 10.49 -4.75
N TYR A 112 -34.46 9.84 -5.71
CA TYR A 112 -35.89 9.96 -5.92
C TYR A 112 -36.61 9.13 -4.87
N HIS A 113 -37.50 9.79 -4.11
CA HIS A 113 -38.29 9.12 -3.05
C HIS A 113 -39.72 8.73 -3.49
N TRP A 114 -40.25 7.68 -2.87
CA TRP A 114 -41.57 7.18 -3.24
C TRP A 114 -42.35 6.64 -2.05
N ARG A 115 -43.58 7.12 -1.89
CA ARG A 115 -44.48 6.69 -0.83
C ARG A 115 -45.01 5.34 -1.26
N THR A 116 -44.78 4.30 -0.49
CA THR A 116 -45.27 2.99 -0.90
C THR A 116 -46.77 2.98 -1.22
N GLU A 117 -47.19 2.01 -2.02
CA GLU A 117 -48.59 1.85 -2.38
C GLU A 117 -49.40 1.47 -1.15
N MET A 118 -48.72 1.15 -0.06
CA MET A 118 -49.39 0.76 1.18
C MET A 118 -49.55 1.91 2.15
N LYS A 119 -48.61 2.03 3.09
CA LYS A 119 -48.69 3.10 4.09
C LYS A 119 -48.01 4.38 3.64
N GLN A 120 -48.24 5.45 4.42
CA GLN A 120 -47.66 6.77 4.12
C GLN A 120 -46.16 6.66 4.32
N GLU A 121 -45.42 6.54 3.22
CA GLU A 121 -43.98 6.41 3.31
C GLU A 121 -43.22 7.56 2.67
N ARG A 122 -42.02 7.26 2.18
CA ARG A 122 -41.14 8.21 1.51
C ARG A 122 -39.78 7.51 1.29
N GLU A 123 -39.79 6.41 0.53
CA GLU A 123 -38.59 5.61 0.30
C GLU A 123 -37.80 5.92 -0.97
N PRO A 124 -36.49 6.21 -0.82
CA PRO A 124 -35.55 6.54 -1.89
C PRO A 124 -35.26 5.36 -2.76
N VAL A 125 -36.27 4.99 -3.53
CA VAL A 125 -36.20 3.85 -4.43
C VAL A 125 -35.45 4.15 -5.73
N GLY A 126 -35.32 5.45 -6.06
CA GLY A 126 -34.62 5.88 -7.26
C GLY A 126 -35.23 5.51 -8.60
N THR A 127 -35.16 6.44 -9.54
CA THR A 127 -35.72 6.17 -10.86
C THR A 127 -34.88 6.71 -12.02
N CYS A 128 -35.15 6.20 -13.21
CA CYS A 128 -34.45 6.64 -14.40
C CYS A 128 -35.42 6.98 -15.52
N PHE A 129 -34.85 7.49 -16.60
CA PHE A 129 -35.57 7.90 -17.79
C PHE A 129 -34.73 7.54 -19.00
N LEU A 130 -35.39 6.91 -19.97
CA LEU A 130 -34.74 6.49 -21.18
C LEU A 130 -35.35 7.16 -22.40
N GLN A 131 -34.58 8.07 -22.99
CA GLN A 131 -35.02 8.81 -24.17
C GLN A 131 -34.44 8.25 -25.47
N ASP A 132 -35.10 8.59 -26.58
CA ASP A 132 -34.71 8.16 -27.91
C ASP A 132 -35.28 9.17 -28.91
N GLY A 133 -34.70 10.37 -28.93
CA GLY A 133 -35.13 11.41 -29.83
C GLY A 133 -36.43 12.07 -29.42
N THR A 134 -37.50 11.28 -29.40
CA THR A 134 -38.83 11.75 -29.03
C THR A 134 -39.45 10.81 -27.99
N LYS A 135 -39.42 9.52 -28.28
CA LYS A 135 -39.98 8.50 -27.39
C LYS A 135 -39.20 8.51 -26.07
N THR A 136 -39.93 8.50 -24.95
CA THR A 136 -39.30 8.53 -23.64
C THR A 136 -40.08 7.70 -22.61
N VAL A 137 -39.42 6.69 -22.07
CA VAL A 137 -40.02 5.81 -21.08
C VAL A 137 -39.28 6.00 -19.74
N GLU A 138 -39.93 5.65 -18.63
CA GLU A 138 -39.31 5.73 -17.31
C GLU A 138 -38.92 4.34 -16.81
N TYR A 139 -37.66 4.17 -16.45
CA TYR A 139 -37.17 2.87 -15.95
C TYR A 139 -36.88 3.02 -14.47
N ALA A 140 -37.63 2.31 -13.62
CA ALA A 140 -37.45 2.37 -12.17
C ALA A 140 -37.57 0.97 -11.57
N PRO A 141 -36.65 0.07 -11.95
CA PRO A 141 -36.63 -1.32 -11.49
C PRO A 141 -36.72 -1.52 -10.00
N CYS A 142 -36.51 -0.46 -9.21
CA CYS A 142 -36.61 -0.64 -7.77
C CYS A 142 -37.95 -0.28 -7.16
N ARG A 143 -38.75 0.49 -7.88
CA ARG A 143 -40.06 0.88 -7.42
C ARG A 143 -40.96 -0.35 -7.60
N SER A 144 -41.14 -1.13 -6.54
CA SER A 144 -41.98 -2.36 -6.61
C SER A 144 -42.83 -2.72 -5.40
N GLN A 145 -43.62 -3.79 -5.54
CA GLN A 145 -44.47 -4.27 -4.46
C GLN A 145 -43.60 -4.74 -3.30
N ASP A 146 -42.34 -5.02 -3.61
CA ASP A 146 -41.34 -5.45 -2.64
C ASP A 146 -40.76 -4.17 -2.02
N ILE A 147 -41.27 -3.79 -0.86
CA ILE A 147 -40.82 -2.54 -0.24
C ILE A 147 -40.05 -2.61 1.05
N ASP A 148 -39.97 -1.44 1.68
CA ASP A 148 -39.29 -1.26 2.94
C ASP A 148 -37.80 -1.56 2.84
N ALA A 149 -37.08 -1.23 3.90
CA ALA A 149 -35.65 -1.43 3.97
C ALA A 149 -35.31 -2.90 4.19
N ASP A 150 -36.01 -3.77 3.50
CA ASP A 150 -35.79 -5.19 3.65
C ASP A 150 -35.78 -5.64 2.21
N GLY A 151 -36.59 -4.95 1.43
CA GLY A 151 -36.68 -5.20 0.03
C GLY A 151 -35.93 -4.07 -0.60
N GLN A 152 -36.44 -3.60 -1.73
CA GLN A 152 -35.81 -2.53 -2.48
C GLN A 152 -36.32 -1.16 -2.13
N GLY A 153 -36.68 -0.96 -0.87
CA GLY A 153 -37.19 0.35 -0.48
C GLY A 153 -36.21 1.49 -0.60
N PHE A 154 -34.96 1.24 -0.19
CA PHE A 154 -33.91 2.25 -0.20
C PHE A 154 -32.84 1.94 -1.21
N CYS A 155 -33.25 1.22 -2.24
CA CYS A 155 -32.37 0.78 -3.30
C CYS A 155 -31.58 1.88 -4.02
N GLN A 156 -32.21 3.03 -4.26
CA GLN A 156 -31.53 4.11 -4.97
C GLN A 156 -30.91 3.59 -6.24
N GLY A 157 -31.62 2.70 -6.92
CA GLY A 157 -31.12 2.15 -8.17
C GLY A 157 -30.89 3.32 -9.08
N GLY A 158 -29.87 3.23 -9.92
CA GLY A 158 -29.59 4.33 -10.82
C GLY A 158 -28.38 5.09 -10.33
N PHE A 159 -27.94 4.75 -9.12
CA PHE A 159 -26.76 5.34 -8.46
C PHE A 159 -25.57 5.24 -9.41
N SER A 160 -25.52 4.15 -10.17
CA SER A 160 -24.49 3.87 -11.17
C SER A 160 -25.17 3.07 -12.29
N ILE A 161 -24.85 3.38 -13.54
CA ILE A 161 -25.44 2.65 -14.65
C ILE A 161 -24.47 2.44 -15.81
N ASP A 162 -24.87 1.60 -16.76
CA ASP A 162 -24.07 1.32 -17.95
C ASP A 162 -24.82 0.47 -18.99
N PHE A 163 -24.47 0.63 -20.27
CA PHE A 163 -25.07 -0.14 -21.38
C PHE A 163 -24.11 -1.24 -21.84
N THR A 164 -24.63 -2.45 -22.08
CA THR A 164 -23.77 -3.51 -22.58
C THR A 164 -23.73 -3.35 -24.11
N LYS A 165 -22.76 -4.01 -24.74
CA LYS A 165 -22.56 -3.95 -26.19
C LYS A 165 -23.84 -4.22 -26.97
N ALA A 166 -24.50 -5.32 -26.59
CA ALA A 166 -25.74 -5.74 -27.21
C ALA A 166 -26.92 -5.17 -26.45
N ASP A 167 -27.04 -3.84 -26.44
CA ASP A 167 -28.10 -3.11 -25.75
C ASP A 167 -28.86 -3.77 -24.60
N ARG A 168 -28.31 -3.59 -23.41
CA ARG A 168 -28.87 -4.13 -22.19
C ARG A 168 -28.32 -3.15 -21.17
N VAL A 169 -29.06 -2.89 -20.10
CA VAL A 169 -28.54 -1.93 -19.12
C VAL A 169 -28.15 -2.57 -17.81
N LEU A 170 -26.96 -2.21 -17.34
CA LEU A 170 -26.48 -2.67 -16.05
C LEU A 170 -26.77 -1.44 -15.19
N LEU A 171 -27.57 -1.66 -14.17
CA LEU A 171 -27.95 -0.59 -13.28
C LEU A 171 -27.59 -1.10 -11.91
N GLY A 172 -27.24 -0.18 -11.02
CA GLY A 172 -26.88 -0.57 -9.67
C GLY A 172 -27.63 0.27 -8.69
N GLY A 173 -27.90 -0.32 -7.53
CA GLY A 173 -28.62 0.36 -6.46
C GLY A 173 -28.05 -0.14 -5.15
N PRO A 174 -27.33 0.71 -4.39
CA PRO A 174 -26.73 0.31 -3.13
C PRO A 174 -27.64 -0.10 -1.97
N GLY A 175 -28.70 0.65 -1.70
CA GLY A 175 -29.57 0.34 -0.56
C GLY A 175 -30.55 -0.82 -0.49
N SER A 176 -30.55 -1.67 -1.51
CA SER A 176 -31.45 -2.81 -1.55
C SER A 176 -31.26 -3.68 -0.34
N PHE A 177 -32.40 -4.17 0.16
CA PHE A 177 -32.42 -5.03 1.33
C PHE A 177 -31.90 -4.16 2.44
N TYR A 178 -30.84 -4.56 3.13
CA TYR A 178 -30.36 -3.67 4.17
C TYR A 178 -28.99 -3.12 3.79
N TRP A 179 -28.98 -2.39 2.68
CA TRP A 179 -27.79 -1.78 2.12
C TRP A 179 -26.79 -2.81 1.65
N GLN A 180 -27.32 -3.97 1.29
CA GLN A 180 -26.51 -5.03 0.76
C GLN A 180 -26.08 -4.56 -0.61
N GLY A 181 -27.07 -4.14 -1.39
CA GLY A 181 -26.81 -3.66 -2.73
C GLY A 181 -27.51 -4.50 -3.78
N GLN A 182 -27.53 -4.00 -5.00
CA GLN A 182 -28.18 -4.74 -6.05
C GLN A 182 -27.80 -4.29 -7.45
N LEU A 183 -27.67 -5.28 -8.34
CA LEU A 183 -27.39 -5.05 -9.76
C LEU A 183 -28.58 -5.61 -10.55
N ILE A 184 -29.16 -4.81 -11.44
CA ILE A 184 -30.30 -5.24 -12.25
C ILE A 184 -30.12 -4.91 -13.73
N SER A 185 -29.96 -5.95 -14.54
CA SER A 185 -29.79 -5.72 -15.96
C SER A 185 -31.03 -6.11 -16.74
N ASP A 186 -31.57 -5.14 -17.47
CA ASP A 186 -32.74 -5.33 -18.29
C ASP A 186 -32.36 -4.98 -19.72
N GLN A 187 -32.87 -5.72 -20.69
CA GLN A 187 -32.57 -5.40 -22.08
C GLN A 187 -33.36 -4.15 -22.44
N VAL A 188 -32.82 -3.34 -23.32
CA VAL A 188 -33.43 -2.08 -23.70
C VAL A 188 -34.84 -2.07 -24.24
N ALA A 189 -35.05 -2.70 -25.39
CA ALA A 189 -36.37 -2.70 -26.02
C ALA A 189 -37.47 -3.24 -25.11
N GLU A 190 -37.08 -4.03 -24.12
CA GLU A 190 -37.99 -4.58 -23.15
C GLU A 190 -38.47 -3.41 -22.29
N ILE A 191 -37.50 -2.60 -21.87
CA ILE A 191 -37.72 -1.42 -21.05
C ILE A 191 -38.60 -0.42 -21.77
N VAL A 192 -38.52 -0.41 -23.09
CA VAL A 192 -39.31 0.50 -23.89
C VAL A 192 -40.64 -0.14 -24.17
N SER A 193 -40.63 -1.38 -24.64
CA SER A 193 -41.85 -2.11 -25.00
C SER A 193 -42.83 -2.38 -23.86
N LYS A 194 -42.31 -2.58 -22.65
CA LYS A 194 -43.15 -2.84 -21.50
C LYS A 194 -43.55 -1.58 -20.73
N TYR A 195 -43.09 -0.43 -21.18
CA TYR A 195 -43.46 0.80 -20.48
C TYR A 195 -44.96 0.97 -20.55
N ASP A 196 -45.56 1.28 -19.42
CA ASP A 196 -46.98 1.51 -19.34
C ASP A 196 -47.16 2.58 -18.27
N PRO A 197 -47.38 3.82 -18.69
CA PRO A 197 -47.56 4.96 -17.79
C PRO A 197 -48.60 4.77 -16.69
N ASN A 198 -49.29 3.63 -16.73
CA ASN A 198 -50.31 3.36 -15.74
C ASN A 198 -49.93 2.28 -14.76
N VAL A 199 -48.68 1.84 -14.84
CA VAL A 199 -48.20 0.84 -13.90
C VAL A 199 -47.00 1.46 -13.19
N TYR A 200 -47.04 1.45 -11.87
CA TYR A 200 -45.93 2.02 -11.13
C TYR A 200 -44.87 0.94 -10.86
N SER A 201 -45.24 -0.33 -11.03
CA SER A 201 -44.29 -1.40 -10.78
C SER A 201 -44.32 -2.43 -11.91
N ILE A 202 -43.64 -2.08 -13.00
CA ILE A 202 -43.58 -2.90 -14.21
C ILE A 202 -42.67 -4.12 -14.16
N LYS A 203 -43.19 -5.25 -14.64
CA LYS A 203 -42.44 -6.51 -14.68
C LYS A 203 -41.83 -6.72 -16.05
N TYR A 204 -40.50 -6.82 -16.08
CA TYR A 204 -39.77 -7.02 -17.33
C TYR A 204 -39.42 -8.50 -17.48
N ASN A 205 -39.62 -9.03 -18.69
CA ASN A 205 -39.38 -10.46 -18.97
C ASN A 205 -37.99 -10.99 -18.67
N ASN A 206 -37.06 -10.75 -19.59
CA ASN A 206 -35.68 -11.23 -19.45
C ASN A 206 -34.85 -10.31 -18.57
N GLN A 207 -35.28 -10.13 -17.33
CA GLN A 207 -34.57 -9.29 -16.38
C GLN A 207 -33.62 -10.10 -15.52
N LEU A 208 -32.39 -9.60 -15.42
CA LEU A 208 -31.36 -10.22 -14.61
C LEU A 208 -31.25 -9.32 -13.38
N ALA A 209 -31.19 -9.94 -12.21
CA ALA A 209 -31.10 -9.19 -10.97
C ALA A 209 -30.45 -10.00 -9.84
N THR A 210 -29.80 -9.29 -8.91
CA THR A 210 -29.15 -9.94 -7.78
C THR A 210 -30.01 -9.82 -6.53
N ARG A 211 -30.59 -10.95 -6.15
CA ARG A 211 -31.47 -11.12 -5.01
C ARG A 211 -30.86 -10.83 -3.63
N THR A 212 -31.71 -10.81 -2.62
CA THR A 212 -31.28 -10.56 -1.26
C THR A 212 -30.36 -11.69 -0.78
N ALA A 213 -29.47 -11.37 0.14
CA ALA A 213 -28.54 -12.35 0.68
C ALA A 213 -28.59 -12.39 2.20
N GLN A 214 -27.71 -13.19 2.80
CA GLN A 214 -27.63 -13.35 4.25
C GLN A 214 -27.29 -12.05 4.98
N ALA A 215 -27.92 -11.85 6.15
CA ALA A 215 -27.77 -10.67 6.99
C ALA A 215 -26.37 -10.10 7.17
N ILE A 216 -25.37 -10.98 7.28
CA ILE A 216 -23.98 -10.60 7.46
C ILE A 216 -23.48 -9.79 6.25
N PHE A 217 -24.26 -9.79 5.17
CA PHE A 217 -23.90 -9.04 3.95
C PHE A 217 -24.57 -7.70 3.88
N ASP A 218 -25.14 -7.23 4.98
CA ASP A 218 -25.81 -5.93 4.98
C ASP A 218 -24.80 -4.82 4.93
N ASP A 219 -25.24 -3.63 4.52
CA ASP A 219 -24.39 -2.45 4.42
C ASP A 219 -23.11 -2.62 3.62
N SER A 220 -23.18 -3.47 2.60
CA SER A 220 -22.03 -3.72 1.76
C SER A 220 -22.02 -2.73 0.58
N TYR A 221 -23.17 -2.17 0.26
CA TYR A 221 -23.30 -1.19 -0.83
C TYR A 221 -22.98 -1.68 -2.22
N LEU A 222 -23.39 -2.90 -2.59
CA LEU A 222 -23.13 -3.38 -3.96
C LEU A 222 -23.85 -2.44 -4.95
N GLY A 223 -23.16 -2.07 -6.02
CA GLY A 223 -23.76 -1.17 -6.98
C GLY A 223 -23.37 0.30 -6.79
N TYR A 224 -22.30 0.55 -6.04
CA TYR A 224 -21.82 1.91 -5.82
C TYR A 224 -21.23 2.30 -7.18
N SER A 225 -20.52 1.34 -7.78
CA SER A 225 -19.85 1.53 -9.06
C SER A 225 -20.13 0.38 -10.01
N VAL A 226 -20.23 0.75 -11.29
CA VAL A 226 -20.53 -0.18 -12.37
C VAL A 226 -19.70 0.02 -13.63
N ALA A 227 -19.21 -1.10 -14.15
CA ALA A 227 -18.43 -1.15 -15.37
C ALA A 227 -18.73 -2.51 -15.97
N VAL A 228 -18.50 -2.67 -17.26
CA VAL A 228 -18.85 -3.93 -17.90
C VAL A 228 -17.98 -4.38 -19.08
N GLY A 229 -17.63 -5.67 -19.10
CA GLY A 229 -16.81 -6.24 -20.17
C GLY A 229 -16.91 -7.76 -20.21
N ASP A 230 -16.25 -8.39 -21.19
CA ASP A 230 -16.28 -9.85 -21.33
C ASP A 230 -15.25 -10.59 -20.45
N PHE A 231 -15.71 -11.30 -19.42
CA PHE A 231 -14.81 -12.04 -18.53
C PHE A 231 -14.93 -13.55 -18.56
N ASN A 232 -16.15 -14.02 -18.81
CA ASN A 232 -16.44 -15.44 -18.93
C ASN A 232 -15.77 -15.81 -20.25
N GLY A 233 -15.74 -17.11 -20.55
CA GLY A 233 -15.13 -17.58 -21.79
C GLY A 233 -15.39 -16.62 -22.94
N ASP A 234 -16.67 -16.45 -23.30
CA ASP A 234 -17.00 -15.54 -24.39
C ASP A 234 -18.44 -15.04 -24.39
N GLY A 235 -18.76 -14.36 -25.47
CA GLY A 235 -20.08 -13.81 -25.64
C GLY A 235 -20.00 -12.31 -25.55
N ILE A 236 -21.01 -11.75 -24.89
CA ILE A 236 -21.14 -10.32 -24.72
C ILE A 236 -20.36 -9.74 -23.54
N ASP A 237 -21.08 -8.94 -22.76
CA ASP A 237 -20.54 -8.29 -21.60
C ASP A 237 -21.02 -8.97 -20.33
N ASP A 238 -20.18 -8.88 -19.32
CA ASP A 238 -20.44 -9.44 -18.02
C ASP A 238 -20.45 -8.29 -17.07
N PHE A 239 -21.21 -8.42 -15.99
CA PHE A 239 -21.34 -7.35 -15.02
C PHE A 239 -20.23 -7.26 -14.01
N VAL A 240 -19.63 -6.06 -13.94
CA VAL A 240 -18.55 -5.77 -13.01
C VAL A 240 -18.99 -4.62 -12.11
N SER A 241 -18.89 -4.83 -10.79
CA SER A 241 -19.33 -3.82 -9.83
C SER A 241 -18.54 -3.75 -8.54
N GLY A 242 -18.33 -2.53 -8.03
CA GLY A 242 -17.61 -2.33 -6.79
C GLY A 242 -18.51 -2.32 -5.57
N VAL A 243 -18.12 -3.07 -4.53
CA VAL A 243 -18.86 -3.17 -3.26
C VAL A 243 -17.90 -2.64 -2.18
N PRO A 244 -17.77 -1.29 -2.07
CA PRO A 244 -16.90 -0.57 -1.14
C PRO A 244 -16.92 -0.93 0.33
N ARG A 245 -18.06 -1.43 0.81
CA ARG A 245 -18.17 -1.80 2.21
C ARG A 245 -18.26 -3.30 2.44
N ALA A 246 -17.86 -4.08 1.45
CA ALA A 246 -17.88 -5.53 1.57
C ALA A 246 -16.80 -5.92 2.56
N ALA A 247 -16.78 -7.21 2.92
CA ALA A 247 -15.82 -7.79 3.88
C ALA A 247 -15.37 -6.81 4.92
N ARG A 248 -16.30 -6.46 5.81
CA ARG A 248 -16.04 -5.50 6.88
C ARG A 248 -15.13 -4.31 6.53
N THR A 249 -15.64 -3.44 5.68
CA THR A 249 -15.00 -2.23 5.18
C THR A 249 -13.71 -2.36 4.38
N LEU A 250 -13.35 -3.60 4.05
CA LEU A 250 -12.18 -3.86 3.23
C LEU A 250 -12.49 -3.49 1.77
N GLY A 251 -13.69 -3.86 1.33
CA GLY A 251 -14.10 -3.57 -0.02
C GLY A 251 -13.95 -4.81 -0.86
N MET A 252 -14.68 -4.86 -1.97
CA MET A 252 -14.63 -5.99 -2.88
C MET A 252 -15.17 -5.55 -4.22
N VAL A 253 -14.85 -6.29 -5.27
CA VAL A 253 -15.40 -5.97 -6.59
C VAL A 253 -15.91 -7.26 -7.22
N TYR A 254 -17.23 -7.37 -7.31
CA TYR A 254 -17.93 -8.53 -7.85
C TYR A 254 -18.07 -8.51 -9.35
N ILE A 255 -17.81 -9.66 -9.97
CA ILE A 255 -17.96 -9.78 -11.42
C ILE A 255 -18.98 -10.87 -11.69
N TYR A 256 -20.01 -10.52 -12.44
CA TYR A 256 -21.10 -11.44 -12.79
C TYR A 256 -21.24 -11.77 -14.26
N ASP A 257 -22.11 -12.74 -14.51
CA ASP A 257 -22.42 -13.25 -15.83
C ASP A 257 -23.41 -12.32 -16.53
N GLY A 258 -23.21 -12.12 -17.83
CA GLY A 258 -24.10 -11.28 -18.61
C GLY A 258 -25.32 -12.06 -19.09
N LYS A 259 -25.35 -13.37 -18.78
CA LYS A 259 -26.44 -14.26 -19.16
C LYS A 259 -27.20 -14.69 -17.92
N ASN A 260 -26.54 -15.49 -17.09
CA ASN A 260 -27.10 -16.03 -15.85
C ASN A 260 -27.24 -14.99 -14.75
N MET A 261 -26.30 -14.04 -14.69
CA MET A 261 -26.21 -13.02 -13.65
C MET A 261 -25.64 -13.75 -12.40
N SER A 262 -24.85 -14.78 -12.68
CA SER A 262 -24.21 -15.60 -11.67
C SER A 262 -22.83 -15.03 -11.43
N SER A 263 -22.22 -15.36 -10.29
CA SER A 263 -20.90 -14.80 -9.95
C SER A 263 -19.70 -15.42 -10.69
N LEU A 264 -18.91 -14.58 -11.33
CA LEU A 264 -17.72 -15.00 -12.06
C LEU A 264 -16.50 -14.90 -11.14
N TYR A 265 -16.06 -13.67 -10.87
CA TYR A 265 -14.91 -13.46 -10.00
C TYR A 265 -15.14 -12.42 -8.90
N ASN A 266 -14.18 -12.34 -7.98
CA ASN A 266 -14.23 -11.41 -6.86
C ASN A 266 -12.84 -10.81 -6.62
N PHE A 267 -12.83 -9.61 -6.08
CA PHE A 267 -11.61 -8.91 -5.74
C PHE A 267 -11.83 -8.37 -4.36
N THR A 268 -10.78 -8.29 -3.56
CA THR A 268 -10.95 -7.76 -2.22
C THR A 268 -9.92 -6.69 -1.95
N GLY A 269 -10.30 -5.72 -1.14
CA GLY A 269 -9.36 -4.66 -0.81
C GLY A 269 -8.30 -5.31 0.05
N GLU A 270 -7.28 -4.53 0.40
CA GLU A 270 -6.21 -5.04 1.25
C GLU A 270 -6.23 -4.26 2.57
N GLN A 271 -6.77 -3.05 2.55
CA GLN A 271 -6.86 -2.17 3.70
C GLN A 271 -8.28 -1.67 3.92
N MET A 272 -8.74 -1.67 5.17
CA MET A 272 -10.10 -1.22 5.50
C MET A 272 -10.30 0.28 5.31
N ALA A 273 -11.57 0.66 5.25
CA ALA A 273 -11.97 2.05 5.10
C ALA A 273 -11.32 2.78 3.93
N ALA A 274 -10.64 2.01 3.08
CA ALA A 274 -9.94 2.56 1.90
C ALA A 274 -10.86 2.81 0.70
N TYR A 275 -12.03 2.19 0.71
CA TYR A 275 -13.02 2.31 -0.35
C TYR A 275 -12.68 1.67 -1.68
N PHE A 276 -12.24 0.42 -1.60
CA PHE A 276 -11.90 -0.39 -2.75
C PHE A 276 -13.20 -0.61 -3.48
N GLY A 277 -13.39 0.04 -4.62
CA GLY A 277 -14.62 -0.13 -5.36
C GLY A 277 -15.42 1.14 -5.61
N PHE A 278 -14.96 2.26 -5.06
CA PHE A 278 -15.64 3.55 -5.24
C PHE A 278 -15.73 3.78 -6.73
N SER A 279 -14.72 3.28 -7.44
CA SER A 279 -14.66 3.42 -8.86
C SER A 279 -14.11 2.18 -9.50
N VAL A 280 -14.81 1.70 -10.52
CA VAL A 280 -14.38 0.52 -11.29
C VAL A 280 -14.48 0.90 -12.77
N ALA A 281 -13.75 0.16 -13.61
CA ALA A 281 -13.71 0.41 -15.04
C ALA A 281 -12.96 -0.72 -15.70
N ALA A 282 -13.56 -1.31 -16.73
CA ALA A 282 -12.93 -2.42 -17.47
C ALA A 282 -12.47 -1.89 -18.82
N THR A 283 -11.30 -2.32 -19.28
CA THR A 283 -10.77 -1.87 -20.56
C THR A 283 -9.63 -2.78 -20.97
N ASP A 284 -9.35 -2.90 -22.27
CA ASP A 284 -8.22 -3.72 -22.68
C ASP A 284 -7.05 -2.79 -22.89
N ILE A 285 -6.21 -2.77 -21.87
CA ILE A 285 -5.05 -1.91 -21.81
C ILE A 285 -3.77 -2.41 -22.51
N ASN A 286 -3.74 -3.68 -22.91
CA ASN A 286 -2.55 -4.23 -23.56
C ASN A 286 -2.73 -4.91 -24.93
N GLY A 287 -3.68 -4.42 -25.73
CA GLY A 287 -3.91 -4.98 -27.07
C GLY A 287 -3.96 -6.48 -27.31
N ASP A 288 -4.29 -7.28 -26.30
CA ASP A 288 -4.38 -8.73 -26.46
C ASP A 288 -5.84 -9.15 -26.63
N ASP A 289 -6.69 -8.15 -26.56
CA ASP A 289 -8.13 -8.28 -26.70
C ASP A 289 -8.78 -9.05 -25.56
N TYR A 290 -8.50 -8.59 -24.34
CA TYR A 290 -9.03 -9.14 -23.10
C TYR A 290 -9.23 -7.95 -22.18
N ALA A 291 -10.42 -7.85 -21.59
CA ALA A 291 -10.68 -6.74 -20.71
C ALA A 291 -9.84 -6.82 -19.43
N ASP A 292 -9.38 -5.65 -18.99
CA ASP A 292 -8.57 -5.53 -17.79
C ASP A 292 -9.35 -4.74 -16.77
N VAL A 293 -9.41 -5.27 -15.54
CA VAL A 293 -10.15 -4.63 -14.45
C VAL A 293 -9.32 -3.59 -13.70
N PHE A 294 -9.98 -2.50 -13.37
CA PHE A 294 -9.35 -1.40 -12.66
C PHE A 294 -10.23 -0.93 -11.52
N ILE A 295 -9.86 -1.23 -10.27
CA ILE A 295 -10.65 -0.80 -9.10
C ILE A 295 -10.02 0.45 -8.46
N GLY A 296 -10.83 1.25 -7.77
CA GLY A 296 -10.30 2.45 -7.15
C GLY A 296 -10.53 2.55 -5.66
N ALA A 297 -9.47 2.87 -4.93
CA ALA A 297 -9.49 3.03 -3.47
C ALA A 297 -8.87 4.40 -3.21
N PRO A 298 -9.67 5.47 -3.35
CA PRO A 298 -9.20 6.83 -3.15
C PRO A 298 -8.81 7.23 -1.71
N LEU A 299 -8.96 6.30 -0.78
CA LEU A 299 -8.60 6.57 0.61
C LEU A 299 -7.54 5.60 1.16
N PHE A 300 -6.84 4.91 0.25
CA PHE A 300 -5.82 3.93 0.62
C PHE A 300 -4.64 4.60 1.29
N MET A 301 -4.05 3.90 2.24
CA MET A 301 -2.93 4.44 2.96
C MET A 301 -1.70 3.59 2.74
N ASP A 302 -0.73 4.18 2.05
CA ASP A 302 0.54 3.51 1.78
C ASP A 302 1.49 4.11 2.78
N ARG A 303 2.69 3.57 2.85
CA ARG A 303 3.67 4.10 3.79
C ARG A 303 4.59 5.08 3.10
N GLY A 304 4.70 6.29 3.64
CA GLY A 304 5.59 7.28 3.05
C GLY A 304 7.03 6.86 3.24
N SER A 305 7.97 7.69 2.80
CA SER A 305 9.38 7.36 2.95
C SER A 305 9.74 7.00 4.38
N ASP A 306 9.19 7.80 5.30
CA ASP A 306 9.41 7.64 6.73
C ASP A 306 8.65 6.46 7.31
N GLY A 307 7.94 5.73 6.44
CA GLY A 307 7.20 4.56 6.87
C GLY A 307 5.98 4.78 7.71
N LYS A 308 5.47 6.02 7.70
CA LYS A 308 4.29 6.44 8.44
C LYS A 308 3.12 6.45 7.45
N LEU A 309 2.02 5.78 7.80
CA LEU A 309 0.81 5.69 6.95
C LEU A 309 0.40 7.02 6.33
N GLN A 310 0.02 6.98 5.06
CA GLN A 310 -0.39 8.16 4.27
C GLN A 310 -1.65 7.85 3.48
N GLU A 311 -2.65 8.72 3.56
CA GLU A 311 -3.86 8.52 2.79
C GLU A 311 -3.62 9.22 1.44
N VAL A 312 -3.20 8.47 0.43
CA VAL A 312 -2.94 9.03 -0.91
C VAL A 312 -3.75 8.43 -2.08
N GLY A 313 -4.40 7.30 -1.85
CA GLY A 313 -5.20 6.66 -2.89
C GLY A 313 -4.49 5.55 -3.67
N GLN A 314 -5.24 4.57 -4.13
CA GLN A 314 -4.64 3.46 -4.88
C GLN A 314 -5.55 2.76 -5.89
N VAL A 315 -5.01 2.50 -7.07
CA VAL A 315 -5.76 1.83 -8.13
C VAL A 315 -5.19 0.43 -8.42
N SER A 316 -6.09 -0.56 -8.42
CA SER A 316 -5.71 -1.95 -8.69
C SER A 316 -5.96 -2.36 -10.14
N VAL A 317 -4.86 -2.51 -10.88
CA VAL A 317 -4.84 -2.89 -12.29
C VAL A 317 -4.71 -4.40 -12.51
N SER A 318 -5.84 -5.08 -12.69
CA SER A 318 -5.87 -6.54 -12.89
C SER A 318 -5.93 -6.95 -14.37
N LEU A 319 -4.79 -7.35 -14.91
CA LEU A 319 -4.69 -7.78 -16.32
C LEU A 319 -5.27 -9.19 -16.51
N GLN A 320 -6.27 -9.31 -17.38
CA GLN A 320 -6.89 -10.61 -17.64
C GLN A 320 -6.00 -11.52 -18.49
N ARG A 321 -5.64 -12.65 -17.91
CA ARG A 321 -4.78 -13.62 -18.59
C ARG A 321 -5.67 -14.56 -19.38
N ALA A 322 -5.04 -15.42 -20.18
CA ALA A 322 -5.75 -16.41 -21.00
C ALA A 322 -6.58 -17.40 -20.18
N SER A 323 -5.94 -18.02 -19.20
CA SER A 323 -6.54 -19.03 -18.31
C SER A 323 -7.87 -18.69 -17.62
N GLY A 324 -8.25 -17.41 -17.61
CA GLY A 324 -9.48 -17.00 -16.96
C GLY A 324 -9.19 -16.15 -15.73
N ASP A 325 -8.06 -16.44 -15.08
CA ASP A 325 -7.62 -15.70 -13.89
C ASP A 325 -6.87 -14.40 -14.25
N PHE A 326 -6.48 -13.64 -13.23
CA PHE A 326 -5.82 -12.37 -13.46
C PHE A 326 -4.40 -12.23 -12.93
N GLN A 327 -3.78 -11.12 -13.34
CA GLN A 327 -2.43 -10.73 -12.96
C GLN A 327 -2.53 -9.25 -12.53
N THR A 328 -2.63 -9.03 -11.22
CA THR A 328 -2.80 -7.68 -10.68
C THR A 328 -1.57 -7.01 -10.13
N THR A 329 -1.61 -5.68 -10.14
CA THR A 329 -0.54 -4.84 -9.65
C THR A 329 -1.24 -3.69 -8.91
N LYS A 330 -0.47 -2.76 -8.33
CA LYS A 330 -1.05 -1.62 -7.64
C LYS A 330 -0.47 -0.37 -8.27
N LEU A 331 -0.90 0.78 -7.78
CA LEU A 331 -0.45 2.06 -8.30
C LEU A 331 -1.02 3.14 -7.37
N ASN A 332 -0.14 3.71 -6.55
CA ASN A 332 -0.54 4.70 -5.57
C ASN A 332 -0.55 6.12 -6.08
N GLY A 333 -1.13 7.00 -5.26
CA GLY A 333 -1.23 8.41 -5.58
C GLY A 333 0.06 9.12 -5.28
N PHE A 334 0.08 10.44 -5.46
CA PHE A 334 1.29 11.23 -5.24
C PHE A 334 1.16 12.25 -4.12
N GLU A 335 -0.03 12.84 -3.98
CA GLU A 335 -0.28 13.79 -2.90
C GLU A 335 -1.28 13.17 -1.92
N VAL A 336 -1.24 13.60 -0.66
CA VAL A 336 -2.17 13.06 0.33
C VAL A 336 -3.50 13.82 0.31
N PHE A 337 -4.59 13.07 0.46
CA PHE A 337 -5.96 13.63 0.47
C PHE A 337 -6.40 14.04 -0.92
N ALA A 338 -5.60 13.66 -1.91
CA ALA A 338 -5.87 13.97 -3.30
C ALA A 338 -6.97 13.06 -3.81
N ARG A 339 -7.06 11.88 -3.20
CA ARG A 339 -8.04 10.85 -3.55
C ARG A 339 -7.83 10.31 -4.95
N PHE A 340 -6.61 9.81 -5.18
CA PHE A 340 -6.17 9.27 -6.44
C PHE A 340 -7.12 8.39 -7.24
N GLY A 341 -7.49 7.23 -6.72
CA GLY A 341 -8.38 6.38 -7.51
C GLY A 341 -9.85 6.80 -7.67
N SER A 342 -10.16 8.06 -7.37
CA SER A 342 -11.53 8.54 -7.44
C SER A 342 -12.33 8.24 -8.70
N ALA A 343 -11.71 8.44 -9.85
CA ALA A 343 -12.39 8.19 -11.11
C ALA A 343 -11.42 7.65 -12.16
N ILE A 344 -11.67 6.42 -12.61
CA ILE A 344 -10.81 5.80 -13.60
C ILE A 344 -11.51 5.80 -14.95
N ALA A 345 -11.21 6.79 -15.79
CA ALA A 345 -11.87 6.86 -17.09
C ALA A 345 -11.04 6.44 -18.30
N PRO A 346 -11.44 5.36 -18.97
CA PRO A 346 -10.79 4.80 -20.17
C PRO A 346 -10.88 5.81 -21.33
N LEU A 347 -9.84 5.89 -22.14
CA LEU A 347 -9.80 6.80 -23.31
C LEU A 347 -9.70 5.87 -24.48
N GLY A 348 -9.57 6.42 -25.67
CA GLY A 348 -9.45 5.51 -26.78
C GLY A 348 -8.06 4.87 -26.76
N ASP A 349 -7.26 5.37 -27.69
CA ASP A 349 -5.87 4.97 -27.91
C ASP A 349 -5.41 6.40 -28.18
N LEU A 350 -5.36 7.17 -27.11
CA LEU A 350 -5.00 8.59 -27.15
C LEU A 350 -3.81 9.05 -28.03
N ASP A 351 -3.09 8.11 -28.62
CA ASP A 351 -1.97 8.46 -29.49
C ASP A 351 -1.92 7.51 -30.69
N GLN A 352 -2.95 6.66 -30.78
CA GLN A 352 -3.09 5.71 -31.86
C GLN A 352 -1.83 4.89 -32.08
N ASP A 353 -1.19 4.49 -30.97
CA ASP A 353 0.02 3.68 -31.05
C ASP A 353 -0.32 2.21 -31.14
N GLY A 354 -1.62 1.91 -31.09
CA GLY A 354 -2.07 0.53 -31.17
C GLY A 354 -2.41 -0.12 -29.84
N PHE A 355 -2.40 0.67 -28.78
CA PHE A 355 -2.69 0.18 -27.44
C PHE A 355 -3.65 1.11 -26.74
N ASN A 356 -4.40 0.62 -25.77
CA ASN A 356 -5.35 1.50 -25.08
C ASN A 356 -4.82 2.35 -23.95
N ASP A 357 -5.56 3.40 -23.63
CA ASP A 357 -5.18 4.31 -22.57
C ASP A 357 -6.25 4.47 -21.52
N ILE A 358 -5.95 5.28 -20.51
CA ILE A 358 -6.88 5.49 -19.41
C ILE A 358 -6.39 6.67 -18.59
N ALA A 359 -7.29 7.26 -17.81
CA ALA A 359 -6.92 8.39 -17.00
C ALA A 359 -7.54 8.25 -15.63
N ILE A 360 -6.69 8.34 -14.61
CA ILE A 360 -7.11 8.24 -13.22
C ILE A 360 -7.14 9.63 -12.68
N ALA A 361 -8.06 9.93 -11.78
CA ALA A 361 -8.09 11.29 -11.32
C ALA A 361 -8.10 11.44 -9.83
N ALA A 362 -7.30 12.39 -9.38
CA ALA A 362 -7.20 12.75 -7.99
C ALA A 362 -7.79 14.15 -8.06
N PRO A 363 -9.13 14.26 -7.95
CA PRO A 363 -9.94 15.47 -8.00
C PRO A 363 -9.64 16.50 -6.95
N TYR A 364 -9.10 16.05 -5.83
CA TYR A 364 -8.79 16.97 -4.75
C TYR A 364 -7.30 17.14 -4.65
N GLY A 365 -6.62 16.85 -5.75
CA GLY A 365 -5.18 16.99 -5.78
C GLY A 365 -4.74 18.38 -6.18
N GLY A 366 -3.45 18.51 -6.52
CA GLY A 366 -2.88 19.78 -6.94
C GLY A 366 -2.77 20.88 -5.91
N GLU A 367 -2.29 22.04 -6.37
CA GLU A 367 -2.15 23.21 -5.53
C GLU A 367 -3.56 23.77 -5.46
N ASP A 368 -4.01 24.15 -4.27
CA ASP A 368 -5.37 24.69 -4.08
C ASP A 368 -6.46 23.65 -4.38
N LYS A 369 -6.14 22.37 -4.16
CA LYS A 369 -7.07 21.27 -4.42
C LYS A 369 -7.94 21.49 -5.65
N LYS A 370 -7.33 22.07 -6.69
CA LYS A 370 -8.00 22.33 -7.97
C LYS A 370 -8.30 21.02 -8.72
N GLY A 371 -7.55 19.96 -8.38
CA GLY A 371 -7.70 18.64 -8.99
C GLY A 371 -6.78 18.34 -10.14
N ILE A 372 -6.31 17.09 -10.24
CA ILE A 372 -5.40 16.66 -11.32
C ILE A 372 -5.84 15.37 -12.02
N VAL A 373 -5.73 15.36 -13.35
CA VAL A 373 -6.07 14.18 -14.12
C VAL A 373 -4.77 13.61 -14.68
N TYR A 374 -4.47 12.38 -14.32
CA TYR A 374 -3.25 11.73 -14.79
C TYR A 374 -3.62 10.77 -15.90
N ILE A 375 -2.97 10.91 -17.05
CA ILE A 375 -3.23 10.01 -18.17
C ILE A 375 -2.07 9.04 -18.30
N PHE A 376 -2.38 7.75 -18.31
CA PHE A 376 -1.37 6.71 -18.43
C PHE A 376 -1.49 6.05 -19.80
N ASN A 377 -0.46 5.34 -20.24
CA ASN A 377 -0.49 4.69 -21.55
C ASN A 377 -0.44 3.16 -21.50
N GLY A 378 -0.94 2.52 -22.55
CA GLY A 378 -0.91 1.08 -22.60
C GLY A 378 0.24 0.58 -23.47
N ARG A 379 0.73 -0.61 -23.15
CA ARG A 379 1.83 -1.23 -23.90
C ARG A 379 1.63 -2.73 -23.90
N SER A 380 2.47 -3.44 -24.66
CA SER A 380 2.38 -4.89 -24.78
C SER A 380 2.38 -5.59 -23.42
N THR A 381 3.33 -5.21 -22.60
CA THR A 381 3.54 -5.76 -21.26
C THR A 381 2.43 -5.47 -20.24
N GLY A 382 1.65 -4.42 -20.48
CA GLY A 382 0.59 -4.04 -19.57
C GLY A 382 0.45 -2.53 -19.57
N LEU A 383 0.22 -1.94 -18.40
CA LEU A 383 0.07 -0.49 -18.31
C LEU A 383 1.35 0.19 -17.77
N ASN A 384 1.82 1.21 -18.48
CA ASN A 384 3.01 1.96 -18.04
C ASN A 384 2.63 2.87 -16.87
N ALA A 385 3.15 2.52 -15.68
CA ALA A 385 2.89 3.21 -14.42
C ALA A 385 3.18 4.70 -14.24
N VAL A 386 3.81 5.32 -15.22
CA VAL A 386 4.13 6.73 -15.12
C VAL A 386 3.19 7.66 -15.88
N PRO A 387 2.56 8.59 -15.16
CA PRO A 387 1.64 9.56 -15.75
C PRO A 387 2.28 10.25 -16.96
N SER A 388 1.78 9.95 -18.15
CA SER A 388 2.30 10.54 -19.38
C SER A 388 1.94 11.98 -19.57
N GLN A 389 1.01 12.46 -18.76
CA GLN A 389 0.59 13.85 -18.85
C GLN A 389 -0.32 14.04 -17.67
N ILE A 390 -0.46 15.28 -17.22
CA ILE A 390 -1.33 15.58 -16.10
C ILE A 390 -2.19 16.80 -16.38
N LEU A 391 -3.51 16.60 -16.43
CA LEU A 391 -4.40 17.74 -16.66
C LEU A 391 -4.56 18.38 -15.28
N GLU A 392 -4.55 19.71 -15.24
CA GLU A 392 -4.68 20.42 -13.96
C GLU A 392 -5.85 21.35 -13.91
N GLY A 393 -6.67 21.20 -12.88
CA GLY A 393 -7.81 22.08 -12.73
C GLY A 393 -7.35 23.51 -12.71
N GLN A 394 -8.22 24.43 -13.12
CA GLN A 394 -7.86 25.84 -13.12
C GLN A 394 -9.02 26.72 -12.72
N TRP A 395 -9.72 26.31 -11.67
CA TRP A 395 -10.85 27.08 -11.21
C TRP A 395 -10.75 27.28 -9.72
N ALA A 396 -11.30 28.40 -9.26
CA ALA A 396 -11.27 28.81 -7.86
C ALA A 396 -11.69 27.79 -6.79
N ALA A 397 -12.78 28.12 -6.07
CA ALA A 397 -13.33 27.27 -5.02
C ALA A 397 -14.79 27.65 -4.89
N ARG A 398 -15.04 28.87 -4.44
CA ARG A 398 -16.39 29.42 -4.30
C ARG A 398 -17.37 28.88 -3.23
N SER A 399 -17.05 27.75 -2.59
CA SER A 399 -17.90 27.15 -1.53
C SER A 399 -17.41 25.79 -1.04
N MET A 400 -16.96 24.97 -1.98
CA MET A 400 -16.45 23.63 -1.73
C MET A 400 -15.44 23.36 -2.84
N PRO A 401 -14.65 22.27 -2.74
CA PRO A 401 -13.66 21.96 -3.78
C PRO A 401 -14.24 21.77 -5.19
N PRO A 402 -13.56 22.31 -6.21
CA PRO A 402 -14.01 22.20 -7.61
C PRO A 402 -14.21 20.72 -7.98
N SER A 403 -13.53 19.83 -7.27
CA SER A 403 -13.62 18.40 -7.52
C SER A 403 -13.40 18.11 -9.01
N PHE A 404 -12.44 18.84 -9.59
CA PHE A 404 -12.05 18.70 -10.99
C PHE A 404 -11.55 17.29 -11.18
N GLY A 405 -12.19 16.57 -12.08
CA GLY A 405 -11.80 15.19 -12.32
C GLY A 405 -12.65 14.20 -11.54
N TYR A 406 -13.68 14.67 -10.86
CA TYR A 406 -14.54 13.76 -10.09
C TYR A 406 -15.33 12.87 -11.03
N SER A 407 -15.40 13.29 -12.29
CA SER A 407 -16.12 12.56 -13.31
C SER A 407 -15.47 12.86 -14.62
N MET A 408 -15.44 11.88 -15.50
CA MET A 408 -14.83 12.06 -16.80
C MET A 408 -15.14 10.93 -17.74
N LYS A 409 -15.16 11.26 -19.02
CA LYS A 409 -15.43 10.30 -20.07
C LYS A 409 -14.61 10.62 -21.29
N GLY A 410 -14.08 9.58 -21.90
CA GLY A 410 -13.27 9.74 -23.08
C GLY A 410 -13.23 8.39 -23.76
N ALA A 411 -13.34 8.38 -25.08
CA ALA A 411 -13.32 7.15 -25.86
C ALA A 411 -13.91 7.48 -27.22
N THR A 412 -14.27 8.74 -27.42
CA THR A 412 -14.82 9.18 -28.69
C THR A 412 -14.14 10.45 -29.17
N ASP A 413 -13.77 10.44 -30.44
CA ASP A 413 -13.12 11.56 -31.10
C ASP A 413 -14.22 12.54 -31.49
N ILE A 414 -14.48 13.51 -30.64
CA ILE A 414 -15.54 14.47 -30.91
C ILE A 414 -15.33 15.36 -32.14
N ASP A 415 -14.29 15.06 -32.93
CA ASP A 415 -14.04 15.85 -34.12
C ASP A 415 -13.30 15.19 -35.28
N LYS A 416 -12.72 16.04 -36.11
CA LYS A 416 -11.98 15.63 -37.29
C LYS A 416 -10.92 14.58 -36.95
N ASN A 417 -9.76 15.07 -36.49
CA ASN A 417 -8.57 14.27 -36.14
C ASN A 417 -8.83 12.92 -35.53
N GLY A 418 -8.32 11.87 -36.17
CA GLY A 418 -8.53 10.50 -35.69
C GLY A 418 -8.00 10.14 -34.31
N TYR A 419 -8.31 10.98 -33.32
CA TYR A 419 -7.85 10.77 -31.97
C TYR A 419 -8.97 11.02 -30.96
N PRO A 420 -9.13 10.12 -29.98
CA PRO A 420 -10.16 10.18 -28.93
C PRO A 420 -9.97 11.38 -28.04
N ASP A 421 -11.07 11.96 -27.59
CA ASP A 421 -10.99 13.11 -26.69
C ASP A 421 -11.42 12.77 -25.26
N LEU A 422 -11.48 13.80 -24.42
CA LEU A 422 -11.85 13.59 -23.03
C LEU A 422 -12.60 14.77 -22.41
N ILE A 423 -13.62 14.45 -21.62
CA ILE A 423 -14.43 15.46 -20.90
C ILE A 423 -14.23 15.24 -19.41
N VAL A 424 -13.65 16.22 -18.74
CA VAL A 424 -13.42 16.13 -17.30
C VAL A 424 -14.46 17.06 -16.69
N GLY A 425 -15.05 16.65 -15.57
CA GLY A 425 -16.07 17.48 -14.96
C GLY A 425 -15.77 17.92 -13.54
N ALA A 426 -15.97 19.21 -13.28
CA ALA A 426 -15.74 19.78 -11.96
C ALA A 426 -17.00 20.41 -11.37
N PHE A 427 -17.76 19.64 -10.59
CA PHE A 427 -18.99 20.18 -10.03
C PHE A 427 -18.87 21.23 -8.92
N GLY A 428 -17.66 21.38 -8.37
CA GLY A 428 -17.44 22.35 -7.31
C GLY A 428 -17.43 23.77 -7.87
N VAL A 429 -17.42 23.88 -9.19
CA VAL A 429 -17.45 25.18 -9.86
C VAL A 429 -18.55 25.22 -10.93
N ASP A 430 -19.15 24.05 -11.20
CA ASP A 430 -20.23 23.86 -12.18
C ASP A 430 -19.73 23.99 -13.62
N ARG A 431 -18.77 23.15 -13.97
CA ARG A 431 -18.16 23.18 -15.29
C ARG A 431 -17.73 21.81 -15.78
N ALA A 432 -17.43 21.75 -17.07
CA ALA A 432 -16.97 20.53 -17.71
C ALA A 432 -16.02 20.94 -18.83
N ILE A 433 -14.88 20.25 -18.91
CA ILE A 433 -13.87 20.57 -19.91
C ILE A 433 -13.62 19.50 -20.95
N LEU A 434 -13.68 19.91 -22.20
CA LEU A 434 -13.44 18.98 -23.28
C LEU A 434 -12.01 19.24 -23.70
N TYR A 435 -11.18 18.22 -23.61
CA TYR A 435 -9.79 18.32 -24.01
C TYR A 435 -9.62 17.50 -25.26
N ARG A 436 -9.19 18.14 -26.35
CA ARG A 436 -9.01 17.41 -27.62
C ARG A 436 -7.64 16.75 -27.80
N ALA A 437 -7.62 15.52 -28.29
CA ALA A 437 -6.36 14.84 -28.52
C ALA A 437 -5.67 15.45 -29.72
N ARG A 438 -4.35 15.63 -29.61
CA ARG A 438 -3.53 16.20 -30.68
C ARG A 438 -2.90 15.10 -31.50
N PRO A 439 -2.71 15.34 -32.81
CA PRO A 439 -2.12 14.44 -33.80
C PRO A 439 -0.63 14.18 -33.58
N VAL A 440 -0.25 12.92 -33.48
CA VAL A 440 1.13 12.53 -33.22
C VAL A 440 1.97 12.15 -34.44
N ILE A 441 3.02 12.93 -34.75
CA ILE A 441 3.92 12.62 -35.87
C ILE A 441 5.23 12.01 -35.40
N THR A 442 5.61 10.88 -36.00
CA THR A 442 6.89 10.26 -35.67
C THR A 442 7.82 10.58 -36.83
N VAL A 443 8.87 11.34 -36.54
CA VAL A 443 9.82 11.77 -37.56
C VAL A 443 11.21 11.16 -37.40
N ASN A 444 11.82 10.78 -38.52
CA ASN A 444 13.16 10.18 -38.53
C ASN A 444 14.28 11.12 -38.96
N ALA A 445 15.34 11.14 -38.18
CA ALA A 445 16.49 11.99 -38.45
C ALA A 445 17.50 11.26 -39.34
N GLY A 446 18.33 12.05 -40.01
CA GLY A 446 19.35 11.50 -40.87
C GLY A 446 20.55 12.43 -40.88
N LEU A 447 21.74 11.88 -40.73
CA LEU A 447 22.95 12.68 -40.72
C LEU A 447 24.15 11.81 -40.92
N GLU A 448 24.86 12.07 -42.01
CA GLU A 448 26.08 11.34 -42.35
C GLU A 448 26.96 12.29 -43.16
N VAL A 449 28.24 12.35 -42.81
CA VAL A 449 29.20 13.19 -43.50
C VAL A 449 29.99 12.32 -44.48
N TYR A 450 30.16 12.79 -45.72
CA TYR A 450 30.88 12.03 -46.74
C TYR A 450 32.25 11.58 -46.24
N PRO A 451 33.23 12.49 -46.16
CA PRO A 451 34.49 11.91 -45.64
C PRO A 451 34.28 11.79 -44.13
N SER A 452 34.58 10.64 -43.53
CA SER A 452 34.40 10.50 -42.09
C SER A 452 35.71 10.83 -41.44
N ILE A 453 36.75 10.36 -42.12
CA ILE A 453 38.13 10.53 -41.73
C ILE A 453 38.71 11.63 -42.60
N LEU A 454 38.62 12.87 -42.11
CA LEU A 454 39.12 14.05 -42.81
C LEU A 454 40.64 14.05 -42.96
N ASN A 455 41.13 14.57 -44.07
CA ASN A 455 42.57 14.61 -44.33
C ASN A 455 43.22 15.99 -44.33
N GLN A 456 43.95 16.25 -43.25
CA GLN A 456 44.70 17.48 -43.01
C GLN A 456 45.33 18.09 -44.26
N ASP A 457 46.20 17.30 -44.88
CA ASP A 457 46.95 17.70 -46.06
C ASP A 457 46.25 17.44 -47.40
N ASN A 458 44.94 17.20 -47.38
CA ASN A 458 44.23 16.99 -48.62
C ASN A 458 43.49 18.25 -49.05
N LYS A 459 43.95 18.78 -50.17
CA LYS A 459 43.48 20.02 -50.80
C LYS A 459 42.14 20.01 -51.58
N THR A 460 41.29 19.00 -51.46
CA THR A 460 40.15 19.02 -52.36
C THR A 460 39.23 20.19 -52.75
N CYS A 461 38.97 21.16 -51.90
CA CYS A 461 38.07 22.22 -52.36
C CYS A 461 38.44 23.69 -52.19
N SER A 462 38.00 24.50 -53.16
CA SER A 462 38.26 25.92 -53.18
C SER A 462 37.53 26.77 -52.15
N LEU A 463 38.32 27.42 -51.31
CA LEU A 463 37.79 28.28 -50.27
C LEU A 463 37.12 29.49 -50.92
N PRO A 464 35.96 29.90 -50.39
CA PRO A 464 35.18 31.05 -50.87
C PRO A 464 35.94 32.37 -50.94
N GLY A 465 36.29 32.92 -49.77
CA GLY A 465 37.02 34.17 -49.72
C GLY A 465 38.21 34.26 -50.67
N THR A 466 39.14 33.31 -50.53
CA THR A 466 40.34 33.26 -51.39
C THR A 466 40.39 31.86 -51.98
N ALA A 467 40.66 31.75 -53.28
CA ALA A 467 40.71 30.45 -53.94
C ALA A 467 41.89 29.57 -53.48
N LEU A 468 41.65 28.83 -52.40
CA LEU A 468 42.63 27.94 -51.79
C LEU A 468 42.03 26.54 -51.73
N LYS A 469 42.89 25.54 -51.64
CA LYS A 469 42.44 24.17 -51.59
C LYS A 469 42.52 23.63 -50.14
N VAL A 470 41.43 23.77 -49.40
CA VAL A 470 41.38 23.30 -48.01
C VAL A 470 40.80 21.89 -47.86
N SER A 471 41.17 21.19 -46.78
CA SER A 471 40.69 19.82 -46.52
C SER A 471 39.17 19.77 -46.49
N CYS A 472 38.61 19.25 -47.57
CA CYS A 472 37.16 19.19 -47.77
C CYS A 472 36.41 17.97 -47.28
N PHE A 473 35.20 18.21 -46.80
CA PHE A 473 34.29 17.17 -46.36
C PHE A 473 32.86 17.69 -46.46
N ASN A 474 31.94 16.82 -46.85
CA ASN A 474 30.56 17.25 -46.99
C ASN A 474 29.62 16.53 -46.05
N VAL A 475 28.57 17.23 -45.65
CA VAL A 475 27.59 16.71 -44.69
C VAL A 475 26.12 16.86 -45.11
N ARG A 476 25.41 15.74 -45.22
CA ARG A 476 24.00 15.75 -45.59
C ARG A 476 23.11 15.34 -44.41
N PHE A 477 21.91 15.88 -44.41
CA PHE A 477 20.98 15.60 -43.34
C PHE A 477 19.57 15.36 -43.84
N CYS A 478 19.22 14.11 -44.05
CA CYS A 478 17.89 13.75 -44.52
C CYS A 478 16.90 13.75 -43.37
N LEU A 479 15.61 13.77 -43.69
CA LEU A 479 14.57 13.80 -42.66
C LEU A 479 13.18 13.37 -43.15
N LYS A 480 12.71 12.22 -42.65
CA LYS A 480 11.38 11.71 -43.01
C LYS A 480 10.40 11.81 -41.83
N ALA A 481 9.16 12.19 -42.09
CA ALA A 481 8.17 12.30 -41.04
C ALA A 481 6.91 11.55 -41.42
N ASP A 482 6.29 10.92 -40.43
CA ASP A 482 5.08 10.18 -40.70
C ASP A 482 3.98 10.48 -39.70
N GLY A 483 2.80 10.82 -40.22
CA GLY A 483 1.67 11.13 -39.37
C GLY A 483 0.68 9.98 -39.19
N LYS A 484 -0.46 10.27 -38.55
CA LYS A 484 -1.51 9.28 -38.29
C LYS A 484 -2.79 10.07 -37.92
N GLY A 485 -3.75 10.09 -38.83
CA GLY A 485 -4.98 10.84 -38.60
C GLY A 485 -4.99 12.09 -39.48
N VAL A 486 -5.47 13.21 -38.95
CA VAL A 486 -5.56 14.48 -39.71
C VAL A 486 -4.39 15.45 -39.44
N LEU A 487 -3.49 15.65 -40.43
CA LEU A 487 -2.32 16.52 -40.28
C LEU A 487 -1.32 16.66 -41.44
N PRO A 488 -0.94 15.54 -42.07
CA PRO A 488 0.00 15.44 -43.16
C PRO A 488 0.57 16.50 -44.05
N ARG A 489 0.10 16.49 -45.30
CA ARG A 489 0.59 17.30 -46.37
C ARG A 489 1.60 18.46 -46.18
N LYS A 490 1.38 19.42 -45.28
CA LYS A 490 2.41 20.51 -45.05
C LYS A 490 3.39 20.45 -43.83
N LEU A 491 4.44 19.63 -43.91
CA LEU A 491 5.40 19.54 -42.78
C LEU A 491 6.63 20.44 -42.77
N ASN A 492 6.50 21.58 -42.10
CA ASN A 492 7.57 22.58 -41.99
C ASN A 492 8.53 22.32 -40.79
N PHE A 493 9.81 22.18 -41.09
CA PHE A 493 10.80 21.94 -40.04
C PHE A 493 11.83 23.04 -39.83
N GLN A 494 12.70 22.85 -38.84
CA GLN A 494 13.73 23.81 -38.50
C GLN A 494 15.02 23.14 -38.05
N VAL A 495 15.62 22.36 -38.93
CA VAL A 495 16.86 21.65 -38.61
C VAL A 495 18.10 22.58 -38.47
N GLU A 496 19.03 22.18 -37.61
CA GLU A 496 20.24 22.95 -37.32
C GLU A 496 21.48 22.05 -37.18
N LEU A 497 22.56 22.40 -37.89
CA LEU A 497 23.82 21.64 -37.86
C LEU A 497 24.96 22.32 -37.07
N LEU A 498 25.63 21.54 -36.21
CA LEU A 498 26.75 22.03 -35.40
C LEU A 498 28.02 21.22 -35.64
N LEU A 499 29.08 21.93 -36.00
CA LEU A 499 30.38 21.32 -36.30
C LEU A 499 31.35 21.36 -35.13
N ASP A 500 31.93 20.20 -34.82
CA ASP A 500 32.87 20.05 -33.71
C ASP A 500 32.28 20.69 -32.45
N LYS A 501 31.35 19.97 -31.82
CA LYS A 501 30.66 20.46 -30.64
C LYS A 501 31.35 20.13 -29.32
N LEU A 502 32.35 19.25 -29.35
CA LEU A 502 33.07 18.93 -28.13
C LEU A 502 33.77 20.18 -27.61
N LYS A 503 33.83 21.19 -28.48
CA LYS A 503 34.43 22.47 -28.16
C LYS A 503 33.35 23.39 -27.58
N GLN A 504 33.32 23.48 -26.26
CA GLN A 504 32.36 24.31 -25.53
C GLN A 504 32.52 25.81 -25.85
N LYS A 505 32.89 26.58 -24.84
CA LYS A 505 33.09 28.02 -24.99
C LYS A 505 34.52 28.30 -25.48
N GLY A 506 35.37 27.27 -25.43
CA GLY A 506 36.76 27.38 -25.85
C GLY A 506 36.97 27.78 -27.31
N ALA A 507 35.90 27.78 -28.10
CA ALA A 507 35.90 28.17 -29.51
C ALA A 507 36.96 27.58 -30.45
N ILE A 508 37.39 26.35 -30.17
CA ILE A 508 38.37 25.69 -31.03
C ILE A 508 37.59 24.93 -32.10
N ARG A 509 36.50 25.55 -32.57
CA ARG A 509 35.63 24.98 -33.59
C ARG A 509 36.54 24.68 -34.74
N ARG A 510 37.03 23.46 -34.75
CA ARG A 510 37.96 22.99 -35.77
C ARG A 510 37.38 22.89 -37.16
N ALA A 511 36.08 22.61 -37.26
CA ALA A 511 35.42 22.50 -38.56
C ALA A 511 34.55 23.74 -38.80
N LEU A 512 34.47 24.18 -40.05
CA LEU A 512 33.67 25.36 -40.38
C LEU A 512 32.90 25.22 -41.69
N PHE A 513 31.82 25.98 -41.81
CA PHE A 513 31.00 25.94 -43.03
C PHE A 513 31.52 26.87 -44.14
N LEU A 514 31.55 26.31 -45.36
CA LEU A 514 32.04 26.97 -46.58
C LEU A 514 31.58 28.42 -46.81
N TYR A 515 30.48 28.57 -47.55
CA TYR A 515 29.96 29.89 -47.91
C TYR A 515 29.71 30.89 -46.78
N SER A 516 29.92 30.46 -45.55
CA SER A 516 29.76 31.32 -44.39
C SER A 516 30.61 30.69 -43.30
N ARG A 517 31.90 31.00 -43.32
CA ARG A 517 32.86 30.47 -42.37
C ARG A 517 32.31 30.49 -40.95
N SER A 518 31.62 29.40 -40.58
CA SER A 518 31.01 29.28 -39.27
C SER A 518 30.67 27.82 -39.01
N PRO A 519 30.74 27.42 -37.74
CA PRO A 519 30.45 26.05 -37.31
C PRO A 519 28.97 25.91 -36.93
N SER A 520 28.22 27.00 -37.10
CA SER A 520 26.80 27.03 -36.77
C SER A 520 25.94 27.49 -37.93
N HIS A 521 25.47 26.53 -38.74
CA HIS A 521 24.59 26.84 -39.86
C HIS A 521 23.21 26.19 -39.69
N SER A 522 22.17 27.00 -39.92
CA SER A 522 20.78 26.58 -39.80
C SER A 522 20.02 26.61 -41.14
N LYS A 523 18.97 25.80 -41.22
CA LYS A 523 18.15 25.72 -42.43
C LYS A 523 16.67 25.37 -42.17
N ASN A 524 15.82 25.69 -43.14
CA ASN A 524 14.38 25.43 -43.07
C ASN A 524 14.12 24.24 -43.99
N MET A 525 13.03 23.50 -43.76
CA MET A 525 12.72 22.35 -44.61
C MET A 525 11.25 21.92 -44.61
N THR A 526 10.92 20.98 -45.49
CA THR A 526 9.54 20.47 -45.63
C THR A 526 9.49 19.02 -46.17
N ILE A 527 8.31 18.40 -46.05
CA ILE A 527 8.03 17.02 -46.50
C ILE A 527 6.51 16.74 -46.42
N SER A 528 6.14 15.49 -46.14
CA SER A 528 4.72 15.14 -46.01
C SER A 528 4.44 13.66 -45.74
N ARG A 529 4.70 12.83 -46.75
CA ARG A 529 4.44 11.41 -46.64
C ARG A 529 5.26 10.80 -45.51
N GLY A 530 4.89 9.58 -45.13
CA GLY A 530 5.59 8.88 -44.07
C GLY A 530 6.81 8.12 -44.57
N GLY A 531 6.99 8.12 -45.89
CA GLY A 531 8.12 7.45 -46.51
C GLY A 531 8.93 8.45 -47.31
N LEU A 532 8.30 9.58 -47.62
CA LEU A 532 8.93 10.67 -48.38
C LEU A 532 9.99 11.36 -47.52
N MET A 533 11.26 11.26 -47.92
CA MET A 533 12.33 11.89 -47.15
C MET A 533 13.20 12.89 -47.91
N GLN A 534 12.74 14.14 -47.96
CA GLN A 534 13.48 15.20 -48.61
C GLN A 534 14.84 15.31 -47.92
N CYS A 535 15.85 15.73 -48.67
CA CYS A 535 17.18 15.88 -48.12
C CYS A 535 17.87 17.18 -48.50
N GLU A 536 19.09 17.34 -48.00
CA GLU A 536 19.88 18.53 -48.25
C GLU A 536 21.29 18.22 -47.79
N GLU A 537 22.22 19.08 -48.15
CA GLU A 537 23.61 18.87 -47.76
C GLU A 537 24.41 20.16 -47.79
N LEU A 538 25.56 20.13 -47.11
CA LEU A 538 26.43 21.29 -47.03
C LEU A 538 27.89 20.89 -47.19
N ILE A 539 28.72 21.93 -47.32
CA ILE A 539 30.17 21.76 -47.48
C ILE A 539 30.87 22.43 -46.32
N ALA A 540 31.57 21.63 -45.53
CA ALA A 540 32.29 22.13 -44.37
C ALA A 540 33.78 21.83 -44.56
N TYR A 541 34.62 22.77 -44.14
CA TYR A 541 36.05 22.59 -44.27
C TYR A 541 36.72 22.46 -42.90
N LEU A 542 38.01 22.14 -42.95
CA LEU A 542 38.86 21.95 -41.78
C LEU A 542 39.91 23.06 -41.88
N ARG A 543 39.79 24.08 -41.03
CA ARG A 543 40.75 25.18 -41.05
C ARG A 543 42.17 24.66 -41.02
N ASP A 544 43.08 25.43 -41.59
CA ASP A 544 44.48 25.06 -41.67
C ASP A 544 45.10 24.54 -40.37
N GLU A 545 45.78 23.41 -40.48
CA GLU A 545 46.46 22.76 -39.34
C GLU A 545 47.24 23.72 -38.49
N SER A 546 47.77 24.76 -39.12
CA SER A 546 48.57 25.78 -38.47
C SER A 546 47.84 26.66 -37.46
N GLU A 547 46.52 26.59 -37.42
CA GLU A 547 45.77 27.44 -36.49
C GLU A 547 45.07 26.72 -35.34
N PHE A 548 45.41 25.45 -35.13
CA PHE A 548 44.81 24.69 -34.04
C PHE A 548 45.56 23.38 -33.80
N ARG A 549 45.31 22.76 -32.65
CA ARG A 549 45.92 21.49 -32.27
C ARG A 549 44.79 20.58 -31.82
N ASP A 550 45.03 19.26 -31.80
CA ASP A 550 43.98 18.33 -31.39
C ASP A 550 44.40 16.93 -30.97
N LYS A 551 45.27 16.29 -31.76
CA LYS A 551 45.73 14.90 -31.52
C LYS A 551 44.52 13.95 -31.53
N LEU A 552 43.53 14.42 -32.28
CA LEU A 552 42.23 13.81 -32.48
C LEU A 552 41.35 13.63 -31.27
N THR A 553 40.28 14.41 -31.32
CA THR A 553 39.21 14.48 -30.37
C THR A 553 38.18 14.62 -31.47
N PRO A 554 37.45 13.55 -31.77
CA PRO A 554 36.44 13.53 -32.82
C PRO A 554 35.72 14.85 -33.10
N ILE A 555 35.59 15.18 -34.37
CA ILE A 555 34.87 16.39 -34.76
C ILE A 555 33.46 15.86 -34.93
N THR A 556 32.62 16.13 -33.93
CA THR A 556 31.23 15.65 -33.88
C THR A 556 30.24 16.64 -34.47
N ILE A 557 29.48 16.19 -35.46
CA ILE A 557 28.47 17.03 -36.10
C ILE A 557 27.14 16.76 -35.41
N PHE A 558 26.49 17.84 -34.99
CA PHE A 558 25.25 17.74 -34.26
C PHE A 558 24.05 18.28 -34.99
N MET A 559 23.13 17.40 -35.29
CA MET A 559 21.91 17.78 -35.98
C MET A 559 20.71 17.74 -35.06
N GLU A 560 20.13 18.91 -34.85
CA GLU A 560 18.93 19.05 -34.04
C GLU A 560 17.90 19.59 -35.04
N TYR A 561 16.63 19.63 -34.65
CA TYR A 561 15.59 20.14 -35.52
C TYR A 561 14.27 20.33 -34.77
N ARG A 562 13.37 21.09 -35.37
CA ARG A 562 12.10 21.37 -34.73
C ARG A 562 10.95 21.56 -35.73
N LEU A 563 9.73 21.35 -35.24
CA LEU A 563 8.51 21.52 -36.02
C LEU A 563 7.98 22.92 -35.72
N ASP A 564 6.89 23.30 -36.36
CA ASP A 564 6.29 24.62 -36.13
C ASP A 564 4.78 24.48 -35.99
N TYR A 565 4.13 25.52 -35.50
CA TYR A 565 2.67 25.46 -35.41
C TYR A 565 2.09 25.91 -36.75
N ARG A 566 0.77 26.06 -36.84
CA ARG A 566 0.13 26.45 -38.10
C ARG A 566 0.38 25.32 -39.09
N THR A 567 0.12 24.10 -38.63
CA THR A 567 0.31 22.89 -39.43
C THR A 567 -0.92 21.99 -39.44
N ALA A 568 -1.92 22.33 -38.61
CA ALA A 568 -3.14 21.52 -38.53
C ALA A 568 -4.51 22.17 -38.81
N ALA A 569 -5.56 21.40 -38.53
CA ALA A 569 -6.96 21.75 -38.78
C ALA A 569 -7.61 23.03 -38.30
N ASP A 570 -8.47 23.50 -39.19
CA ASP A 570 -9.30 24.71 -39.09
C ASP A 570 -9.82 25.06 -37.67
N THR A 571 -10.54 24.13 -37.05
CA THR A 571 -11.10 24.32 -35.71
C THR A 571 -10.00 24.60 -34.70
N THR A 572 -9.91 25.87 -34.29
CA THR A 572 -8.93 26.34 -33.32
C THR A 572 -7.50 26.15 -33.77
N GLY A 573 -7.31 25.32 -34.80
CA GLY A 573 -5.97 25.03 -35.27
C GLY A 573 -5.39 24.10 -34.22
N LEU A 574 -5.42 22.80 -34.48
CA LEU A 574 -4.90 21.85 -33.52
C LEU A 574 -3.56 21.25 -33.93
N GLN A 575 -2.49 21.98 -33.60
CA GLN A 575 -1.14 21.55 -33.92
C GLN A 575 -0.77 20.21 -33.34
N PRO A 576 -0.02 19.41 -34.10
CA PRO A 576 0.45 18.07 -33.72
C PRO A 576 1.66 18.08 -32.78
N ILE A 577 2.26 16.91 -32.58
CA ILE A 577 3.44 16.74 -31.74
C ILE A 577 4.19 15.50 -32.15
N LEU A 578 5.50 15.55 -31.96
CA LEU A 578 6.36 14.45 -32.28
C LEU A 578 5.98 13.38 -31.29
N ASN A 579 6.28 12.12 -31.61
CA ASN A 579 5.93 11.06 -30.68
C ASN A 579 6.68 11.26 -29.38
N GLN A 580 6.13 10.67 -28.33
CA GLN A 580 6.66 10.73 -26.98
C GLN A 580 8.18 10.53 -26.93
N PHE A 581 8.61 9.31 -27.21
CA PHE A 581 10.01 9.01 -27.16
C PHE A 581 10.71 9.12 -28.51
N THR A 582 10.85 10.36 -28.97
CA THR A 582 11.54 10.63 -30.22
C THR A 582 12.59 11.67 -29.91
N PRO A 583 13.85 11.32 -30.17
CA PRO A 583 14.99 12.21 -29.94
C PRO A 583 14.98 13.26 -31.05
N ALA A 584 15.17 14.53 -30.71
CA ALA A 584 15.19 15.58 -31.72
C ALA A 584 16.56 15.78 -32.37
N ASN A 585 17.58 15.09 -31.87
CA ASN A 585 18.92 15.23 -32.42
C ASN A 585 19.58 13.93 -32.79
N ILE A 586 20.62 14.07 -33.60
CA ILE A 586 21.43 12.96 -34.01
C ILE A 586 22.81 13.50 -34.28
N SER A 587 23.81 12.79 -33.77
CA SER A 587 25.20 13.18 -33.94
C SER A 587 25.96 12.10 -34.72
N ARG A 588 26.89 12.57 -35.53
CA ARG A 588 27.73 11.73 -36.35
C ARG A 588 29.11 12.39 -36.15
N GLN A 589 30.19 11.64 -36.19
CA GLN A 589 31.50 12.25 -35.96
C GLN A 589 32.66 11.93 -36.90
N ALA A 590 33.43 12.98 -37.18
CA ALA A 590 34.60 12.92 -38.04
C ALA A 590 35.86 12.77 -37.20
N HIS A 591 36.86 12.11 -37.78
CA HIS A 591 38.15 11.87 -37.13
C HIS A 591 39.27 12.27 -38.05
N ILE A 592 40.09 13.22 -37.60
CA ILE A 592 41.24 13.67 -38.38
C ILE A 592 42.21 12.53 -38.63
N LEU A 593 42.70 12.43 -39.85
CA LEU A 593 43.63 11.39 -40.17
C LEU A 593 44.88 11.69 -39.37
N LEU A 594 45.35 10.69 -38.62
CA LEU A 594 46.53 10.85 -37.81
C LEU A 594 46.99 9.48 -37.36
N ASP A 595 48.27 9.24 -37.52
CA ASP A 595 48.87 7.95 -37.15
C ASP A 595 48.28 6.76 -37.89
N CYS A 596 47.66 6.99 -39.04
CA CYS A 596 47.15 5.88 -39.83
C CYS A 596 48.31 5.65 -40.81
N GLY A 597 48.93 6.75 -41.23
CA GLY A 597 50.11 6.69 -42.08
C GLY A 597 50.12 6.47 -43.58
N GLU A 598 51.06 5.61 -44.00
CA GLU A 598 51.28 5.28 -45.41
C GLU A 598 50.32 4.21 -45.89
N ASP A 599 50.05 3.24 -45.02
CA ASP A 599 49.09 2.17 -45.29
C ASP A 599 47.79 2.99 -45.46
N ASN A 600 47.84 4.20 -44.89
CA ASN A 600 46.82 5.24 -44.92
C ASN A 600 45.51 5.06 -44.18
N VAL A 601 45.21 3.83 -43.81
CA VAL A 601 43.99 3.57 -43.09
C VAL A 601 44.26 2.80 -41.83
N CYS A 602 43.75 3.33 -40.73
CA CYS A 602 43.90 2.71 -39.43
C CYS A 602 43.18 1.36 -39.40
N LYS A 603 43.98 0.30 -39.36
CA LYS A 603 43.50 -1.08 -39.31
C LYS A 603 43.93 -1.63 -37.95
N PRO A 604 43.09 -1.44 -36.92
CA PRO A 604 43.37 -1.90 -35.56
C PRO A 604 43.17 -3.39 -35.30
N LYS A 605 43.97 -3.95 -34.40
CA LYS A 605 43.84 -5.36 -34.05
C LYS A 605 43.27 -5.46 -32.63
N LEU A 606 41.96 -5.68 -32.53
CA LEU A 606 41.28 -5.77 -31.25
C LEU A 606 41.19 -7.22 -30.75
N GLU A 607 41.26 -7.40 -29.44
CA GLU A 607 41.17 -8.73 -28.82
C GLU A 607 40.59 -8.69 -27.42
N VAL A 608 39.49 -9.43 -27.22
CA VAL A 608 38.79 -9.48 -25.93
C VAL A 608 39.21 -10.69 -25.12
N SER A 609 39.62 -10.46 -23.88
CA SER A 609 40.04 -11.55 -22.99
C SER A 609 39.28 -11.52 -21.66
N VAL A 610 39.06 -12.69 -21.07
CA VAL A 610 38.34 -12.78 -19.80
C VAL A 610 38.74 -13.99 -18.94
N ASP A 611 38.56 -13.89 -17.62
CA ASP A 611 38.93 -14.97 -16.69
C ASP A 611 37.80 -15.65 -15.88
N SER A 612 38.11 -16.82 -15.31
CA SER A 612 37.17 -17.63 -14.52
C SER A 612 37.18 -17.36 -13.01
N ASP A 613 37.19 -16.09 -12.62
CA ASP A 613 37.19 -15.71 -11.22
C ASP A 613 35.88 -16.15 -10.57
N GLN A 614 35.97 -17.12 -9.66
CA GLN A 614 34.82 -17.70 -8.95
C GLN A 614 33.98 -18.53 -9.91
N LYS A 615 34.55 -19.66 -10.31
CA LYS A 615 33.97 -20.59 -11.26
C LYS A 615 32.52 -21.08 -11.14
N LYS A 616 31.80 -20.72 -10.08
CA LYS A 616 30.41 -21.19 -9.94
C LYS A 616 29.39 -20.28 -9.24
N ILE A 617 28.11 -20.54 -9.49
CA ILE A 617 27.02 -19.77 -8.90
C ILE A 617 25.84 -20.69 -8.55
N TYR A 618 25.54 -20.79 -7.26
CA TYR A 618 24.48 -21.62 -6.72
C TYR A 618 23.04 -21.15 -6.97
N ILE A 619 22.21 -22.11 -7.36
CA ILE A 619 20.81 -21.87 -7.69
C ILE A 619 19.93 -21.34 -6.56
N GLY A 620 19.36 -20.16 -6.80
CA GLY A 620 18.49 -19.53 -5.82
C GLY A 620 18.61 -18.02 -5.80
N ASP A 621 19.37 -17.53 -4.84
CA ASP A 621 19.60 -16.09 -4.63
C ASP A 621 20.29 -15.34 -5.76
N ASP A 622 20.68 -14.11 -5.47
CA ASP A 622 21.37 -13.24 -6.39
C ASP A 622 22.86 -13.38 -6.10
N ASN A 623 23.54 -14.15 -6.93
CA ASN A 623 24.96 -14.38 -6.75
C ASN A 623 25.80 -13.26 -7.33
N PRO A 624 26.71 -12.69 -6.52
CA PRO A 624 27.58 -11.60 -6.97
C PRO A 624 28.60 -12.20 -7.93
N LEU A 625 28.75 -11.57 -9.09
CA LEU A 625 29.66 -12.06 -10.12
C LEU A 625 30.49 -10.95 -10.73
N THR A 626 31.78 -11.23 -10.92
CA THR A 626 32.63 -10.23 -11.52
C THR A 626 33.42 -10.79 -12.68
N LEU A 627 33.38 -10.07 -13.80
CA LEU A 627 34.10 -10.47 -15.00
C LEU A 627 35.33 -9.59 -15.12
N ILE A 628 36.47 -10.23 -15.25
CA ILE A 628 37.73 -9.51 -15.40
C ILE A 628 38.10 -9.44 -16.85
N VAL A 629 37.80 -8.31 -17.47
CA VAL A 629 38.06 -8.08 -18.89
C VAL A 629 39.48 -7.59 -19.25
N LYS A 630 39.82 -7.72 -20.53
CA LYS A 630 41.13 -7.28 -21.04
C LYS A 630 41.02 -6.92 -22.53
N ALA A 631 40.76 -5.64 -22.79
CA ALA A 631 40.61 -5.11 -24.14
C ALA A 631 41.92 -4.55 -24.66
N GLN A 632 42.46 -5.17 -25.72
CA GLN A 632 43.70 -4.70 -26.31
C GLN A 632 43.48 -4.30 -27.75
N ASN A 633 44.38 -3.46 -28.24
CA ASN A 633 44.39 -2.96 -29.61
C ASN A 633 45.84 -3.11 -30.03
N GLN A 634 46.14 -4.09 -30.88
CA GLN A 634 47.53 -4.29 -31.32
C GLN A 634 47.80 -3.79 -32.74
N GLY A 635 46.74 -3.29 -33.38
CA GLY A 635 46.86 -2.74 -34.71
C GLY A 635 46.88 -1.24 -34.58
N GLU A 636 46.32 -0.54 -35.55
CA GLU A 636 46.29 0.91 -35.52
C GLU A 636 45.18 1.46 -34.63
N GLY A 637 44.99 2.76 -34.70
CA GLY A 637 43.97 3.41 -33.88
C GLY A 637 42.55 3.08 -34.26
N ALA A 638 41.83 2.45 -33.33
CA ALA A 638 40.44 2.07 -33.55
C ALA A 638 39.56 3.22 -33.08
N TYR A 639 38.73 3.75 -33.98
CA TYR A 639 37.83 4.86 -33.65
C TYR A 639 36.58 4.32 -32.96
N GLU A 640 36.04 5.09 -32.02
CA GLU A 640 34.83 4.71 -31.28
C GLU A 640 34.84 3.25 -30.81
N ALA A 641 35.92 2.89 -30.13
CA ALA A 641 36.06 1.57 -29.60
C ALA A 641 35.06 1.48 -28.47
N GLU A 642 34.55 0.28 -28.28
CA GLU A 642 33.58 0.04 -27.24
C GLU A 642 33.41 -1.45 -27.05
N LEU A 643 33.45 -1.86 -25.79
CA LEU A 643 33.29 -3.27 -25.43
C LEU A 643 31.81 -3.53 -25.36
N ILE A 644 31.35 -4.61 -25.97
CA ILE A 644 29.92 -4.92 -25.94
C ILE A 644 29.75 -6.23 -25.18
N VAL A 645 29.25 -6.14 -23.95
CA VAL A 645 29.07 -7.34 -23.13
C VAL A 645 27.65 -7.89 -23.16
N SER A 646 27.47 -9.01 -23.86
CA SER A 646 26.18 -9.67 -23.98
C SER A 646 25.88 -10.46 -22.72
N ILE A 647 24.82 -10.07 -22.02
CA ILE A 647 24.42 -10.77 -20.81
C ILE A 647 23.08 -11.47 -21.06
N PRO A 648 22.86 -12.65 -20.45
CA PRO A 648 21.62 -13.41 -20.63
C PRO A 648 20.36 -12.69 -20.13
N LEU A 649 19.43 -13.45 -19.57
CA LEU A 649 18.19 -12.89 -19.03
C LEU A 649 18.23 -12.99 -17.51
N GLN A 650 19.07 -13.90 -17.04
CA GLN A 650 19.24 -14.13 -15.61
C GLN A 650 20.09 -13.04 -14.99
N ALA A 651 21.08 -12.57 -15.75
CA ALA A 651 22.01 -11.54 -15.29
C ALA A 651 21.50 -10.09 -15.23
N ASP A 652 22.32 -9.25 -14.58
CA ASP A 652 22.04 -7.82 -14.42
C ASP A 652 23.35 -7.04 -14.18
N PHE A 653 23.38 -5.78 -14.63
CA PHE A 653 24.58 -4.97 -14.49
C PHE A 653 24.56 -3.98 -13.34
N ILE A 654 25.53 -4.11 -12.45
CA ILE A 654 25.64 -3.23 -11.29
C ILE A 654 26.45 -1.99 -11.65
N GLY A 655 27.68 -2.23 -12.08
CA GLY A 655 28.60 -1.17 -12.46
C GLY A 655 29.94 -1.79 -12.77
N VAL A 656 30.98 -0.99 -12.73
CA VAL A 656 32.32 -1.50 -13.00
C VAL A 656 32.92 -2.06 -11.71
N VAL A 657 33.80 -1.30 -11.07
CA VAL A 657 34.42 -1.73 -9.81
C VAL A 657 34.74 -0.55 -8.89
N ARG A 658 35.84 0.16 -9.16
CA ARG A 658 36.28 1.31 -8.34
C ARG A 658 36.90 0.92 -7.00
N ASN A 659 36.47 -0.22 -6.45
CA ASN A 659 36.99 -0.72 -5.19
C ASN A 659 38.27 -1.53 -5.39
N ASN A 660 38.99 -1.19 -6.46
CA ASN A 660 40.24 -1.87 -6.76
C ASN A 660 41.20 -0.84 -7.34
N GLU A 661 42.46 -1.24 -7.49
CA GLU A 661 43.51 -0.37 -8.01
C GLU A 661 44.00 -0.83 -9.37
N ALA A 662 44.06 -2.15 -9.55
CA ALA A 662 44.52 -2.75 -10.79
C ALA A 662 43.48 -2.69 -11.91
N LEU A 663 42.22 -2.50 -11.53
CA LEU A 663 41.14 -2.44 -12.51
C LEU A 663 40.86 -1.01 -12.94
N ALA A 664 40.56 -0.86 -14.23
CA ALA A 664 40.23 0.43 -14.83
C ALA A 664 38.74 0.76 -14.64
N ARG A 665 38.41 2.05 -14.65
CA ARG A 665 37.03 2.53 -14.47
C ARG A 665 36.36 2.90 -15.79
N LEU A 666 36.19 1.93 -16.68
CA LEU A 666 35.57 2.16 -17.98
C LEU A 666 34.28 2.95 -17.88
N SER A 667 33.86 3.54 -18.99
CA SER A 667 32.63 4.32 -19.02
C SER A 667 31.43 3.45 -19.46
N CYS A 668 31.34 2.25 -18.87
CA CYS A 668 30.28 1.27 -19.17
C CYS A 668 28.86 1.77 -18.89
N ALA A 669 27.92 1.36 -19.74
CA ALA A 669 26.53 1.76 -19.59
C ALA A 669 25.57 0.72 -20.15
N PHE A 670 24.94 -0.02 -19.24
CA PHE A 670 23.97 -1.06 -19.58
C PHE A 670 22.92 -0.59 -20.57
N LYS A 671 22.59 -1.44 -21.53
CA LYS A 671 21.59 -1.05 -22.51
C LYS A 671 20.92 -2.17 -23.29
N THR A 672 19.72 -2.52 -22.87
CA THR A 672 18.94 -3.49 -23.63
C THR A 672 18.18 -2.48 -24.46
N GLU A 673 18.38 -2.51 -25.75
CA GLU A 673 17.73 -1.59 -26.64
C GLU A 673 17.00 -2.49 -27.58
N ASN A 674 17.79 -3.30 -28.28
CA ASN A 674 17.25 -4.27 -29.21
C ASN A 674 16.99 -5.52 -28.34
N GLN A 675 16.46 -6.57 -28.96
CA GLN A 675 16.18 -7.82 -28.26
C GLN A 675 17.54 -8.45 -27.87
N THR A 676 18.28 -7.67 -27.09
CA THR A 676 19.60 -8.03 -26.59
C THR A 676 19.98 -7.09 -25.47
N ARG A 677 20.24 -7.67 -24.30
CA ARG A 677 20.65 -6.91 -23.12
C ARG A 677 22.17 -6.78 -23.27
N GLN A 678 22.69 -5.56 -23.22
CA GLN A 678 24.13 -5.34 -23.43
C GLN A 678 24.77 -4.36 -22.44
N VAL A 679 26.09 -4.47 -22.23
CA VAL A 679 26.77 -3.56 -21.31
C VAL A 679 27.39 -2.34 -21.97
N VAL A 680 28.08 -2.52 -23.10
CA VAL A 680 28.69 -1.38 -23.82
C VAL A 680 29.64 -0.47 -22.98
N CYS A 681 30.94 -0.49 -23.30
CA CYS A 681 31.93 0.30 -22.57
C CYS A 681 32.90 1.13 -23.44
N ASP A 682 33.06 2.41 -23.08
CA ASP A 682 33.98 3.29 -23.81
C ASP A 682 35.39 2.76 -23.64
N LEU A 683 35.97 2.26 -24.72
CA LEU A 683 37.35 1.75 -24.72
C LEU A 683 38.23 2.87 -25.24
N GLY A 684 37.77 4.10 -25.02
CA GLY A 684 38.48 5.28 -25.47
C GLY A 684 38.11 5.50 -26.92
N ASN A 685 37.69 6.71 -27.30
CA ASN A 685 37.33 6.95 -28.69
C ASN A 685 38.49 6.57 -29.60
N PRO A 686 39.53 7.42 -29.75
CA PRO A 686 40.53 6.86 -30.66
C PRO A 686 41.39 5.94 -29.77
N MET A 687 40.95 4.71 -29.55
CA MET A 687 41.68 3.75 -28.73
C MET A 687 43.02 3.55 -29.43
N LYS A 688 44.03 4.31 -29.00
CA LYS A 688 45.36 4.25 -29.61
C LYS A 688 46.01 2.86 -29.67
N ALA A 689 47.01 2.69 -30.54
CA ALA A 689 47.66 1.39 -30.68
C ALA A 689 48.34 0.94 -29.40
N GLY A 690 48.43 -0.37 -29.21
CA GLY A 690 49.04 -0.91 -28.01
C GLY A 690 48.35 -0.49 -26.73
N THR A 691 47.08 -0.09 -26.82
CA THR A 691 46.35 0.31 -25.63
C THR A 691 45.80 -0.97 -25.04
N GLN A 692 46.23 -1.28 -23.81
CA GLN A 692 45.78 -2.46 -23.10
C GLN A 692 45.01 -2.00 -21.87
N LEU A 693 43.82 -2.55 -21.68
CA LEU A 693 42.98 -2.18 -20.55
C LEU A 693 42.63 -3.41 -19.72
N LEU A 694 42.14 -3.19 -18.51
CA LEU A 694 41.75 -4.28 -17.63
C LEU A 694 40.80 -3.75 -16.54
N ALA A 695 39.52 -4.04 -16.71
CA ALA A 695 38.50 -3.61 -15.76
C ALA A 695 37.62 -4.78 -15.33
N GLY A 696 36.80 -4.52 -14.31
CA GLY A 696 35.90 -5.54 -13.81
C GLY A 696 34.47 -5.13 -14.05
N LEU A 697 33.63 -6.11 -14.38
CA LEU A 697 32.23 -5.86 -14.63
C LEU A 697 31.37 -6.67 -13.66
N ARG A 698 30.60 -5.95 -12.85
CA ARG A 698 29.74 -6.53 -11.82
C ARG A 698 28.35 -6.97 -12.26
N PHE A 699 28.08 -8.25 -12.06
CA PHE A 699 26.77 -8.82 -12.39
C PHE A 699 26.17 -9.59 -11.23
N SER A 700 24.93 -10.00 -11.42
CA SER A 700 24.21 -10.76 -10.42
C SER A 700 23.11 -11.49 -11.15
N VAL A 701 23.23 -12.80 -11.15
CA VAL A 701 22.28 -13.69 -11.80
C VAL A 701 21.44 -14.37 -10.73
N HIS A 702 20.21 -14.69 -11.10
CA HIS A 702 19.25 -15.33 -10.22
C HIS A 702 19.13 -16.79 -10.60
N GLN A 703 18.77 -17.02 -11.86
CA GLN A 703 18.61 -18.34 -12.46
C GLN A 703 17.59 -18.22 -13.58
N GLN A 704 17.51 -19.28 -14.37
CA GLN A 704 16.55 -19.38 -15.45
C GLN A 704 15.96 -20.78 -15.29
N SER A 705 15.94 -21.23 -14.03
CA SER A 705 15.46 -22.54 -13.57
C SER A 705 16.47 -23.66 -13.85
N GLU A 706 15.99 -24.81 -14.30
CA GLU A 706 16.86 -25.93 -14.60
C GLU A 706 17.82 -25.56 -15.73
N MET A 707 17.43 -24.54 -16.50
CA MET A 707 18.17 -24.00 -17.65
C MET A 707 19.62 -24.46 -17.81
N ASP A 708 19.74 -25.70 -18.30
CA ASP A 708 21.03 -26.32 -18.55
C ASP A 708 22.01 -26.26 -17.37
N THR A 709 23.26 -26.59 -17.65
CA THR A 709 24.30 -26.60 -16.64
C THR A 709 24.99 -25.25 -16.44
N SER A 710 24.79 -24.31 -17.36
CA SER A 710 25.47 -23.02 -17.24
C SER A 710 24.91 -21.81 -18.00
N VAL A 711 25.13 -20.63 -17.44
CA VAL A 711 24.71 -19.37 -18.05
C VAL A 711 25.94 -18.78 -18.74
N LYS A 712 25.76 -18.02 -19.82
CA LYS A 712 26.92 -17.47 -20.53
C LYS A 712 26.88 -16.03 -21.04
N PHE A 713 28.07 -15.43 -21.07
CA PHE A 713 28.31 -14.07 -21.53
C PHE A 713 29.10 -14.09 -22.87
N ASP A 714 28.87 -13.08 -23.70
CA ASP A 714 29.57 -12.96 -24.98
C ASP A 714 30.28 -11.62 -25.05
N LEU A 715 31.59 -11.69 -25.26
CA LEU A 715 32.46 -10.52 -25.32
C LEU A 715 33.08 -10.25 -26.71
N GLN A 716 33.07 -8.98 -27.13
CA GLN A 716 33.63 -8.57 -28.41
C GLN A 716 33.76 -7.05 -28.51
N ILE A 717 34.91 -6.57 -29.02
CA ILE A 717 35.14 -5.14 -29.18
C ILE A 717 34.79 -4.73 -30.59
N GLN A 718 34.27 -3.52 -30.75
CA GLN A 718 33.87 -2.97 -32.05
C GLN A 718 34.44 -1.57 -32.17
N SER A 719 34.39 -1.03 -33.38
CA SER A 719 34.89 0.30 -33.66
C SER A 719 34.35 0.76 -35.00
N SER A 720 34.36 2.06 -35.27
CA SER A 720 33.86 2.57 -36.55
C SER A 720 34.91 2.61 -37.69
N ASN A 721 35.89 1.71 -37.60
CA ASN A 721 36.94 1.59 -38.59
C ASN A 721 36.45 0.75 -39.77
N LEU A 722 36.67 1.25 -40.98
CA LEU A 722 36.25 0.55 -42.18
C LEU A 722 36.91 -0.82 -42.29
N PHE A 723 38.16 -0.94 -41.84
CA PHE A 723 38.89 -2.21 -41.90
C PHE A 723 39.16 -2.82 -40.53
N ASP A 724 39.22 -4.15 -40.47
CA ASP A 724 39.46 -4.89 -39.22
C ASP A 724 38.71 -4.31 -38.01
N LYS A 725 37.53 -3.81 -38.32
CA LYS A 725 36.56 -3.16 -37.44
C LYS A 725 36.30 -3.73 -36.05
N VAL A 726 36.33 -5.05 -35.90
CA VAL A 726 36.05 -5.64 -34.61
C VAL A 726 37.08 -6.65 -34.17
N SER A 727 36.82 -7.21 -32.99
CA SER A 727 37.66 -8.22 -32.39
C SER A 727 36.88 -9.51 -32.50
N PRO A 728 37.49 -10.66 -32.19
CA PRO A 728 36.71 -11.88 -32.29
C PRO A 728 35.66 -11.87 -31.20
N VAL A 729 34.62 -12.67 -31.36
CA VAL A 729 33.60 -12.75 -30.33
C VAL A 729 34.11 -13.80 -29.37
N VAL A 730 34.13 -13.46 -28.09
CA VAL A 730 34.62 -14.36 -27.06
C VAL A 730 33.50 -14.66 -26.05
N SER A 731 33.07 -15.92 -26.01
CA SER A 731 32.01 -16.35 -25.09
C SER A 731 32.61 -16.85 -23.77
N HIS A 732 32.02 -16.40 -22.67
CA HIS A 732 32.44 -16.82 -21.33
C HIS A 732 31.26 -17.33 -20.51
N LYS A 733 31.29 -18.61 -20.15
CA LYS A 733 30.23 -19.21 -19.38
C LYS A 733 30.64 -19.57 -17.96
N VAL A 734 29.64 -19.68 -17.09
CA VAL A 734 29.88 -20.05 -15.71
C VAL A 734 28.90 -21.14 -15.32
N ASP A 735 29.38 -22.12 -14.58
CA ASP A 735 28.56 -23.24 -14.15
C ASP A 735 27.61 -22.93 -13.00
N LEU A 736 26.39 -23.45 -13.13
CA LEU A 736 25.35 -23.31 -12.13
C LEU A 736 25.61 -24.45 -11.16
N ALA A 737 25.61 -24.13 -9.87
CA ALA A 737 25.86 -25.14 -8.85
C ALA A 737 24.67 -25.38 -7.96
N VAL A 738 24.73 -26.46 -7.19
CA VAL A 738 23.67 -26.84 -6.28
C VAL A 738 24.13 -26.79 -4.83
N LEU A 739 23.35 -26.12 -4.00
CA LEU A 739 23.65 -26.01 -2.59
C LEU A 739 22.36 -25.86 -1.79
N ALA A 740 22.06 -26.89 -1.01
CA ALA A 740 20.86 -26.89 -0.19
C ALA A 740 21.28 -27.26 1.22
N ALA A 741 21.41 -26.24 2.07
CA ALA A 741 21.78 -26.42 3.47
C ALA A 741 20.51 -26.78 4.23
N VAL A 742 20.16 -28.07 4.22
CA VAL A 742 18.98 -28.57 4.90
C VAL A 742 19.43 -28.97 6.31
N GLU A 743 18.54 -28.89 7.28
CA GLU A 743 18.87 -29.24 8.65
C GLU A 743 17.67 -29.70 9.48
N ILE A 744 17.94 -30.49 10.51
CA ILE A 744 16.88 -31.03 11.35
C ILE A 744 16.90 -30.64 12.84
N ARG A 745 16.03 -29.69 13.20
CA ARG A 745 15.88 -29.21 14.58
C ARG A 745 14.80 -30.03 15.31
N GLY A 746 15.04 -30.29 16.60
CA GLY A 746 14.08 -31.04 17.41
C GLY A 746 13.96 -30.52 18.85
N VAL A 747 12.78 -30.65 19.45
CA VAL A 747 12.56 -30.17 20.83
C VAL A 747 11.46 -30.93 21.54
N SER A 748 11.53 -30.95 22.87
CA SER A 748 10.53 -31.62 23.69
C SER A 748 9.74 -30.58 24.50
N SER A 749 8.42 -30.73 24.49
CA SER A 749 7.55 -29.84 25.23
C SER A 749 7.97 -29.98 26.68
N PRO A 750 7.32 -30.84 27.51
CA PRO A 750 7.94 -30.78 28.84
C PRO A 750 9.28 -31.49 28.64
N ASP A 751 10.36 -30.74 28.60
CA ASP A 751 11.66 -31.35 28.39
C ASP A 751 12.18 -31.99 29.66
N HIS A 752 11.31 -32.08 30.66
CA HIS A 752 11.67 -32.65 31.94
C HIS A 752 10.41 -32.86 32.76
N VAL A 753 10.23 -34.06 33.31
CA VAL A 753 9.07 -34.31 34.15
C VAL A 753 9.56 -34.84 35.50
N PHE A 754 9.02 -34.27 36.58
CA PHE A 754 9.38 -34.66 37.93
C PHE A 754 8.40 -35.73 38.42
N LEU A 755 8.92 -36.95 38.61
CA LEU A 755 8.15 -38.12 39.00
C LEU A 755 7.28 -38.15 40.24
N PRO A 756 7.50 -37.26 41.22
CA PRO A 756 6.60 -37.35 42.37
C PRO A 756 5.14 -37.38 41.86
N ILE A 757 4.93 -36.79 40.68
CA ILE A 757 3.65 -36.73 39.95
C ILE A 757 2.33 -36.38 40.67
N PRO A 758 1.92 -35.10 40.60
CA PRO A 758 0.71 -34.54 41.21
C PRO A 758 -0.56 -35.37 41.01
N ASN A 759 -1.20 -35.68 42.13
CA ASN A 759 -2.42 -36.49 42.22
C ASN A 759 -2.73 -37.37 41.03
N TRP A 760 -2.24 -38.60 41.10
CA TRP A 760 -2.41 -39.59 40.06
C TRP A 760 -2.85 -40.94 40.63
N GLU A 761 -3.57 -41.71 39.83
CA GLU A 761 -4.05 -43.00 40.26
C GLU A 761 -3.78 -44.10 39.24
N HIS A 762 -3.39 -45.26 39.76
CA HIS A 762 -3.10 -46.43 38.94
C HIS A 762 -4.39 -47.16 38.56
N LYS A 763 -4.76 -47.09 37.28
CA LYS A 763 -5.96 -47.74 36.77
C LYS A 763 -5.67 -49.15 36.28
N GLU A 764 -6.65 -50.04 36.40
CA GLU A 764 -6.50 -51.41 35.92
C GLU A 764 -6.53 -51.38 34.40
N ASN A 765 -7.53 -50.70 33.86
CA ASN A 765 -7.68 -50.54 32.42
C ASN A 765 -8.00 -49.06 32.17
N PRO A 766 -6.94 -48.23 32.07
CA PRO A 766 -7.00 -46.79 31.84
C PRO A 766 -7.74 -46.45 30.57
N GLU A 767 -8.29 -45.24 30.52
CA GLU A 767 -9.05 -44.80 29.36
C GLU A 767 -8.92 -43.31 29.01
N THR A 768 -8.00 -42.58 29.65
CA THR A 768 -7.77 -41.15 29.36
C THR A 768 -6.38 -40.66 29.77
N GLU A 769 -5.90 -39.62 29.08
CA GLU A 769 -4.60 -39.02 29.34
C GLU A 769 -4.26 -38.73 30.80
N GLU A 770 -5.28 -38.34 31.56
CA GLU A 770 -5.10 -38.04 32.97
C GLU A 770 -4.77 -39.34 33.69
N ASP A 771 -5.48 -40.40 33.29
CA ASP A 771 -5.30 -41.73 33.87
C ASP A 771 -3.95 -42.34 33.50
N VAL A 772 -3.37 -41.85 32.41
CA VAL A 772 -2.08 -42.35 31.92
C VAL A 772 -0.92 -41.60 32.49
N GLY A 773 -0.94 -40.29 32.28
CA GLY A 773 0.13 -39.47 32.79
C GLY A 773 0.19 -38.16 32.05
N PRO A 774 1.29 -37.45 32.20
CA PRO A 774 1.48 -36.15 31.54
C PRO A 774 1.68 -36.32 30.04
N VAL A 775 1.62 -35.19 29.34
CA VAL A 775 1.80 -35.19 27.90
C VAL A 775 3.18 -34.73 27.45
N VAL A 776 4.06 -35.67 27.09
CA VAL A 776 5.35 -35.24 26.56
C VAL A 776 5.16 -35.09 25.05
N GLN A 777 5.57 -33.94 24.53
CA GLN A 777 5.45 -33.68 23.10
C GLN A 777 6.83 -33.48 22.47
N HIS A 778 7.02 -34.02 21.28
CA HIS A 778 8.29 -33.87 20.55
C HIS A 778 7.99 -33.20 19.20
N ILE A 779 8.72 -32.12 18.89
CA ILE A 779 8.54 -31.43 17.63
C ILE A 779 9.80 -31.65 16.80
N TYR A 780 9.62 -32.12 15.59
CA TYR A 780 10.73 -32.36 14.70
C TYR A 780 10.55 -31.57 13.43
N GLU A 781 11.54 -30.76 13.10
CA GLU A 781 11.46 -29.94 11.93
C GLU A 781 12.63 -30.12 10.98
N LEU A 782 12.28 -30.33 9.71
CA LEU A 782 13.26 -30.48 8.66
C LEU A 782 13.08 -29.16 7.91
N ARG A 783 14.13 -28.35 7.86
CA ARG A 783 14.07 -27.06 7.18
C ARG A 783 15.22 -26.86 6.21
N ASN A 784 14.89 -26.48 4.97
CA ASN A 784 15.88 -26.24 3.95
C ASN A 784 16.24 -24.77 3.92
N ASN A 785 17.52 -24.47 4.09
CA ASN A 785 18.00 -23.09 4.09
C ASN A 785 18.80 -22.82 2.84
N GLY A 786 19.69 -23.75 2.51
CA GLY A 786 20.53 -23.60 1.33
C GLY A 786 19.72 -23.03 0.20
N PRO A 787 20.31 -22.14 -0.61
CA PRO A 787 19.64 -21.49 -1.74
C PRO A 787 18.87 -22.44 -2.65
N SER A 788 19.54 -23.55 -2.98
CA SER A 788 18.98 -24.57 -3.84
C SER A 788 17.87 -25.37 -3.16
N SER A 789 16.89 -25.75 -3.97
CA SER A 789 15.76 -26.53 -3.52
C SER A 789 16.03 -28.04 -3.69
N PHE A 790 15.10 -28.85 -3.16
CA PHE A 790 15.19 -30.31 -3.29
C PHE A 790 13.76 -30.78 -3.50
N SER A 791 13.57 -31.83 -4.29
CA SER A 791 12.23 -32.29 -4.58
C SER A 791 11.77 -33.54 -3.89
N LYS A 792 12.65 -34.18 -3.14
CA LYS A 792 12.28 -35.42 -2.50
C LYS A 792 13.31 -35.81 -1.49
N ALA A 793 12.87 -36.02 -0.25
CA ALA A 793 13.77 -36.40 0.82
C ALA A 793 13.10 -37.41 1.75
N MET A 794 13.88 -37.96 2.67
CA MET A 794 13.37 -38.97 3.61
C MET A 794 13.65 -38.67 5.07
N LEU A 795 12.59 -38.66 5.87
CA LEU A 795 12.77 -38.40 7.28
C LEU A 795 12.50 -39.69 8.06
N HIS A 796 13.39 -40.02 8.99
CA HIS A 796 13.28 -41.23 9.79
C HIS A 796 13.26 -40.94 11.28
N LEU A 797 12.22 -41.44 11.95
CA LEU A 797 12.05 -41.22 13.39
C LEU A 797 12.05 -42.50 14.17
N GLN A 798 12.94 -42.56 15.16
CA GLN A 798 13.06 -43.70 16.07
C GLN A 798 12.52 -43.22 17.41
N TRP A 799 11.51 -43.93 17.93
CA TRP A 799 10.87 -43.55 19.19
C TRP A 799 11.07 -44.56 20.34
N PRO A 800 11.35 -44.06 21.57
CA PRO A 800 11.56 -44.94 22.73
C PRO A 800 10.23 -45.53 23.17
N TYR A 801 9.81 -46.63 22.56
CA TYR A 801 8.53 -47.23 22.90
C TYR A 801 8.34 -48.03 24.18
N LYS A 802 9.11 -49.12 24.35
CA LYS A 802 9.00 -49.93 25.56
C LYS A 802 10.33 -50.33 26.15
N TYR A 803 10.32 -50.61 27.46
CA TYR A 803 11.51 -51.08 28.14
C TYR A 803 11.12 -52.33 28.89
N ASN A 804 11.62 -53.45 28.37
CA ASN A 804 11.35 -54.76 28.93
C ASN A 804 9.85 -55.02 29.04
N ASN A 805 9.18 -54.93 27.90
CA ASN A 805 7.75 -55.17 27.78
C ASN A 805 6.87 -54.11 28.46
N ASN A 806 7.48 -53.03 28.94
CA ASN A 806 6.70 -51.99 29.62
C ASN A 806 6.68 -50.66 28.88
N THR A 807 5.49 -50.17 28.58
CA THR A 807 5.32 -48.91 27.88
C THR A 807 6.01 -47.78 28.67
N LEU A 808 6.38 -46.71 27.97
CA LEU A 808 7.03 -45.52 28.54
C LEU A 808 7.00 -44.49 27.43
N LEU A 809 6.24 -43.40 27.61
CA LEU A 809 6.12 -42.39 26.54
C LEU A 809 5.33 -42.99 25.36
N TYR A 810 4.04 -43.23 25.63
CA TYR A 810 3.05 -43.83 24.71
C TYR A 810 2.52 -42.81 23.68
N ILE A 811 2.84 -42.99 22.40
CA ILE A 811 2.34 -42.07 21.37
C ILE A 811 0.82 -42.20 21.18
N LEU A 812 0.16 -41.06 21.27
CA LEU A 812 -1.27 -40.98 21.11
C LEU A 812 -1.60 -40.76 19.64
N HIS A 813 -1.15 -39.63 19.10
CA HIS A 813 -1.36 -39.29 17.69
C HIS A 813 -0.43 -38.15 17.29
N TYR A 814 -0.02 -38.12 16.03
CA TYR A 814 0.89 -37.10 15.54
C TYR A 814 0.36 -36.25 14.36
N ASP A 815 0.86 -35.03 14.23
CA ASP A 815 0.42 -34.15 13.13
C ASP A 815 1.59 -33.67 12.29
N ILE A 816 1.29 -33.28 11.06
CA ILE A 816 2.33 -32.84 10.15
C ILE A 816 2.08 -31.45 9.60
N ASP A 817 3.18 -30.76 9.30
CA ASP A 817 3.14 -29.42 8.73
C ASP A 817 4.10 -29.39 7.56
N GLY A 818 3.57 -29.06 6.40
CA GLY A 818 4.36 -28.99 5.18
C GLY A 818 4.16 -30.20 4.30
N PRO A 819 4.92 -30.30 3.21
CA PRO A 819 4.87 -31.40 2.25
C PRO A 819 5.51 -32.70 2.75
N MET A 820 4.78 -33.42 3.59
CA MET A 820 5.26 -34.67 4.12
C MET A 820 4.10 -35.60 4.52
N ASN A 821 4.28 -36.88 4.25
CA ASN A 821 3.31 -37.91 4.61
C ASN A 821 4.12 -38.81 5.50
N CYS A 822 3.50 -39.36 6.55
CA CYS A 822 4.25 -40.22 7.46
C CYS A 822 3.62 -41.57 7.75
N THR A 823 4.43 -42.49 8.25
CA THR A 823 3.91 -43.79 8.58
C THR A 823 4.60 -44.45 9.77
N SER A 824 3.79 -44.91 10.71
CA SER A 824 4.27 -45.56 11.93
C SER A 824 4.29 -47.08 11.73
N ASP A 825 5.44 -47.71 11.97
CA ASP A 825 5.57 -49.16 11.82
C ASP A 825 4.74 -49.98 12.83
N MET A 826 4.04 -49.27 13.73
CA MET A 826 3.18 -49.89 14.74
C MET A 826 1.95 -49.02 14.85
N GLU A 827 0.82 -49.64 15.15
CA GLU A 827 -0.42 -48.86 15.28
C GLU A 827 -0.33 -47.86 16.42
N ILE A 828 -0.58 -46.58 16.12
CA ILE A 828 -0.55 -45.55 17.15
C ILE A 828 -1.89 -45.45 17.88
N ASN A 829 -1.80 -45.43 19.21
CA ASN A 829 -2.94 -45.34 20.13
C ASN A 829 -3.80 -46.61 20.02
N PRO A 830 -3.21 -47.77 20.32
CA PRO A 830 -3.83 -49.11 20.27
C PRO A 830 -4.92 -49.37 21.28
N LEU A 831 -5.03 -48.50 22.28
CA LEU A 831 -6.05 -48.66 23.31
C LEU A 831 -7.09 -47.58 23.16
N ARG A 832 -7.07 -46.88 22.03
CA ARG A 832 -8.01 -45.80 21.75
C ARG A 832 -8.23 -44.81 22.91
N ILE A 833 -7.12 -44.39 23.53
CA ILE A 833 -7.15 -43.44 24.65
C ILE A 833 -7.45 -42.04 24.13
N LYS A 834 -8.66 -41.55 24.36
CA LYS A 834 -9.04 -40.23 23.87
C LYS A 834 -8.99 -39.12 24.89
N ILE A 835 -8.73 -37.90 24.40
CA ILE A 835 -8.59 -36.68 25.20
C ILE A 835 -9.80 -36.28 26.07
N SER A 836 -9.50 -35.62 27.19
CA SER A 836 -10.47 -35.10 28.17
C SER A 836 -11.59 -36.06 28.64
N SER A 837 -12.42 -35.57 29.56
CA SER A 837 -13.55 -36.36 30.10
C SER A 837 -14.48 -35.58 31.04
N LEU A 838 -14.83 -36.22 32.16
CA LEU A 838 -15.72 -35.70 33.21
C LEU A 838 -15.31 -34.31 33.68
N ASP A 868 21.65 -47.37 29.67
CA ASP A 868 20.53 -47.89 30.44
C ASP A 868 20.44 -47.23 31.83
N ILE A 869 21.56 -46.68 32.29
CA ILE A 869 21.62 -46.02 33.59
C ILE A 869 20.58 -44.89 33.65
N HIS A 870 20.53 -44.11 32.59
CA HIS A 870 19.59 -43.00 32.48
C HIS A 870 18.88 -43.09 31.15
N THR A 871 19.65 -42.78 30.11
CA THR A 871 19.19 -42.74 28.74
C THR A 871 18.59 -44.01 28.15
N LEU A 872 17.37 -43.85 27.63
CA LEU A 872 16.63 -44.91 27.01
C LEU A 872 16.40 -44.64 25.53
N GLY A 873 17.40 -45.01 24.74
CA GLY A 873 17.33 -44.84 23.31
C GLY A 873 16.82 -46.12 22.68
N CYS A 874 16.54 -46.10 21.38
CA CYS A 874 16.05 -47.30 20.69
C CYS A 874 17.11 -48.38 20.64
N GLY A 875 18.32 -48.04 21.07
CA GLY A 875 19.41 -49.00 21.09
C GLY A 875 19.27 -49.96 22.28
N VAL A 876 18.64 -49.48 23.33
CA VAL A 876 18.42 -50.26 24.53
C VAL A 876 16.93 -50.41 24.84
N ALA A 877 16.08 -50.15 23.83
CA ALA A 877 14.62 -50.22 23.98
C ALA A 877 13.85 -50.62 22.70
N GLN A 878 12.61 -51.07 22.87
CA GLN A 878 11.73 -51.44 21.76
C GLN A 878 11.53 -50.19 20.92
N CYS A 879 11.59 -50.31 19.60
CA CYS A 879 11.45 -49.14 18.74
C CYS A 879 10.15 -48.95 17.95
N LEU A 880 9.52 -47.80 18.18
CA LEU A 880 8.30 -47.41 17.48
C LEU A 880 8.95 -46.49 16.46
N LYS A 881 8.97 -46.93 15.21
CA LYS A 881 9.57 -46.14 14.16
C LYS A 881 8.47 -45.39 13.44
N ILE A 882 8.85 -44.27 12.83
CA ILE A 882 7.94 -43.44 12.06
C ILE A 882 8.72 -42.95 10.84
N VAL A 883 8.32 -43.42 9.67
CA VAL A 883 8.97 -43.07 8.42
C VAL A 883 8.17 -42.03 7.67
N CYS A 884 8.86 -41.00 7.21
CA CYS A 884 8.20 -39.92 6.50
C CYS A 884 8.72 -39.64 5.11
N GLN A 885 7.77 -39.49 4.21
CA GLN A 885 8.04 -39.21 2.81
C GLN A 885 7.93 -37.68 2.69
N VAL A 886 9.02 -37.05 2.22
CA VAL A 886 9.07 -35.59 2.03
C VAL A 886 9.29 -35.25 0.55
N GLY A 887 8.88 -34.05 0.13
CA GLY A 887 9.07 -33.68 -1.26
C GLY A 887 8.89 -32.22 -1.63
N ARG A 888 10.02 -31.55 -1.79
CA ARG A 888 10.09 -30.13 -2.19
C ARG A 888 9.85 -29.02 -1.16
N LEU A 889 10.97 -28.65 -0.54
CA LEU A 889 11.05 -27.58 0.43
C LEU A 889 12.05 -26.63 -0.22
N ASP A 890 11.55 -25.58 -0.84
CA ASP A 890 12.42 -24.61 -1.50
C ASP A 890 13.13 -23.71 -0.52
N ARG A 891 13.82 -22.72 -1.07
CA ARG A 891 14.57 -21.70 -0.35
C ARG A 891 14.51 -21.76 1.15
N GLY A 892 13.45 -21.19 1.73
CA GLY A 892 13.30 -21.16 3.17
C GLY A 892 11.98 -21.70 3.68
N LYS A 893 11.74 -22.98 3.41
CA LYS A 893 10.51 -23.63 3.82
C LYS A 893 10.93 -24.79 4.72
N SER A 894 10.07 -25.15 5.66
CA SER A 894 10.36 -26.25 6.57
C SER A 894 9.29 -27.33 6.41
N ALA A 895 9.35 -28.33 7.26
CA ALA A 895 8.42 -29.44 7.30
C ALA A 895 8.47 -29.88 8.77
N ILE A 896 7.32 -30.05 9.41
CA ILE A 896 7.34 -30.39 10.83
C ILE A 896 6.45 -31.52 11.36
N LEU A 897 7.08 -32.45 12.07
CA LEU A 897 6.37 -33.57 12.68
C LEU A 897 6.01 -33.17 14.10
N TYR A 898 4.76 -33.38 14.49
CA TYR A 898 4.26 -33.06 15.83
C TYR A 898 3.83 -34.34 16.55
N VAL A 899 4.70 -34.92 17.36
CA VAL A 899 4.37 -36.14 18.07
C VAL A 899 3.80 -35.84 19.43
N LYS A 900 2.59 -36.31 19.69
CA LYS A 900 1.92 -36.10 20.97
C LYS A 900 1.76 -37.42 21.72
N SER A 901 2.52 -37.60 22.79
CA SER A 901 2.47 -38.83 23.58
C SER A 901 2.12 -38.56 25.05
N LEU A 902 2.21 -39.60 25.89
CA LEU A 902 1.90 -39.56 27.32
C LEU A 902 2.88 -40.40 28.12
N LEU A 903 3.49 -39.81 29.14
CA LEU A 903 4.42 -40.57 29.97
C LEU A 903 3.56 -41.62 30.69
N TRP A 904 3.90 -42.89 30.56
CA TRP A 904 3.10 -43.94 31.17
C TRP A 904 3.09 -43.94 32.69
N THR A 905 4.03 -43.21 33.28
CA THR A 905 4.14 -43.10 34.73
C THR A 905 4.49 -44.45 35.36
N GLU A 906 4.74 -45.46 34.52
CA GLU A 906 5.15 -46.76 35.02
C GLU A 906 6.67 -46.79 35.05
N THR A 907 7.23 -45.59 34.90
CA THR A 907 8.66 -45.30 34.98
C THR A 907 8.59 -45.15 36.53
N PHE A 908 8.18 -46.24 37.18
CA PHE A 908 7.86 -46.27 38.62
C PHE A 908 8.36 -47.37 39.59
N MET A 909 9.64 -47.73 39.62
CA MET A 909 10.00 -48.77 40.59
C MET A 909 10.73 -48.29 41.86
N ASN A 910 10.02 -47.49 42.68
CA ASN A 910 10.59 -46.95 43.92
C ASN A 910 10.77 -47.97 45.06
N LYS A 911 10.43 -49.22 44.75
CA LYS A 911 10.54 -50.32 45.71
C LYS A 911 11.96 -50.88 45.80
N GLU A 912 12.62 -51.02 44.64
CA GLU A 912 13.96 -51.57 44.62
C GLU A 912 15.03 -50.79 43.86
N ASN A 913 16.28 -51.08 44.23
CA ASN A 913 17.48 -50.49 43.65
C ASN A 913 17.51 -48.96 43.71
N GLN A 914 17.66 -48.36 42.53
CA GLN A 914 17.73 -46.93 42.40
C GLN A 914 17.15 -46.57 41.02
N ASN A 915 15.82 -46.51 40.98
CA ASN A 915 15.03 -46.17 39.79
C ASN A 915 15.33 -44.74 39.34
N HIS A 916 15.23 -43.86 40.32
CA HIS A 916 15.48 -42.42 40.24
C HIS A 916 15.57 -41.59 38.94
N SER A 917 16.36 -42.02 37.97
CA SER A 917 16.51 -41.18 36.78
C SER A 917 16.54 -41.83 35.41
N TYR A 918 15.74 -41.28 34.51
CA TYR A 918 15.67 -41.76 33.14
C TYR A 918 15.74 -40.62 32.15
N SER A 919 16.23 -40.92 30.97
CA SER A 919 16.34 -39.96 29.89
C SER A 919 15.67 -40.58 28.67
N LEU A 920 14.36 -40.39 28.58
CA LEU A 920 13.56 -40.91 27.47
C LEU A 920 13.97 -40.15 26.20
N LYS A 921 14.71 -40.87 25.35
CA LYS A 921 15.25 -40.32 24.13
C LYS A 921 14.63 -40.84 22.87
N SER A 922 14.30 -39.91 21.97
CA SER A 922 13.76 -40.23 20.65
C SER A 922 14.74 -39.60 19.68
N SER A 923 14.72 -40.03 18.42
CA SER A 923 15.64 -39.46 17.44
C SER A 923 15.15 -39.50 16.02
N ALA A 924 15.49 -38.47 15.25
CA ALA A 924 15.06 -38.40 13.87
C ALA A 924 16.19 -38.06 12.93
N SER A 925 16.17 -38.73 11.79
CA SER A 925 17.18 -38.54 10.76
C SER A 925 16.49 -38.18 9.46
N PHE A 926 17.29 -37.67 8.54
CA PHE A 926 16.77 -37.27 7.24
C PHE A 926 17.81 -37.48 6.19
N ASN A 927 17.35 -37.87 5.01
CA ASN A 927 18.25 -38.10 3.89
C ASN A 927 17.59 -37.52 2.66
N VAL A 928 18.16 -36.40 2.19
CA VAL A 928 17.66 -35.73 1.00
C VAL A 928 18.03 -36.65 -0.15
N ILE A 929 17.06 -36.98 -1.00
CA ILE A 929 17.37 -37.90 -2.08
C ILE A 929 16.92 -37.54 -3.50
N GLU A 930 16.72 -36.26 -3.80
CA GLU A 930 16.32 -35.86 -5.16
C GLU A 930 16.05 -34.37 -5.37
N PHE A 931 16.71 -33.81 -6.37
CA PHE A 931 16.59 -32.40 -6.69
C PHE A 931 15.96 -32.22 -8.06
N PRO A 932 15.30 -31.07 -8.31
CA PRO A 932 14.63 -30.72 -9.57
C PRO A 932 15.60 -30.50 -10.73
N TYR A 933 16.85 -30.19 -10.40
CA TYR A 933 17.90 -29.92 -11.39
C TYR A 933 18.55 -31.20 -11.88
N LYS A 934 18.29 -31.56 -13.14
CA LYS A 934 18.90 -32.76 -13.69
C LYS A 934 20.10 -32.30 -14.53
N ASN A 935 21.18 -33.08 -14.53
CA ASN A 935 22.41 -32.75 -15.27
C ASN A 935 23.27 -31.74 -14.54
N LEU A 936 22.96 -31.57 -13.25
CA LEU A 936 23.69 -30.69 -12.37
C LEU A 936 24.26 -31.65 -11.34
N PRO A 937 25.49 -31.43 -10.90
CA PRO A 937 26.16 -32.28 -9.91
C PRO A 937 25.49 -32.16 -8.53
N ILE A 938 25.21 -33.29 -7.90
CA ILE A 938 24.58 -33.31 -6.60
C ILE A 938 25.12 -34.41 -5.70
N GLU A 939 25.18 -34.13 -4.40
CA GLU A 939 25.64 -35.11 -3.40
C GLU A 939 24.51 -35.24 -2.38
N ASP A 940 24.20 -36.47 -1.94
CA ASP A 940 23.13 -36.66 -0.96
C ASP A 940 23.41 -35.89 0.33
N ILE A 941 22.35 -35.28 0.87
CA ILE A 941 22.39 -34.50 2.10
C ILE A 941 21.79 -35.38 3.20
N THR A 942 22.50 -35.47 4.32
CA THR A 942 22.06 -36.28 5.47
C THR A 942 22.53 -35.64 6.77
N ASN A 943 21.83 -35.94 7.85
CA ASN A 943 22.14 -35.46 9.20
C ASN A 943 20.97 -35.88 10.06
N SER A 944 21.18 -35.91 11.38
CA SER A 944 20.13 -36.32 12.30
C SER A 944 20.16 -35.53 13.58
N THR A 945 19.33 -35.94 14.52
CA THR A 945 19.25 -35.28 15.82
C THR A 945 18.41 -36.06 16.84
N LEU A 946 18.65 -35.78 18.11
CA LEU A 946 17.93 -36.46 19.19
C LEU A 946 17.22 -35.43 20.05
N VAL A 947 16.22 -35.90 20.78
CA VAL A 947 15.41 -35.04 21.63
C VAL A 947 15.06 -35.81 22.87
N THR A 948 15.53 -35.30 24.01
CA THR A 948 15.31 -35.97 25.27
C THR A 948 14.31 -35.27 26.20
N THR A 949 13.59 -36.12 26.96
CA THR A 949 12.60 -35.73 27.96
C THR A 949 13.02 -36.51 29.20
N ASN A 950 13.59 -35.80 30.18
CA ASN A 950 14.06 -36.47 31.37
C ASN A 950 13.07 -36.55 32.51
N VAL A 951 12.73 -37.78 32.92
CA VAL A 951 11.83 -37.98 34.04
C VAL A 951 12.68 -38.40 35.22
N THR A 952 12.61 -37.63 36.29
CA THR A 952 13.40 -37.91 37.48
C THR A 952 12.54 -37.75 38.71
N TRP A 953 12.88 -38.51 39.75
CA TRP A 953 12.16 -38.45 41.00
C TRP A 953 12.46 -37.12 41.67
N GLY A 954 11.59 -36.15 41.42
CA GLY A 954 11.73 -34.79 41.95
C GLY A 954 12.49 -34.59 43.24
N ILE A 955 11.86 -34.99 44.35
CA ILE A 955 12.45 -34.88 45.67
C ILE A 955 13.18 -36.18 46.06
N GLN A 956 12.76 -37.29 45.43
CA GLN A 956 13.31 -38.65 45.65
C GLN A 956 12.82 -39.27 46.97
N GLU B 55 37.55 26.66 9.39
CA GLU B 55 37.46 25.45 8.58
C GLU B 55 36.14 24.71 8.86
N PHE B 56 35.02 25.44 8.78
CA PHE B 56 33.65 24.92 8.97
C PHE B 56 33.05 24.75 10.38
N PRO B 57 32.47 25.84 10.92
CA PRO B 57 31.85 25.87 12.25
C PRO B 57 30.41 25.31 12.25
N VAL B 58 30.26 24.04 12.60
CA VAL B 58 28.94 23.41 12.64
C VAL B 58 28.45 23.23 14.07
N SER B 59 27.74 24.23 14.59
CA SER B 59 27.24 24.19 15.97
C SER B 59 25.82 23.63 16.17
N GLU B 60 25.40 23.60 17.44
CA GLU B 60 24.09 23.12 17.87
C GLU B 60 23.82 23.53 19.31
N ALA B 61 24.05 24.80 19.61
CA ALA B 61 23.85 25.35 20.95
C ALA B 61 22.44 25.10 21.50
N ARG B 62 22.35 24.53 22.70
CA ARG B 62 21.05 24.26 23.32
C ARG B 62 20.47 25.55 23.90
N VAL B 63 19.64 26.27 23.15
CA VAL B 63 19.08 27.54 23.65
C VAL B 63 18.10 27.48 24.83
N LEU B 64 17.55 26.31 25.16
CA LEU B 64 16.60 26.19 26.28
C LEU B 64 16.84 24.96 27.14
N GLU B 65 16.47 25.04 28.42
CA GLU B 65 16.71 23.92 29.30
C GLU B 65 15.88 23.72 30.54
N ASP B 66 14.56 23.86 30.48
CA ASP B 66 13.77 23.58 31.68
C ASP B 66 14.19 22.13 31.97
N ARG B 67 14.03 21.64 33.19
CA ARG B 67 14.46 20.27 33.34
C ARG B 67 13.33 19.35 33.75
N PRO B 68 13.38 18.08 33.29
CA PRO B 68 12.34 17.12 33.63
C PRO B 68 11.95 17.20 35.09
N LEU B 69 10.66 17.42 35.31
CA LEU B 69 10.08 17.49 36.63
C LEU B 69 10.01 16.04 37.13
N SER B 70 10.44 15.85 38.38
CA SER B 70 10.50 14.54 39.02
C SER B 70 9.20 13.91 39.49
N ASP B 71 8.39 13.46 38.54
CA ASP B 71 7.12 12.82 38.88
C ASP B 71 6.21 13.79 39.64
N LYS B 72 6.27 15.05 39.20
CA LYS B 72 5.48 16.13 39.76
C LYS B 72 4.23 16.32 38.91
N GLY B 73 3.16 15.58 39.21
CA GLY B 73 1.93 15.69 38.46
C GLY B 73 1.40 17.11 38.46
N SER B 74 1.34 17.72 39.63
CA SER B 74 0.86 19.10 39.77
C SER B 74 2.03 20.09 39.76
N GLY B 75 1.97 21.03 38.81
CA GLY B 75 3.02 22.02 38.68
C GLY B 75 2.75 23.30 39.45
N ASP B 76 2.89 23.22 40.78
CA ASP B 76 2.69 24.35 41.69
C ASP B 76 3.75 25.42 41.39
N SER B 77 3.46 26.24 40.37
CA SER B 77 4.37 27.30 39.92
C SER B 77 5.67 26.66 39.38
N SER B 78 5.62 25.34 39.20
CA SER B 78 6.75 24.55 38.71
C SER B 78 6.72 24.29 37.21
N GLN B 79 5.64 24.70 36.54
CA GLN B 79 5.47 24.53 35.09
C GLN B 79 5.97 23.17 34.62
N VAL B 80 5.15 22.13 34.77
CA VAL B 80 5.53 20.79 34.36
C VAL B 80 6.15 20.66 32.95
N THR B 81 7.26 19.92 32.85
CA THR B 81 7.92 19.67 31.56
C THR B 81 8.30 18.21 31.56
N GLN B 82 8.22 17.56 30.40
CA GLN B 82 8.55 16.14 30.30
C GLN B 82 9.59 15.84 29.24
N VAL B 83 10.08 16.89 28.61
CA VAL B 83 11.10 16.75 27.59
C VAL B 83 12.17 17.73 28.03
N SER B 84 13.37 17.23 28.30
CA SER B 84 14.43 18.11 28.79
C SER B 84 14.92 19.16 27.85
N PRO B 85 15.64 18.77 26.79
CA PRO B 85 16.05 19.90 25.95
C PRO B 85 14.76 20.49 25.34
N GLN B 86 14.44 21.71 25.74
CA GLN B 86 13.23 22.37 25.27
C GLN B 86 13.39 23.05 23.93
N ARG B 87 14.64 23.35 23.55
CA ARG B 87 14.91 24.09 22.33
C ARG B 87 16.43 24.23 21.98
N ILE B 88 16.87 23.59 20.91
CA ILE B 88 18.26 23.69 20.48
C ILE B 88 18.36 24.49 19.19
N ALA B 89 19.56 24.85 18.79
CA ALA B 89 19.72 25.64 17.59
C ALA B 89 20.87 25.14 16.73
N LEU B 90 20.51 24.55 15.59
CA LEU B 90 21.50 24.02 14.65
C LEU B 90 21.98 25.06 13.65
N ARG B 91 23.25 24.94 13.29
CA ARG B 91 23.90 25.80 12.30
C ARG B 91 24.67 24.75 11.49
N LEU B 92 24.45 24.72 10.16
CA LEU B 92 25.06 23.69 9.32
C LEU B 92 25.93 23.98 8.10
N ARG B 93 27.08 23.29 8.05
CA ARG B 93 28.01 23.35 6.92
C ARG B 93 27.31 22.51 5.88
N PRO B 94 27.58 22.76 4.60
CA PRO B 94 26.96 21.97 3.53
C PRO B 94 27.45 20.52 3.60
N ASP B 95 26.52 19.58 3.71
CA ASP B 95 26.83 18.15 3.81
C ASP B 95 27.35 17.80 5.20
N ASP B 96 26.77 18.41 6.24
CA ASP B 96 27.23 18.16 7.60
C ASP B 96 26.13 17.72 8.56
N SER B 97 26.55 17.06 9.62
CA SER B 97 25.65 16.58 10.66
C SER B 97 26.13 17.03 12.02
N LYS B 98 25.21 16.98 12.98
CA LYS B 98 25.48 17.32 14.36
C LYS B 98 24.54 16.51 15.21
N ASN B 99 25.12 15.61 15.97
CA ASN B 99 24.35 14.73 16.84
C ASN B 99 23.95 15.43 18.14
N PHE B 100 22.74 15.15 18.60
CA PHE B 100 22.25 15.72 19.85
C PHE B 100 21.27 14.76 20.52
N SER B 101 20.77 15.14 21.70
CA SER B 101 19.87 14.25 22.45
C SER B 101 18.68 14.92 23.11
N ILE B 102 17.72 14.08 23.51
CA ILE B 102 16.49 14.54 24.13
C ILE B 102 15.96 13.50 25.10
N GLN B 103 15.53 13.92 26.29
CA GLN B 103 14.99 12.97 27.25
C GLN B 103 13.52 13.26 27.45
N VAL B 104 12.75 12.21 27.63
CA VAL B 104 11.31 12.36 27.83
C VAL B 104 10.88 11.55 29.04
N ARG B 105 10.01 12.15 29.86
CA ARG B 105 9.55 11.50 31.08
C ARG B 105 8.04 11.42 31.26
N GLN B 106 7.57 10.21 31.55
CA GLN B 106 6.17 9.94 31.81
C GLN B 106 5.95 10.43 33.25
N VAL B 107 5.85 11.74 33.40
CA VAL B 107 5.67 12.33 34.71
C VAL B 107 4.51 11.74 35.51
N GLU B 108 4.78 11.47 36.79
CA GLU B 108 3.78 10.92 37.70
C GLU B 108 2.72 11.94 38.10
N ASP B 109 1.50 11.43 38.30
CA ASP B 109 0.32 12.22 38.66
C ASP B 109 -0.13 13.24 37.59
N TYR B 110 0.21 12.98 36.33
CA TYR B 110 -0.17 13.87 35.24
C TYR B 110 -1.70 13.92 35.24
N PRO B 111 -2.28 15.13 35.14
CA PRO B 111 -3.73 15.37 35.12
C PRO B 111 -4.41 14.78 33.89
N VAL B 112 -5.64 14.28 34.04
CA VAL B 112 -6.33 13.67 32.90
C VAL B 112 -7.71 14.24 32.61
N ASP B 113 -8.03 14.32 31.32
CA ASP B 113 -9.33 14.78 30.86
C ASP B 113 -9.88 13.53 30.22
N ILE B 114 -11.18 13.32 30.34
CA ILE B 114 -11.80 12.14 29.75
C ILE B 114 -13.12 12.48 29.12
N TYR B 115 -13.16 12.63 27.80
CA TYR B 115 -14.41 12.92 27.11
C TYR B 115 -15.03 11.62 26.60
N TYR B 116 -16.31 11.41 26.93
CA TYR B 116 -17.04 10.21 26.54
C TYR B 116 -17.99 10.48 25.38
N LEU B 117 -17.74 9.83 24.25
CA LEU B 117 -18.58 9.95 23.07
C LEU B 117 -19.47 8.72 23.08
N MET B 118 -20.77 8.93 23.31
CA MET B 118 -21.70 7.81 23.40
C MET B 118 -22.75 7.69 22.29
N ASP B 119 -22.74 6.50 21.69
CA ASP B 119 -23.65 6.12 20.61
C ASP B 119 -25.04 6.04 21.23
N LEU B 120 -25.86 7.06 21.03
CA LEU B 120 -27.20 7.05 21.61
C LEU B 120 -28.35 6.63 20.65
N SER B 121 -28.05 5.67 19.78
CA SER B 121 -29.03 5.17 18.82
C SER B 121 -29.75 3.96 19.42
N TYR B 122 -30.95 3.68 18.91
CA TYR B 122 -31.75 2.56 19.42
C TYR B 122 -31.11 1.19 19.19
N SER B 123 -30.23 0.79 20.11
CA SER B 123 -29.54 -0.50 20.04
C SER B 123 -28.61 -0.53 21.23
N MET B 124 -28.40 0.64 21.79
CA MET B 124 -27.58 0.82 22.95
C MET B 124 -28.51 0.69 24.14
N LYS B 125 -29.80 0.72 23.85
CA LYS B 125 -30.87 0.62 24.86
C LYS B 125 -30.54 -0.30 26.04
N ASP B 126 -29.97 -1.46 25.72
CA ASP B 126 -29.59 -2.45 26.73
C ASP B 126 -28.33 -2.09 27.54
N ASP B 127 -27.55 -1.16 27.00
CA ASP B 127 -26.30 -0.71 27.61
C ASP B 127 -26.35 0.75 28.09
N LEU B 128 -27.08 1.04 29.17
CA LEU B 128 -27.15 2.42 29.63
C LEU B 128 -27.21 2.58 31.14
N TRP B 129 -28.17 3.38 31.62
CA TRP B 129 -28.45 3.72 33.05
C TRP B 129 -27.34 3.67 34.11
N SER B 130 -26.75 2.48 34.29
CA SER B 130 -25.65 2.27 35.23
C SER B 130 -24.46 3.08 34.71
N ILE B 131 -24.72 3.91 33.70
CA ILE B 131 -23.73 4.79 33.14
C ILE B 131 -23.59 5.94 34.15
N GLN B 132 -24.12 5.69 35.36
CA GLN B 132 -24.00 6.59 36.50
C GLN B 132 -22.51 6.38 36.80
N ASN B 133 -22.08 5.12 36.64
CA ASN B 133 -20.71 4.66 36.81
C ASN B 133 -19.73 5.76 36.42
N LEU B 134 -19.78 6.16 35.15
CA LEU B 134 -18.91 7.19 34.62
C LEU B 134 -18.47 8.27 35.63
N GLY B 135 -19.42 9.02 36.18
CA GLY B 135 -19.08 10.04 37.16
C GLY B 135 -18.30 9.43 38.31
N THR B 136 -18.88 8.38 38.88
CA THR B 136 -18.28 7.67 39.98
C THR B 136 -17.11 6.78 39.56
N LYS B 137 -17.37 5.75 38.74
CA LYS B 137 -16.37 4.78 38.25
C LYS B 137 -15.11 5.27 37.53
N LEU B 138 -15.19 6.40 36.85
CA LEU B 138 -14.00 6.91 36.22
C LEU B 138 -13.18 7.43 37.39
N ALA B 139 -13.74 8.45 38.04
CA ALA B 139 -13.15 9.12 39.20
C ALA B 139 -12.33 8.20 40.08
N THR B 140 -13.00 7.27 40.75
CA THR B 140 -12.33 6.34 41.65
C THR B 140 -11.18 5.57 41.00
N GLN B 141 -11.49 4.73 40.03
CA GLN B 141 -10.46 3.95 39.39
C GLN B 141 -9.39 4.76 38.68
N MET B 142 -9.57 6.08 38.62
CA MET B 142 -8.57 6.92 37.99
C MET B 142 -7.85 7.74 39.06
N ARG B 143 -8.47 7.85 40.24
CA ARG B 143 -7.90 8.62 41.37
C ARG B 143 -6.50 8.14 41.69
N LYS B 144 -6.32 6.84 41.64
CA LYS B 144 -5.03 6.25 41.93
C LYS B 144 -3.96 6.54 40.88
N LEU B 145 -4.27 7.42 39.94
CA LEU B 145 -3.34 7.81 38.89
C LEU B 145 -3.26 9.31 38.68
N THR B 146 -4.25 10.04 39.19
CA THR B 146 -4.25 11.48 39.05
C THR B 146 -4.93 12.23 40.18
N SER B 147 -4.43 13.44 40.39
CA SER B 147 -4.94 14.35 41.40
C SER B 147 -6.02 15.21 40.75
N ASN B 148 -5.80 15.56 39.49
CA ASN B 148 -6.75 16.38 38.73
C ASN B 148 -7.35 15.57 37.59
N LEU B 149 -8.66 15.35 37.67
CA LEU B 149 -9.39 14.62 36.66
C LEU B 149 -10.66 15.35 36.31
N ARG B 150 -10.74 15.78 35.06
CA ARG B 150 -11.91 16.47 34.55
C ARG B 150 -12.58 15.47 33.64
N ILE B 151 -13.90 15.36 33.71
CA ILE B 151 -14.63 14.47 32.81
C ILE B 151 -15.71 15.24 32.06
N GLY B 152 -16.06 14.71 30.88
CA GLY B 152 -17.07 15.33 30.05
C GLY B 152 -17.59 14.31 29.06
N PHE B 153 -18.74 14.59 28.43
CA PHE B 153 -19.28 13.64 27.47
C PHE B 153 -20.28 14.24 26.48
N GLY B 154 -20.40 13.55 25.36
CA GLY B 154 -21.31 13.95 24.31
C GLY B 154 -21.88 12.69 23.70
N ALA B 155 -22.90 12.84 22.88
CA ALA B 155 -23.49 11.68 22.26
C ALA B 155 -23.77 11.96 20.80
N PHE B 156 -24.01 10.88 20.07
CA PHE B 156 -24.28 10.94 18.65
C PHE B 156 -25.24 9.83 18.23
N VAL B 157 -25.79 9.97 17.03
CA VAL B 157 -26.68 8.98 16.46
C VAL B 157 -26.29 8.72 14.98
N ASP B 158 -26.53 9.69 14.09
CA ASP B 158 -26.15 9.58 12.68
C ASP B 158 -26.63 10.78 11.92
N LYS B 159 -26.22 10.92 10.67
CA LYS B 159 -26.62 12.04 9.88
C LYS B 159 -28.13 12.07 9.71
N PRO B 160 -28.80 13.04 10.37
CA PRO B 160 -30.25 13.23 10.34
C PRO B 160 -30.66 13.59 8.92
N VAL B 161 -30.51 12.63 8.01
CA VAL B 161 -30.84 12.90 6.62
C VAL B 161 -31.28 11.71 5.74
N SER B 162 -31.69 12.09 4.55
CA SER B 162 -32.16 11.22 3.48
C SER B 162 -32.30 9.70 3.63
N PRO B 163 -31.20 8.95 3.81
CA PRO B 163 -31.41 7.49 3.96
C PRO B 163 -31.34 7.02 5.38
N TYR B 164 -30.41 7.62 6.12
CA TYR B 164 -30.12 7.29 7.51
C TYR B 164 -31.26 7.60 8.46
N MET B 165 -31.69 8.85 8.42
CA MET B 165 -32.75 9.36 9.27
C MET B 165 -34.06 8.73 8.94
N TYR B 166 -34.97 8.73 9.91
CA TYR B 166 -36.30 8.21 9.66
C TYR B 166 -37.01 9.22 8.79
N ILE B 167 -36.67 9.11 7.49
CA ILE B 167 -37.23 9.89 6.38
C ILE B 167 -38.65 10.05 6.84
N SER B 168 -39.23 11.23 6.75
CA SER B 168 -40.60 11.33 7.22
C SER B 168 -41.58 10.30 6.61
N PRO B 169 -41.81 9.13 7.28
CA PRO B 169 -42.77 8.27 6.60
C PRO B 169 -44.02 8.94 7.15
N PRO B 170 -44.48 8.58 8.39
CA PRO B 170 -45.67 9.35 8.75
C PRO B 170 -45.03 10.64 9.24
N GLU B 171 -45.61 11.79 8.92
CA GLU B 171 -45.02 13.03 9.41
C GLU B 171 -44.99 13.01 10.94
N ALA B 172 -45.71 12.05 11.52
CA ALA B 172 -45.77 11.85 12.97
C ALA B 172 -44.54 11.14 13.50
N LEU B 173 -43.53 10.97 12.65
CA LEU B 173 -42.33 10.26 13.07
C LEU B 173 -41.00 11.03 13.14
N GLU B 174 -41.06 12.33 13.41
CA GLU B 174 -39.83 13.08 13.57
C GLU B 174 -39.44 12.89 15.03
N ASN B 175 -40.11 11.91 15.62
CA ASN B 175 -39.94 11.45 17.00
C ASN B 175 -40.14 9.91 16.88
N PRO B 176 -39.13 9.23 16.30
CA PRO B 176 -38.84 7.85 15.98
C PRO B 176 -39.53 6.68 16.65
N CYS B 177 -39.03 5.48 16.31
CA CYS B 177 -39.47 4.18 16.84
C CYS B 177 -40.90 4.24 17.36
N TYR B 178 -41.75 4.80 16.51
CA TYR B 178 -43.16 4.94 16.76
C TYR B 178 -43.90 3.92 15.89
N ASP B 179 -43.19 3.37 14.91
CA ASP B 179 -43.74 2.32 14.07
C ASP B 179 -43.45 1.01 14.83
N MET B 180 -43.53 1.11 16.15
CA MET B 180 -43.30 0.01 17.08
C MET B 180 -43.73 0.47 18.48
N LYS B 181 -43.40 1.74 18.78
CA LYS B 181 -43.69 2.43 20.05
C LYS B 181 -42.81 2.29 21.28
N THR B 182 -42.11 3.38 21.57
CA THR B 182 -41.21 3.51 22.71
C THR B 182 -40.89 5.00 22.82
N THR B 183 -41.45 5.78 21.90
CA THR B 183 -41.27 7.22 21.84
C THR B 183 -39.83 7.76 21.94
N CYS B 184 -38.85 6.98 21.49
CA CYS B 184 -37.44 7.40 21.51
C CYS B 184 -37.35 8.69 20.74
N LEU B 185 -36.81 9.71 21.37
CA LEU B 185 -36.68 11.04 20.76
C LEU B 185 -35.92 11.05 19.44
N PRO B 186 -36.13 12.10 18.62
CA PRO B 186 -35.49 12.27 17.30
C PRO B 186 -34.00 12.03 17.30
N MET B 187 -33.48 11.63 16.13
CA MET B 187 -32.07 11.38 15.97
C MET B 187 -31.41 12.75 15.81
N PHE B 188 -30.11 12.83 16.11
CA PHE B 188 -29.40 14.10 16.07
C PHE B 188 -28.04 14.24 15.36
N GLY B 189 -27.25 13.18 15.30
CA GLY B 189 -25.94 13.32 14.65
C GLY B 189 -24.87 13.34 15.72
N TYR B 190 -24.65 14.51 16.32
CA TYR B 190 -23.67 14.68 17.42
C TYR B 190 -24.01 15.89 18.24
N LYS B 191 -24.35 15.62 19.49
CA LYS B 191 -24.71 16.65 20.43
C LYS B 191 -23.71 16.64 21.58
N HIS B 192 -23.23 17.83 21.96
CA HIS B 192 -22.31 17.96 23.08
C HIS B 192 -23.11 18.32 24.32
N VAL B 193 -23.28 17.35 25.22
CA VAL B 193 -24.06 17.57 26.43
C VAL B 193 -23.36 18.17 27.65
N LEU B 194 -22.13 17.75 27.95
CA LEU B 194 -21.42 18.24 29.14
C LEU B 194 -19.90 18.46 29.00
N THR B 195 -19.46 19.72 29.10
CA THR B 195 -18.03 20.05 29.00
C THR B 195 -17.24 19.45 30.17
N LEU B 196 -15.96 19.17 29.95
CA LEU B 196 -15.07 18.58 30.96
C LEU B 196 -15.01 19.37 32.26
N THR B 197 -15.49 18.79 33.35
CA THR B 197 -15.48 19.51 34.61
C THR B 197 -14.97 18.71 35.80
N ASP B 198 -15.08 19.31 36.99
CA ASP B 198 -14.65 18.70 38.24
C ASP B 198 -15.73 17.85 38.91
N GLN B 199 -16.95 18.39 38.99
CA GLN B 199 -18.09 17.71 39.63
C GLN B 199 -18.52 16.42 38.98
N VAL B 200 -18.26 15.31 39.64
CA VAL B 200 -18.62 14.01 39.11
C VAL B 200 -20.09 13.73 39.37
N THR B 201 -20.65 14.37 40.40
CA THR B 201 -22.05 14.19 40.75
C THR B 201 -22.93 14.88 39.71
N ARG B 202 -22.47 16.04 39.26
CA ARG B 202 -23.17 16.81 38.24
C ARG B 202 -23.08 16.01 36.93
N PHE B 203 -22.03 15.22 36.81
CA PHE B 203 -21.79 14.36 35.65
C PHE B 203 -22.66 13.13 35.85
N ASN B 204 -22.58 12.53 37.04
CA ASN B 204 -23.36 11.33 37.41
C ASN B 204 -24.82 11.43 37.01
N GLU B 205 -25.35 12.65 37.05
CA GLU B 205 -26.75 12.90 36.73
C GLU B 205 -27.11 13.17 35.27
N GLU B 206 -26.53 14.21 34.67
CA GLU B 206 -26.85 14.55 33.28
C GLU B 206 -26.68 13.35 32.36
N VAL B 207 -25.91 12.38 32.82
CA VAL B 207 -25.61 11.16 32.10
C VAL B 207 -26.74 10.13 32.23
N LYS B 208 -27.61 10.33 33.23
CA LYS B 208 -28.74 9.45 33.47
C LYS B 208 -29.96 9.98 32.71
N LYS B 209 -29.90 11.25 32.34
CA LYS B 209 -30.98 11.91 31.60
C LYS B 209 -31.01 11.47 30.13
N GLN B 210 -29.86 11.05 29.64
CA GLN B 210 -29.72 10.63 28.25
C GLN B 210 -30.44 9.32 27.95
N SER B 211 -31.03 9.25 26.76
CA SER B 211 -31.74 8.07 26.29
C SER B 211 -31.51 7.79 24.80
N VAL B 212 -31.88 6.59 24.39
CA VAL B 212 -31.73 6.13 23.02
C VAL B 212 -32.67 6.80 22.02
N SER B 213 -32.15 7.10 20.83
CA SER B 213 -32.90 7.70 19.73
C SER B 213 -33.05 6.55 18.73
N ARG B 214 -33.04 6.81 17.42
CA ARG B 214 -33.19 5.70 16.49
C ARG B 214 -33.13 6.06 15.02
N ASN B 215 -32.39 5.26 14.24
CA ASN B 215 -32.32 5.46 12.81
C ASN B 215 -32.42 4.10 12.09
N ARG B 216 -32.17 4.04 10.77
CA ARG B 216 -32.31 2.76 10.10
C ARG B 216 -31.06 2.00 9.67
N ASP B 217 -29.94 2.70 9.53
CA ASP B 217 -28.69 2.10 9.10
C ASP B 217 -27.96 1.41 10.23
N ALA B 218 -27.39 0.23 9.97
CA ALA B 218 -26.61 -0.47 11.01
C ALA B 218 -25.41 0.41 11.35
N PRO B 219 -24.59 0.80 10.35
CA PRO B 219 -23.45 1.66 10.64
C PRO B 219 -23.99 2.98 11.18
N GLU B 220 -23.25 3.58 12.11
CA GLU B 220 -23.74 4.80 12.74
C GLU B 220 -22.94 6.09 12.62
N GLY B 221 -21.89 6.09 11.83
CA GLY B 221 -21.10 7.31 11.74
C GLY B 221 -20.43 7.51 13.09
N GLY B 222 -20.62 8.69 13.69
CA GLY B 222 -19.97 8.89 14.98
C GLY B 222 -18.49 9.25 14.78
N PHE B 223 -17.91 8.84 13.65
CA PHE B 223 -16.55 9.20 13.34
C PHE B 223 -16.64 10.71 13.25
N ASP B 224 -17.82 11.17 12.84
CA ASP B 224 -18.16 12.58 12.72
C ASP B 224 -18.01 13.23 14.10
N ALA B 225 -18.35 12.48 15.16
CA ALA B 225 -18.24 12.96 16.55
C ALA B 225 -16.76 12.96 17.01
N ILE B 226 -16.08 11.84 16.81
CA ILE B 226 -14.67 11.67 17.16
C ILE B 226 -13.92 12.89 16.65
N MET B 227 -14.30 13.32 15.45
CA MET B 227 -13.69 14.46 14.81
C MET B 227 -13.97 15.79 15.50
N GLN B 228 -15.25 16.10 15.71
CA GLN B 228 -15.63 17.37 16.34
C GLN B 228 -15.16 17.44 17.78
N ALA B 229 -15.15 16.27 18.43
CA ALA B 229 -14.70 16.18 19.80
C ALA B 229 -13.24 16.60 19.82
N THR B 230 -12.52 16.24 18.76
CA THR B 230 -11.10 16.59 18.65
C THR B 230 -10.81 18.04 18.26
N VAL B 231 -11.45 18.55 17.22
CA VAL B 231 -11.17 19.91 16.78
C VAL B 231 -11.94 21.05 17.43
N CYS B 232 -12.83 20.72 18.36
CA CYS B 232 -13.60 21.75 19.05
C CYS B 232 -13.07 21.84 20.48
N ASP B 233 -11.80 22.20 20.58
CA ASP B 233 -11.12 22.32 21.86
C ASP B 233 -11.75 23.29 22.83
N GLU B 234 -12.26 24.39 22.31
CA GLU B 234 -12.91 25.42 23.13
C GLU B 234 -14.14 24.86 23.81
N LYS B 235 -15.08 24.43 22.98
CA LYS B 235 -16.32 23.85 23.43
C LYS B 235 -16.04 22.68 24.41
N ILE B 236 -15.24 21.68 24.02
CA ILE B 236 -14.95 20.51 24.87
C ILE B 236 -14.13 20.77 26.17
N GLY B 237 -13.33 21.84 26.15
CA GLY B 237 -12.53 22.19 27.31
C GLY B 237 -11.30 21.31 27.48
N TRP B 238 -10.52 21.16 26.42
CA TRP B 238 -9.31 20.34 26.44
C TRP B 238 -8.17 21.16 27.04
N ARG B 239 -7.70 20.74 28.20
CA ARG B 239 -6.61 21.43 28.90
C ARG B 239 -5.26 21.10 28.31
N ASN B 240 -4.61 22.09 27.70
CA ASN B 240 -3.29 21.87 27.11
C ASN B 240 -2.25 21.80 28.21
N ASP B 241 -2.25 20.67 28.91
CA ASP B 241 -1.35 20.40 30.02
C ASP B 241 -1.71 19.08 30.68
N ALA B 242 -2.85 18.50 30.29
CA ALA B 242 -3.30 17.23 30.85
C ALA B 242 -3.30 16.11 29.82
N SER B 243 -3.38 14.87 30.30
CA SER B 243 -3.41 13.70 29.41
C SER B 243 -4.85 13.58 28.86
N HIS B 244 -5.00 13.87 27.57
CA HIS B 244 -6.30 13.84 26.88
C HIS B 244 -6.80 12.47 26.45
N LEU B 245 -8.01 12.10 26.90
CA LEU B 245 -8.58 10.83 26.51
C LEU B 245 -9.94 11.00 25.83
N LEU B 246 -10.26 10.10 24.90
CA LEU B 246 -11.52 10.10 24.17
C LEU B 246 -12.05 8.66 24.06
N VAL B 247 -13.06 8.35 24.87
CA VAL B 247 -13.65 7.02 24.85
C VAL B 247 -14.80 6.99 23.87
N PHE B 248 -14.78 5.99 22.99
CA PHE B 248 -15.80 5.82 21.98
C PHE B 248 -16.57 4.52 22.29
N THR B 249 -17.77 4.66 22.86
CA THR B 249 -18.57 3.49 23.19
C THR B 249 -19.67 3.28 22.15
N THR B 250 -19.64 2.13 21.48
CA THR B 250 -20.64 1.85 20.48
C THR B 250 -21.09 0.41 20.50
N ASP B 251 -22.28 0.25 19.94
CA ASP B 251 -23.04 -0.98 19.79
C ASP B 251 -22.64 -1.83 18.58
N ALA B 252 -22.40 -1.17 17.45
CA ALA B 252 -22.05 -1.87 16.20
C ALA B 252 -21.17 -1.14 15.18
N LYS B 253 -21.38 -1.43 13.90
CA LYS B 253 -20.63 -0.84 12.80
C LYS B 253 -20.56 0.68 12.84
N THR B 254 -19.95 1.23 11.79
CA THR B 254 -19.77 2.67 11.66
C THR B 254 -19.66 3.19 10.23
N HIS B 255 -20.08 4.42 10.01
CA HIS B 255 -19.93 5.00 8.69
C HIS B 255 -18.55 5.56 8.58
N ILE B 256 -17.89 5.24 7.47
CA ILE B 256 -16.57 5.73 7.17
C ILE B 256 -16.77 6.80 6.09
N ALA B 257 -15.68 7.40 5.62
CA ALA B 257 -15.79 8.43 4.60
C ALA B 257 -16.22 7.81 3.27
N LEU B 258 -17.02 8.59 2.54
CA LEU B 258 -17.61 8.27 1.23
C LEU B 258 -19.02 7.72 1.32
N ASP B 259 -19.32 7.07 2.45
CA ASP B 259 -20.63 6.51 2.75
C ASP B 259 -21.76 7.51 2.52
N GLY B 260 -21.46 8.78 2.73
CA GLY B 260 -22.47 9.81 2.59
C GLY B 260 -22.82 10.24 1.20
N ARG B 261 -22.37 9.50 0.18
CA ARG B 261 -22.71 9.89 -1.18
C ARG B 261 -24.16 9.50 -1.39
N LEU B 262 -24.55 8.38 -0.77
CA LEU B 262 -25.91 7.88 -0.88
C LEU B 262 -26.82 9.00 -0.44
N ALA B 263 -26.53 9.55 0.73
CA ALA B 263 -27.30 10.65 1.28
C ALA B 263 -27.25 11.89 0.39
N GLY B 264 -26.49 11.82 -0.69
CA GLY B 264 -26.37 12.95 -1.59
C GLY B 264 -25.30 13.94 -1.15
N ILE B 265 -24.48 13.55 -0.17
CA ILE B 265 -23.40 14.40 0.34
C ILE B 265 -22.06 14.10 -0.34
N VAL B 266 -21.55 15.08 -1.06
CA VAL B 266 -20.34 14.90 -1.82
C VAL B 266 -19.15 15.77 -1.45
N GLN B 267 -19.26 16.47 -0.33
CA GLN B 267 -18.21 17.35 0.14
C GLN B 267 -17.42 16.72 1.28
N PRO B 268 -16.07 16.68 1.15
CA PRO B 268 -15.14 16.10 2.13
C PRO B 268 -15.08 16.85 3.45
N ASN B 269 -14.87 16.09 4.53
CA ASN B 269 -14.77 16.66 5.87
C ASN B 269 -13.53 17.57 5.93
N ASP B 270 -13.74 18.82 6.33
CA ASP B 270 -12.65 19.79 6.40
C ASP B 270 -11.86 19.80 7.69
N GLY B 271 -12.06 18.80 8.54
CA GLY B 271 -11.34 18.76 9.80
C GLY B 271 -11.45 20.08 10.55
N GLN B 272 -12.55 20.80 10.32
CA GLN B 272 -12.79 22.08 10.98
C GLN B 272 -13.79 21.87 12.10
N CYS B 273 -13.91 22.85 12.99
CA CYS B 273 -14.90 22.73 14.07
C CYS B 273 -16.16 23.45 13.61
N HIS B 274 -17.26 22.70 13.60
CA HIS B 274 -18.58 23.21 13.21
C HIS B 274 -19.60 22.89 14.32
N VAL B 275 -19.28 23.26 15.56
CA VAL B 275 -20.18 23.02 16.69
C VAL B 275 -20.34 24.31 17.48
N GLY B 276 -21.42 25.04 17.20
CA GLY B 276 -21.69 26.31 17.86
C GLY B 276 -22.45 26.34 19.19
N SER B 277 -23.26 27.38 19.35
CA SER B 277 -24.06 27.60 20.55
C SER B 277 -25.05 26.49 20.90
N ASP B 278 -25.78 25.99 19.92
CA ASP B 278 -26.75 24.93 20.16
C ASP B 278 -26.13 23.57 20.41
N ASN B 279 -24.80 23.55 20.54
CA ASN B 279 -24.03 22.34 20.82
C ASN B 279 -24.40 21.13 19.94
N HIS B 280 -24.49 21.38 18.64
CA HIS B 280 -24.80 20.36 17.66
C HIS B 280 -23.94 20.60 16.42
N TYR B 281 -23.36 19.52 15.88
CA TYR B 281 -22.51 19.57 14.68
C TYR B 281 -23.36 20.02 13.49
N SER B 282 -23.27 21.30 13.16
CA SER B 282 -24.08 21.86 12.08
C SER B 282 -23.85 21.31 10.68
N ALA B 283 -22.60 21.18 10.28
CA ALA B 283 -22.31 20.68 8.95
C ALA B 283 -22.62 19.19 8.84
N SER B 284 -23.23 18.60 9.89
CA SER B 284 -23.57 17.18 9.91
C SER B 284 -24.27 16.72 8.66
N THR B 285 -25.28 17.47 8.27
CA THR B 285 -26.07 17.15 7.09
C THR B 285 -25.48 17.68 5.77
N THR B 286 -24.51 18.59 5.84
CA THR B 286 -23.93 19.17 4.64
C THR B 286 -22.52 18.69 4.27
N MET B 287 -21.95 17.77 5.04
CA MET B 287 -20.57 17.34 4.79
C MET B 287 -20.25 15.91 5.26
N ASP B 288 -19.65 15.12 4.36
CA ASP B 288 -19.32 13.71 4.60
C ASP B 288 -18.63 13.38 5.93
N TYR B 289 -18.55 12.07 6.20
CA TYR B 289 -17.90 11.55 7.39
C TYR B 289 -16.41 11.73 7.15
N PRO B 290 -15.61 11.90 8.22
CA PRO B 290 -14.16 12.09 8.14
C PRO B 290 -13.40 10.77 7.85
N SER B 291 -12.29 10.85 7.12
CA SER B 291 -11.55 9.64 6.81
C SER B 291 -10.57 9.28 7.90
N LEU B 292 -10.09 8.03 7.86
CA LEU B 292 -9.13 7.56 8.85
C LEU B 292 -7.90 8.47 8.93
N GLY B 293 -7.52 9.05 7.80
CA GLY B 293 -6.38 9.93 7.75
C GLY B 293 -6.57 11.24 8.48
N LEU B 294 -7.65 11.94 8.15
CA LEU B 294 -7.94 13.23 8.78
C LEU B 294 -8.11 13.04 10.29
N MET B 295 -8.78 11.97 10.67
CA MET B 295 -8.98 11.71 12.09
C MET B 295 -7.60 11.59 12.68
N THR B 296 -6.85 10.63 12.14
CA THR B 296 -5.49 10.37 12.56
C THR B 296 -4.76 11.68 12.77
N GLU B 297 -4.65 12.46 11.69
CA GLU B 297 -3.98 13.75 11.74
C GLU B 297 -4.46 14.63 12.90
N LYS B 298 -5.73 15.03 12.88
CA LYS B 298 -6.28 15.89 13.93
C LYS B 298 -6.15 15.26 15.31
N LEU B 299 -6.25 13.95 15.37
CA LEU B 299 -6.16 13.23 16.62
C LEU B 299 -4.78 13.44 17.20
N SER B 300 -3.76 13.39 16.35
CA SER B 300 -2.40 13.55 16.79
C SER B 300 -1.96 15.00 17.01
N GLN B 301 -2.57 15.93 16.30
CA GLN B 301 -2.22 17.34 16.45
C GLN B 301 -2.70 17.87 17.77
N LYS B 302 -3.96 17.63 18.07
CA LYS B 302 -4.56 18.10 19.32
C LYS B 302 -4.17 17.19 20.50
N ASN B 303 -3.17 16.35 20.29
CA ASN B 303 -2.67 15.44 21.31
C ASN B 303 -3.80 14.71 22.06
N ILE B 304 -4.67 14.03 21.31
CA ILE B 304 -5.79 13.30 21.89
C ILE B 304 -5.69 11.77 21.66
N ASN B 305 -6.12 10.98 22.65
CA ASN B 305 -6.09 9.53 22.59
C ASN B 305 -7.46 8.89 22.44
N LEU B 306 -7.68 8.20 21.32
CA LEU B 306 -8.96 7.56 21.10
C LEU B 306 -8.99 6.17 21.70
N ILE B 307 -10.01 5.93 22.52
CA ILE B 307 -10.20 4.64 23.16
C ILE B 307 -11.47 4.06 22.53
N PHE B 308 -11.47 2.77 22.26
CA PHE B 308 -12.63 2.13 21.65
C PHE B 308 -13.34 1.19 22.61
N ALA B 309 -14.17 1.74 23.48
CA ALA B 309 -14.90 0.92 24.44
C ALA B 309 -16.14 0.41 23.71
N VAL B 310 -16.02 -0.73 23.06
CA VAL B 310 -17.15 -1.25 22.30
C VAL B 310 -17.57 -2.64 22.77
N THR B 311 -18.81 -3.02 22.45
CA THR B 311 -19.40 -4.31 22.82
C THR B 311 -18.77 -5.47 22.07
N GLU B 312 -18.70 -6.63 22.73
CA GLU B 312 -18.06 -7.85 22.19
C GLU B 312 -18.26 -8.18 20.70
N ASN B 313 -19.51 -8.39 20.29
CA ASN B 313 -19.86 -8.70 18.91
C ASN B 313 -19.09 -7.91 17.85
N VAL B 314 -18.75 -6.66 18.18
CA VAL B 314 -18.08 -5.77 17.26
C VAL B 314 -16.62 -5.37 17.60
N VAL B 315 -15.98 -6.09 18.53
CA VAL B 315 -14.61 -5.76 18.94
C VAL B 315 -13.51 -5.82 17.87
N ASN B 316 -13.28 -7.02 17.34
CA ASN B 316 -12.27 -7.26 16.31
C ASN B 316 -12.29 -6.22 15.21
N LEU B 317 -13.47 -5.62 15.01
CA LEU B 317 -13.67 -4.59 14.00
C LEU B 317 -12.91 -3.34 14.42
N TYR B 318 -13.10 -2.90 15.66
CA TYR B 318 -12.43 -1.72 16.14
C TYR B 318 -10.96 -1.97 16.48
N GLN B 319 -10.61 -3.25 16.58
CA GLN B 319 -9.24 -3.67 16.83
C GLN B 319 -8.53 -3.49 15.49
N ASN B 320 -9.17 -3.98 14.44
CA ASN B 320 -8.66 -3.87 13.09
C ASN B 320 -8.64 -2.38 12.70
N TYR B 321 -9.62 -1.62 13.16
CA TYR B 321 -9.68 -0.19 12.88
C TYR B 321 -8.56 0.53 13.62
N SER B 322 -8.22 0.04 14.81
CA SER B 322 -7.17 0.68 15.59
C SER B 322 -5.79 0.45 14.99
N GLU B 323 -5.60 -0.68 14.32
CA GLU B 323 -4.32 -0.97 13.68
C GLU B 323 -3.98 0.12 12.63
N LEU B 324 -4.99 0.90 12.23
CA LEU B 324 -4.84 1.96 11.23
C LEU B 324 -4.80 3.36 11.78
N ILE B 325 -5.26 3.51 13.02
CA ILE B 325 -5.17 4.80 13.68
C ILE B 325 -4.25 4.37 14.82
N PRO B 326 -2.93 4.29 14.52
CA PRO B 326 -1.93 3.89 15.50
C PRO B 326 -1.98 4.77 16.74
N GLY B 327 -1.90 4.12 17.91
CA GLY B 327 -1.96 4.81 19.19
C GLY B 327 -3.34 4.74 19.80
N THR B 328 -4.22 4.02 19.11
CA THR B 328 -5.61 3.84 19.53
C THR B 328 -5.78 2.45 20.13
N THR B 329 -6.46 2.39 21.28
CA THR B 329 -6.71 1.13 21.98
C THR B 329 -8.18 0.73 22.06
N VAL B 330 -8.42 -0.57 22.07
CA VAL B 330 -9.77 -1.10 22.12
C VAL B 330 -10.10 -1.76 23.46
N GLY B 331 -11.22 -1.37 24.05
CA GLY B 331 -11.63 -1.96 25.31
C GLY B 331 -13.03 -2.55 25.25
N VAL B 332 -13.15 -3.82 25.66
CA VAL B 332 -14.43 -4.54 25.70
C VAL B 332 -15.36 -3.95 26.77
N LEU B 333 -16.65 -3.82 26.46
CA LEU B 333 -17.61 -3.25 27.41
C LEU B 333 -18.83 -4.17 27.52
N SER B 334 -18.61 -5.40 27.96
CA SER B 334 -19.71 -6.35 28.07
C SER B 334 -19.68 -7.29 29.27
N MET B 335 -20.80 -7.30 30.00
CA MET B 335 -21.06 -8.14 31.18
C MET B 335 -22.56 -7.91 31.20
N ASP B 336 -22.96 -6.80 31.78
CA ASP B 336 -24.34 -6.39 31.68
C ASP B 336 -24.00 -5.32 30.65
N SER B 337 -24.09 -4.04 30.99
CA SER B 337 -23.72 -3.02 30.01
C SER B 337 -24.09 -1.62 30.43
N SER B 338 -23.07 -0.85 30.78
CA SER B 338 -23.21 0.53 31.23
C SER B 338 -21.80 1.04 31.50
N ASN B 339 -20.91 0.06 31.58
CA ASN B 339 -19.44 0.12 31.80
C ASN B 339 -18.97 -1.14 32.53
N VAL B 340 -17.73 -1.56 32.23
CA VAL B 340 -17.10 -2.76 32.83
C VAL B 340 -15.57 -2.61 32.97
N LEU B 341 -15.04 -3.13 34.07
CA LEU B 341 -13.61 -3.13 34.43
C LEU B 341 -12.75 -1.88 34.19
N GLN B 342 -13.43 -0.74 33.98
CA GLN B 342 -12.80 0.56 33.75
C GLN B 342 -11.65 0.43 32.77
N LEU B 343 -12.02 0.15 31.52
CA LEU B 343 -11.06 -0.02 30.44
C LEU B 343 -10.15 1.18 30.51
N ILE B 344 -10.78 2.34 30.66
CA ILE B 344 -10.13 3.63 30.74
C ILE B 344 -8.83 3.56 31.51
N VAL B 345 -8.91 2.96 32.68
CA VAL B 345 -7.76 2.79 33.56
C VAL B 345 -6.73 1.93 32.87
N ASP B 346 -7.12 0.72 32.50
CA ASP B 346 -6.21 -0.22 31.84
C ASP B 346 -5.77 0.31 30.48
N ALA B 347 -6.60 1.17 29.90
CA ALA B 347 -6.33 1.74 28.59
C ALA B 347 -5.32 2.86 28.72
N TYR B 348 -5.63 3.81 29.59
CA TYR B 348 -4.73 4.94 29.82
C TYR B 348 -3.37 4.39 30.17
N GLY B 349 -3.39 3.31 30.95
CA GLY B 349 -2.16 2.65 31.32
C GLY B 349 -1.50 2.22 30.03
N LYS B 350 -2.23 1.44 29.23
CA LYS B 350 -1.72 0.93 27.95
C LYS B 350 -1.25 2.09 27.05
N ILE B 351 -2.10 3.08 26.82
CA ILE B 351 -1.75 4.25 25.99
C ILE B 351 -0.36 4.82 26.36
N ARG B 352 -0.08 4.91 27.66
CA ARG B 352 1.17 5.45 28.17
C ARG B 352 2.28 4.40 28.41
N SER B 353 2.21 3.30 27.67
CA SER B 353 3.19 2.23 27.81
C SER B 353 4.39 2.45 26.92
N LYS B 354 4.21 3.20 25.86
CA LYS B 354 5.30 3.48 24.95
C LYS B 354 5.53 4.96 24.74
N VAL B 355 6.75 5.28 24.31
CA VAL B 355 7.14 6.64 24.01
C VAL B 355 7.65 6.60 22.57
N GLU B 356 6.98 7.34 21.71
CA GLU B 356 7.36 7.39 20.30
C GLU B 356 7.57 8.83 19.88
N LEU B 357 8.74 9.08 19.30
CA LEU B 357 9.09 10.41 18.81
C LEU B 357 8.50 10.69 17.45
N GLU B 358 7.92 11.89 17.30
CA GLU B 358 7.30 12.26 16.03
C GLU B 358 7.72 13.63 15.55
N VAL B 359 8.44 13.64 14.44
CA VAL B 359 8.91 14.88 13.85
C VAL B 359 7.76 15.68 13.22
N ARG B 360 7.90 17.00 13.19
CA ARG B 360 6.88 17.89 12.66
C ARG B 360 7.54 19.07 11.94
N ASP B 361 7.31 19.21 10.65
CA ASP B 361 7.86 20.31 9.85
C ASP B 361 9.32 20.25 9.44
N LEU B 362 9.88 19.05 9.34
CA LEU B 362 11.28 18.92 8.98
C LEU B 362 11.60 19.21 7.52
N PRO B 363 12.47 20.22 7.25
CA PRO B 363 12.88 20.60 5.90
C PRO B 363 13.50 19.42 5.15
N GLU B 364 13.12 19.28 3.89
CA GLU B 364 13.58 18.19 3.03
C GLU B 364 15.07 17.82 3.12
N GLU B 365 15.94 18.82 3.05
CA GLU B 365 17.39 18.63 3.06
C GLU B 365 18.07 17.85 4.17
N LEU B 366 17.67 18.09 5.42
CA LEU B 366 18.26 17.39 6.55
C LEU B 366 17.49 16.13 6.99
N SER B 367 18.25 15.03 7.12
CA SER B 367 17.70 13.74 7.52
C SER B 367 18.08 13.43 8.95
N LEU B 368 17.14 12.86 9.69
CA LEU B 368 17.35 12.53 11.09
C LEU B 368 17.47 11.04 11.31
N SER B 369 18.51 10.64 12.03
CA SER B 369 18.77 9.24 12.35
C SER B 369 18.64 9.13 13.87
N PHE B 370 18.22 7.97 14.36
CA PHE B 370 18.03 7.77 15.79
C PHE B 370 18.69 6.54 16.41
N ASN B 371 18.85 6.61 17.73
CA ASN B 371 19.42 5.55 18.56
C ASN B 371 18.65 5.80 19.88
N ALA B 372 17.87 4.83 20.33
CA ALA B 372 17.10 5.04 21.54
C ALA B 372 17.48 4.15 22.70
N THR B 373 18.08 4.74 23.73
CA THR B 373 18.46 3.99 24.92
C THR B 373 17.22 3.94 25.85
N CYS B 374 16.54 2.80 25.82
CA CYS B 374 15.31 2.59 26.58
C CYS B 374 15.50 1.94 27.93
N LEU B 375 16.15 0.78 27.94
CA LEU B 375 16.40 0.07 29.18
C LEU B 375 17.82 0.33 29.65
N ASN B 376 17.93 0.90 30.85
CA ASN B 376 19.20 1.25 31.49
C ASN B 376 20.47 1.31 30.64
N ASN B 377 20.63 2.41 29.92
CA ASN B 377 21.83 2.62 29.10
C ASN B 377 22.19 1.48 28.15
N GLU B 378 21.18 0.74 27.68
CA GLU B 378 21.42 -0.38 26.77
C GLU B 378 21.70 0.17 25.39
N VAL B 379 20.96 1.22 25.03
CA VAL B 379 21.06 1.90 23.73
C VAL B 379 20.75 1.01 22.51
N ILE B 380 19.55 1.19 21.97
CA ILE B 380 19.10 0.45 20.80
C ILE B 380 19.19 1.38 19.61
N PRO B 381 20.07 1.09 18.65
CA PRO B 381 20.26 1.91 17.45
C PRO B 381 19.07 1.92 16.51
N GLY B 382 19.11 2.83 15.54
CA GLY B 382 18.08 2.95 14.54
C GLY B 382 16.62 2.84 14.97
N LEU B 383 16.29 3.38 16.14
CA LEU B 383 14.90 3.33 16.62
C LEU B 383 14.52 4.66 17.29
N LYS B 384 13.23 4.91 17.47
CA LYS B 384 12.80 6.16 18.10
C LYS B 384 11.53 5.98 18.88
N SER B 385 11.43 4.82 19.50
CA SER B 385 10.28 4.48 20.32
C SER B 385 10.67 3.39 21.30
N CYS B 386 10.18 3.53 22.53
CA CYS B 386 10.45 2.57 23.59
C CYS B 386 9.13 2.10 24.18
N MET B 387 8.93 0.80 24.26
CA MET B 387 7.70 0.26 24.80
C MET B 387 7.95 -0.53 26.08
N GLY B 388 6.88 -0.78 26.84
CA GLY B 388 6.99 -1.53 28.08
C GLY B 388 7.11 -0.62 29.30
N LEU B 389 7.08 0.68 29.06
CA LEU B 389 7.22 1.65 30.12
C LEU B 389 6.04 1.71 31.07
N LYS B 390 6.37 2.00 32.33
CA LYS B 390 5.38 2.17 33.38
C LYS B 390 5.48 3.67 33.66
N ILE B 391 4.36 4.30 34.01
CA ILE B 391 4.36 5.74 34.28
C ILE B 391 5.42 6.15 35.31
N GLY B 392 6.32 7.03 34.89
CA GLY B 392 7.37 7.50 35.78
C GLY B 392 8.75 7.28 35.19
N ASP B 393 8.89 6.24 34.38
CA ASP B 393 10.17 5.91 33.75
C ASP B 393 10.60 7.04 32.83
N THR B 394 11.91 7.17 32.64
CA THR B 394 12.48 8.20 31.77
C THR B 394 13.30 7.55 30.66
N VAL B 395 13.32 8.20 29.50
CA VAL B 395 14.07 7.70 28.35
C VAL B 395 14.81 8.78 27.56
N SER B 396 15.72 8.33 26.71
CA SER B 396 16.50 9.25 25.93
C SER B 396 16.87 8.69 24.55
N PHE B 397 16.70 9.52 23.53
CA PHE B 397 17.02 9.13 22.17
C PHE B 397 18.03 10.16 21.71
N SER B 398 18.95 9.74 20.87
CA SER B 398 19.93 10.66 20.35
C SER B 398 19.64 10.89 18.88
N ILE B 399 19.22 12.09 18.55
CA ILE B 399 18.94 12.46 17.18
C ILE B 399 20.25 12.90 16.54
N GLU B 400 20.29 12.93 15.22
CA GLU B 400 21.46 13.36 14.47
C GLU B 400 20.93 13.92 13.17
N ALA B 401 20.74 15.24 13.13
CA ALA B 401 20.24 15.91 11.94
C ALA B 401 21.39 16.06 10.94
N LYS B 402 21.06 16.23 9.66
CA LYS B 402 22.10 16.35 8.62
C LYS B 402 21.62 16.78 7.24
N VAL B 403 22.15 17.89 6.73
CA VAL B 403 21.78 18.37 5.41
C VAL B 403 22.59 17.69 4.36
N ARG B 404 22.17 17.92 3.12
CA ARG B 404 22.83 17.37 1.95
C ARG B 404 22.99 18.57 1.03
N GLY B 405 24.08 19.33 1.20
CA GLY B 405 24.29 20.52 0.40
C GLY B 405 23.26 21.50 0.86
N CYS B 406 23.63 22.39 1.77
CA CYS B 406 22.70 23.36 2.33
C CYS B 406 21.93 24.28 1.38
N PRO B 407 20.59 24.27 1.49
CA PRO B 407 19.64 25.05 0.69
C PRO B 407 19.71 26.53 1.07
N GLN B 408 18.60 27.24 0.87
CA GLN B 408 18.59 28.65 1.20
C GLN B 408 18.06 29.03 2.56
N GLU B 409 18.75 30.00 3.15
CA GLU B 409 18.47 30.50 4.48
C GLU B 409 17.06 30.88 4.84
N LYS B 410 16.82 30.78 6.14
CA LYS B 410 15.56 31.08 6.78
C LYS B 410 15.65 30.34 8.11
N GLU B 411 14.73 30.68 9.00
CA GLU B 411 14.65 30.08 10.33
C GLU B 411 14.49 28.57 10.24
N LYS B 412 13.48 28.14 9.49
CA LYS B 412 13.18 26.74 9.33
C LYS B 412 13.30 26.04 10.69
N SER B 413 12.35 26.34 11.55
CA SER B 413 12.30 25.71 12.86
C SER B 413 11.45 24.47 12.66
N PHE B 414 11.54 23.51 13.57
CA PHE B 414 10.73 22.31 13.47
C PHE B 414 10.70 21.59 14.78
N THR B 415 9.62 20.86 15.07
CA THR B 415 9.54 20.15 16.33
C THR B 415 9.80 18.67 16.26
N ILE B 416 10.07 18.11 17.43
CA ILE B 416 10.33 16.69 17.64
C ILE B 416 9.68 16.48 18.99
N LYS B 417 8.67 15.63 19.06
CA LYS B 417 7.99 15.45 20.32
C LYS B 417 7.41 14.07 20.49
N PRO B 418 7.17 13.65 21.74
CA PRO B 418 6.60 12.33 21.95
C PRO B 418 5.10 12.49 21.72
N VAL B 419 4.51 11.52 21.03
CA VAL B 419 3.10 11.54 20.74
C VAL B 419 2.28 11.64 22.03
N GLY B 420 1.17 12.35 21.96
CA GLY B 420 0.31 12.50 23.13
C GLY B 420 0.65 13.62 24.09
N PHE B 421 1.86 14.17 23.97
CA PHE B 421 2.30 15.26 24.86
C PHE B 421 2.45 16.65 24.20
N LYS B 422 2.29 17.69 25.02
CA LYS B 422 2.40 19.07 24.58
C LYS B 422 3.88 19.43 24.46
N ASP B 423 4.66 18.87 25.38
CA ASP B 423 6.10 19.07 25.46
C ASP B 423 6.81 18.68 24.18
N SER B 424 7.64 19.60 23.69
CA SER B 424 8.37 19.38 22.45
C SER B 424 9.71 20.08 22.40
N LEU B 425 10.66 19.44 21.74
CA LEU B 425 11.99 20.00 21.53
C LEU B 425 11.95 20.67 20.17
N ILE B 426 11.91 22.01 20.15
CA ILE B 426 11.89 22.75 18.89
C ILE B 426 13.33 23.00 18.47
N VAL B 427 13.63 22.77 17.20
CA VAL B 427 14.96 22.96 16.69
C VAL B 427 15.01 23.97 15.54
N GLN B 428 15.66 25.12 15.76
CA GLN B 428 15.79 26.16 14.73
C GLN B 428 17.03 25.89 13.88
N VAL B 429 16.83 25.65 12.58
CA VAL B 429 17.96 25.34 11.71
C VAL B 429 18.46 26.53 10.93
N THR B 430 19.77 26.53 10.65
CA THR B 430 20.43 27.57 9.88
C THR B 430 21.57 26.90 9.12
N PHE B 431 21.99 27.49 8.01
CA PHE B 431 23.06 26.89 7.20
C PHE B 431 24.18 27.85 6.79
N ASP B 432 25.42 27.40 6.98
CA ASP B 432 26.61 28.15 6.60
C ASP B 432 27.06 27.73 5.21
N CYS B 433 26.71 28.53 4.21
CA CYS B 433 27.07 28.24 2.84
C CYS B 433 27.57 29.53 2.22
N ASP B 434 27.91 30.50 3.07
CA ASP B 434 28.38 31.81 2.62
C ASP B 434 29.72 32.19 3.24
N LYS B 532 25.50 14.65 -19.19
CA LYS B 532 25.51 13.67 -20.28
C LYS B 532 25.53 12.24 -19.73
N GLY B 533 26.20 12.04 -18.59
CA GLY B 533 26.29 10.72 -17.98
C GLY B 533 27.19 10.63 -16.75
N GLU B 534 26.57 10.60 -15.57
CA GLU B 534 27.31 10.52 -14.30
C GLU B 534 27.32 9.08 -13.78
N MET B 535 28.51 8.47 -13.68
CA MET B 535 28.63 7.08 -13.22
C MET B 535 28.56 6.78 -11.73
N CYS B 536 28.24 7.80 -10.91
CA CYS B 536 28.14 7.64 -9.46
C CYS B 536 27.03 6.66 -9.10
N SER B 537 26.10 6.50 -10.04
CA SER B 537 24.94 5.67 -9.89
C SER B 537 25.08 4.16 -9.69
N GLY B 538 23.97 3.51 -10.04
CA GLY B 538 23.76 2.07 -9.95
C GLY B 538 22.26 2.04 -9.67
N HIS B 539 21.70 3.23 -9.44
CA HIS B 539 20.30 3.52 -9.15
C HIS B 539 19.88 3.48 -7.67
N GLY B 540 18.57 3.56 -7.43
CA GLY B 540 18.04 3.52 -6.08
C GLY B 540 18.46 4.71 -5.22
N GLN B 541 17.78 5.85 -5.42
CA GLN B 541 18.02 7.10 -4.67
C GLN B 541 19.45 7.64 -4.60
N CYS B 542 20.38 7.02 -5.32
CA CYS B 542 21.77 7.46 -5.34
C CYS B 542 22.04 8.69 -6.21
N SER B 543 22.29 9.83 -5.55
CA SER B 543 22.60 11.10 -6.22
C SER B 543 24.05 11.08 -6.78
N CYS B 544 24.62 12.24 -7.12
CA CYS B 544 25.97 12.24 -7.67
C CYS B 544 27.17 12.85 -6.94
N GLY B 545 28.30 12.88 -7.65
CA GLY B 545 29.56 13.33 -7.08
C GLY B 545 30.10 11.95 -6.73
N ASP B 546 29.23 11.17 -6.05
CA ASP B 546 29.39 9.77 -5.58
C ASP B 546 28.38 9.33 -4.49
N CYS B 547 27.16 8.93 -4.91
CA CYS B 547 26.07 8.45 -4.02
C CYS B 547 25.76 9.21 -2.73
N LEU B 548 24.72 10.04 -2.77
CA LEU B 548 24.28 10.83 -1.61
C LEU B 548 22.81 10.55 -1.29
N CYS B 549 22.58 9.37 -0.70
CA CYS B 549 21.25 8.90 -0.34
C CYS B 549 20.33 9.95 0.29
N ASP B 550 19.05 9.90 -0.11
CA ASP B 550 18.04 10.83 0.39
C ASP B 550 17.67 10.47 1.82
N SER B 551 16.73 11.21 2.39
CA SER B 551 16.28 10.94 3.75
C SER B 551 15.68 9.55 3.82
N ASP B 552 15.93 8.87 4.92
CA ASP B 552 15.39 7.54 5.14
C ASP B 552 15.94 6.48 4.20
N TRP B 553 17.20 6.66 3.80
CA TRP B 553 17.90 5.72 2.91
C TRP B 553 19.40 5.77 3.21
N THR B 554 19.95 4.67 3.66
CA THR B 554 21.37 4.58 3.98
C THR B 554 22.07 3.71 2.94
N GLY B 555 23.21 3.12 3.29
CA GLY B 555 23.92 2.26 2.36
C GLY B 555 24.59 2.90 1.16
N TYR B 556 25.60 2.21 0.65
CA TYR B 556 26.40 2.64 -0.50
C TYR B 556 25.54 2.84 -1.72
N TYR B 557 24.75 1.83 -2.04
CA TYR B 557 23.87 1.89 -3.19
C TYR B 557 22.62 2.69 -2.90
N CYS B 558 22.39 2.92 -1.60
CA CYS B 558 21.21 3.64 -1.10
C CYS B 558 19.98 2.72 -1.10
N ASN B 559 20.21 1.41 -1.06
CA ASN B 559 19.11 0.47 -1.03
C ASN B 559 18.61 0.19 0.39
N CYS B 560 19.43 0.50 1.39
CA CYS B 560 19.03 0.26 2.77
C CYS B 560 18.14 1.34 3.36
N THR B 561 17.11 0.92 4.09
CA THR B 561 16.15 1.82 4.73
C THR B 561 16.43 2.03 6.20
N THR B 562 15.95 3.17 6.70
CA THR B 562 16.08 3.53 8.10
C THR B 562 14.80 3.08 8.80
N ARG B 563 13.81 2.71 8.00
CA ARG B 563 12.51 2.23 8.48
C ARG B 563 12.63 0.97 9.33
N THR B 564 11.85 0.94 10.40
CA THR B 564 11.86 -0.21 11.29
C THR B 564 10.42 -0.65 11.51
N ASP B 565 9.47 0.05 10.88
CA ASP B 565 8.05 -0.27 11.03
C ASP B 565 7.71 -1.65 10.48
N THR B 566 8.34 -2.00 9.37
CA THR B 566 8.08 -3.28 8.72
C THR B 566 8.72 -4.45 9.46
N CYS B 567 9.41 -4.14 10.55
CA CYS B 567 10.07 -5.15 11.36
C CYS B 567 9.22 -5.52 12.58
N MET B 568 8.15 -4.76 12.81
CA MET B 568 7.33 -4.97 13.98
C MET B 568 6.21 -5.99 14.00
N SER B 569 6.31 -6.82 15.03
CA SER B 569 5.42 -7.93 15.34
C SER B 569 3.97 -7.59 15.75
N SER B 570 3.21 -8.64 16.03
CA SER B 570 1.81 -8.57 16.48
C SER B 570 1.77 -7.95 17.88
N ASN B 571 2.72 -8.37 18.71
CA ASN B 571 2.83 -7.86 20.08
C ASN B 571 3.47 -6.47 20.11
N GLY B 572 4.05 -6.07 18.99
CA GLY B 572 4.68 -4.76 18.89
C GLY B 572 6.17 -4.76 19.16
N LEU B 573 6.74 -5.94 19.44
CA LEU B 573 8.17 -6.01 19.70
C LEU B 573 8.92 -6.27 18.39
N LEU B 574 10.03 -5.53 18.23
CA LEU B 574 10.89 -5.60 17.06
C LEU B 574 11.35 -7.04 16.81
N CYS B 575 10.87 -7.63 15.71
CA CYS B 575 11.21 -9.00 15.32
C CYS B 575 10.84 -10.05 16.37
N SER B 576 9.68 -9.89 17.00
CA SER B 576 9.24 -10.84 18.04
C SER B 576 10.28 -11.00 19.14
N GLY B 577 11.19 -10.02 19.25
CA GLY B 577 12.23 -10.07 20.25
C GLY B 577 13.22 -11.22 20.06
N ARG B 578 13.52 -11.56 18.80
CA ARG B 578 14.45 -12.63 18.52
C ARG B 578 15.47 -12.29 17.44
N GLY B 579 15.33 -11.11 16.85
CA GLY B 579 16.24 -10.69 15.79
C GLY B 579 16.34 -9.19 15.67
N LYS B 580 17.25 -8.73 14.82
CA LYS B 580 17.47 -7.30 14.61
C LYS B 580 16.89 -6.84 13.29
N CYS B 581 16.43 -5.60 13.23
CA CYS B 581 15.87 -5.07 11.99
C CYS B 581 17.07 -4.67 11.15
N GLU B 582 17.12 -5.12 9.90
CA GLU B 582 18.21 -4.79 8.99
C GLU B 582 17.65 -4.33 7.66
N CYS B 583 17.64 -3.02 7.48
CA CYS B 583 17.10 -2.39 6.28
C CYS B 583 15.61 -2.75 6.16
N GLY B 584 14.87 -2.49 7.23
CA GLY B 584 13.45 -2.78 7.24
C GLY B 584 13.14 -4.26 7.24
N SER B 585 14.14 -5.11 7.48
CA SER B 585 13.92 -6.54 7.48
C SER B 585 14.70 -7.23 8.57
N CYS B 586 13.99 -8.03 9.35
CA CYS B 586 14.60 -8.78 10.42
C CYS B 586 15.53 -9.86 9.87
N VAL B 587 16.57 -10.14 10.63
CA VAL B 587 17.52 -11.18 10.30
C VAL B 587 17.60 -11.80 11.67
N CYS B 588 16.86 -12.89 11.82
CA CYS B 588 16.76 -13.60 13.09
C CYS B 588 18.03 -14.08 13.79
N ILE B 589 18.21 -13.66 15.05
CA ILE B 589 19.34 -14.08 15.89
C ILE B 589 18.81 -15.45 16.33
N GLN B 590 18.80 -16.33 15.35
CA GLN B 590 18.30 -17.72 15.32
C GLN B 590 18.33 -18.76 16.46
N PRO B 591 17.37 -18.68 17.41
CA PRO B 591 17.43 -19.71 18.45
C PRO B 591 16.63 -20.89 17.86
N GLY B 592 16.65 -21.00 16.52
CA GLY B 592 15.92 -22.03 15.78
C GLY B 592 14.66 -21.45 15.15
N SER B 593 14.73 -20.17 14.81
CA SER B 593 13.61 -19.42 14.25
C SER B 593 13.76 -18.87 12.84
N TYR B 594 12.64 -18.33 12.38
CA TYR B 594 12.51 -17.74 11.06
C TYR B 594 11.17 -17.02 11.00
N GLY B 595 10.77 -16.61 9.81
CA GLY B 595 9.52 -15.91 9.67
C GLY B 595 9.83 -14.45 9.44
N ASP B 596 8.91 -13.77 8.76
CA ASP B 596 9.03 -12.36 8.44
C ASP B 596 9.59 -11.50 9.57
N THR B 597 8.98 -11.59 10.74
CA THR B 597 9.47 -10.84 11.89
C THR B 597 9.92 -11.82 12.95
N CYS B 598 10.56 -12.89 12.50
CA CYS B 598 11.08 -13.93 13.38
C CYS B 598 10.05 -14.39 14.42
N GLU B 599 8.78 -14.29 14.04
CA GLU B 599 7.69 -14.70 14.90
C GLU B 599 7.66 -16.23 15.06
N LYS B 600 7.90 -16.95 13.95
CA LYS B 600 7.89 -18.40 13.90
C LYS B 600 9.12 -19.08 14.49
N CYS B 601 8.86 -20.07 15.36
CA CYS B 601 9.92 -20.81 16.04
C CYS B 601 9.28 -21.97 16.78
N PRO B 602 8.86 -23.02 16.03
CA PRO B 602 8.21 -24.21 16.55
C PRO B 602 9.13 -25.06 17.42
N THR B 603 10.42 -24.96 17.18
CA THR B 603 11.41 -25.71 17.95
C THR B 603 11.90 -24.95 19.18
N CYS B 604 11.42 -23.73 19.34
CA CYS B 604 11.78 -22.93 20.50
C CYS B 604 11.20 -23.65 21.69
N PRO B 605 11.94 -23.65 22.82
CA PRO B 605 11.54 -24.31 24.07
C PRO B 605 10.19 -23.86 24.62
N ASP B 606 9.55 -24.77 25.36
CA ASP B 606 8.25 -24.52 25.98
C ASP B 606 8.26 -23.21 26.75
N ALA B 607 7.12 -22.52 26.78
CA ALA B 607 7.01 -21.25 27.47
C ALA B 607 7.45 -21.38 28.94
N CYS B 608 7.25 -22.57 29.50
CA CYS B 608 7.61 -22.87 30.88
C CYS B 608 9.10 -22.72 31.14
N THR B 609 9.81 -22.04 30.23
CA THR B 609 11.24 -21.83 30.36
C THR B 609 11.51 -20.33 30.34
N PHE B 610 10.65 -19.60 29.63
CA PHE B 610 10.76 -18.16 29.53
C PHE B 610 10.20 -17.53 30.81
N LYS B 611 9.05 -18.04 31.23
CA LYS B 611 8.34 -17.57 32.40
C LYS B 611 9.09 -17.94 33.68
N LYS B 612 9.73 -19.10 33.65
CA LYS B 612 10.51 -19.60 34.77
C LYS B 612 11.44 -18.52 35.33
N GLU B 613 12.22 -17.90 34.44
CA GLU B 613 13.15 -16.84 34.82
C GLU B 613 12.46 -15.70 35.56
N CYS B 614 11.17 -15.51 35.25
CA CYS B 614 10.39 -14.46 35.89
C CYS B 614 10.03 -14.83 37.32
N VAL B 615 9.45 -16.02 37.51
CA VAL B 615 9.12 -16.43 38.85
C VAL B 615 10.38 -16.43 39.75
N GLU B 616 11.52 -16.87 39.22
CA GLU B 616 12.78 -16.89 39.98
C GLU B 616 13.38 -15.50 40.15
N CYS B 617 12.66 -14.51 39.65
CA CYS B 617 13.13 -13.15 39.79
C CYS B 617 12.10 -12.41 40.63
N LYS B 618 10.91 -12.27 40.09
CA LYS B 618 9.83 -11.56 40.74
C LYS B 618 9.43 -12.18 42.06
N LYS B 619 9.38 -13.50 42.12
CA LYS B 619 8.97 -14.18 43.34
C LYS B 619 10.09 -14.78 44.17
N PHE B 620 11.32 -14.66 43.70
CA PHE B 620 12.46 -15.22 44.42
C PHE B 620 13.68 -14.32 44.44
N ASP B 621 13.63 -13.23 43.68
CA ASP B 621 14.71 -12.25 43.67
C ASP B 621 16.06 -12.79 43.18
N ARG B 622 16.13 -14.08 42.82
CA ARG B 622 17.44 -14.61 42.45
C ARG B 622 17.86 -15.19 41.11
N GLU B 623 17.33 -14.70 39.98
CA GLU B 623 17.83 -15.29 38.74
C GLU B 623 18.42 -14.26 37.77
N PRO B 624 18.96 -14.72 36.62
CA PRO B 624 19.52 -13.80 35.64
C PRO B 624 18.73 -12.55 35.39
N TYR B 625 17.46 -12.64 35.01
CA TYR B 625 16.71 -11.41 34.77
C TYR B 625 16.85 -10.32 35.85
N MET B 626 17.17 -10.74 37.07
CA MET B 626 17.40 -9.83 38.20
C MET B 626 18.84 -9.39 38.12
N THR B 627 19.72 -10.36 37.87
CA THR B 627 21.15 -10.13 37.74
C THR B 627 21.49 -9.16 36.58
N GLU B 628 20.47 -8.71 35.85
CA GLU B 628 20.64 -7.78 34.72
C GLU B 628 19.91 -6.46 34.98
N ASN B 629 19.24 -6.37 36.13
CA ASN B 629 18.47 -5.18 36.53
C ASN B 629 17.26 -5.01 35.61
N THR B 630 17.11 -5.94 34.66
CA THR B 630 16.04 -5.88 33.68
C THR B 630 14.85 -6.78 33.96
N CYS B 631 14.51 -6.97 35.22
CA CYS B 631 13.38 -7.83 35.50
C CYS B 631 12.10 -7.06 35.81
N ASN B 632 11.86 -6.01 35.04
CA ASN B 632 10.67 -5.18 35.18
C ASN B 632 10.10 -4.93 33.79
N ARG B 633 10.55 -3.86 33.13
CA ARG B 633 10.07 -3.54 31.77
C ARG B 633 10.25 -4.72 30.84
N TYR B 634 11.16 -5.62 31.21
CA TYR B 634 11.45 -6.81 30.42
C TYR B 634 10.66 -8.06 30.86
N CYS B 635 10.13 -8.05 32.08
CA CYS B 635 9.35 -9.18 32.58
C CYS B 635 8.08 -8.67 33.25
N ARG B 636 7.24 -8.01 32.46
CA ARG B 636 6.00 -7.44 32.98
C ARG B 636 5.06 -8.50 33.51
N ASP B 637 4.29 -9.12 32.61
CA ASP B 637 3.33 -10.17 32.98
C ASP B 637 2.52 -9.69 34.19
N GLU B 638 2.25 -10.60 35.12
CA GLU B 638 1.52 -10.29 36.34
C GLU B 638 1.53 -11.56 37.19
N ILE B 639 2.54 -11.69 38.04
CA ILE B 639 2.64 -12.88 38.90
C ILE B 639 1.70 -12.76 40.10
N GLU B 640 1.33 -13.90 40.68
CA GLU B 640 0.45 -13.90 41.83
C GLU B 640 0.45 -15.27 42.50
N SER B 641 0.95 -15.32 43.72
CA SER B 641 1.07 -16.53 44.53
C SER B 641 -0.23 -17.27 44.79
N VAL B 642 -0.56 -18.21 43.91
CA VAL B 642 -1.79 -18.98 44.04
C VAL B 642 -1.86 -19.72 45.38
N LYS B 643 -3.08 -19.77 45.93
CA LYS B 643 -3.38 -20.38 47.22
C LYS B 643 -3.16 -21.89 47.42
N GLU B 644 -1.91 -22.34 47.20
CA GLU B 644 -1.51 -23.75 47.37
C GLU B 644 -2.16 -24.70 46.37
N LEU B 645 -3.18 -24.22 45.67
CA LEU B 645 -3.92 -25.03 44.72
C LEU B 645 -3.89 -24.41 43.34
N LYS B 646 -3.93 -25.27 42.32
CA LYS B 646 -3.92 -24.83 40.92
C LYS B 646 -5.28 -24.53 40.32
N ASP B 647 -5.32 -23.47 39.51
CA ASP B 647 -6.53 -22.97 38.86
C ASP B 647 -7.36 -23.95 38.00
N THR B 648 -8.49 -23.46 37.48
CA THR B 648 -9.41 -24.25 36.66
C THR B 648 -9.36 -24.01 35.15
N GLY B 649 -9.31 -22.75 34.73
CA GLY B 649 -9.29 -22.39 33.31
C GLY B 649 -8.45 -23.31 32.44
N LYS B 650 -9.07 -24.40 31.97
CA LYS B 650 -8.41 -25.41 31.15
C LYS B 650 -8.32 -24.96 29.69
N ASP B 651 -7.40 -24.03 29.47
CA ASP B 651 -7.12 -23.42 28.17
C ASP B 651 -5.80 -22.69 28.36
N ALA B 652 -5.08 -23.12 29.39
CA ALA B 652 -3.78 -22.59 29.77
C ALA B 652 -2.90 -23.78 30.16
N VAL B 653 -1.62 -23.52 30.41
CA VAL B 653 -0.66 -24.57 30.77
C VAL B 653 -0.10 -24.42 32.18
N ASN B 654 0.30 -25.52 32.82
CA ASN B 654 0.88 -25.43 34.15
C ASN B 654 2.29 -26.04 34.16
N CYS B 655 3.27 -25.23 34.55
CA CYS B 655 4.69 -25.59 34.59
C CYS B 655 5.26 -26.15 35.90
N THR B 656 6.48 -26.65 35.83
CA THR B 656 7.13 -27.25 36.99
C THR B 656 8.66 -27.26 36.87
N TYR B 657 9.34 -26.84 37.93
CA TYR B 657 10.78 -26.84 37.89
C TYR B 657 11.47 -26.89 39.24
N LYS B 658 12.79 -26.96 39.20
CA LYS B 658 13.59 -26.99 40.41
C LYS B 658 14.47 -25.77 40.46
N ASN B 659 14.33 -24.98 41.52
CA ASN B 659 15.14 -23.79 41.71
C ASN B 659 16.50 -24.19 42.29
N GLU B 660 17.45 -23.25 42.33
CA GLU B 660 18.78 -23.56 42.85
C GLU B 660 18.75 -24.17 44.25
N ASP B 661 17.67 -23.91 44.97
CA ASP B 661 17.49 -24.42 46.33
C ASP B 661 16.98 -25.86 46.32
N ASP B 662 17.07 -26.50 45.15
CA ASP B 662 16.66 -27.88 44.95
C ASP B 662 15.22 -28.22 45.34
N CYS B 663 14.31 -27.26 45.18
CA CYS B 663 12.90 -27.47 45.50
C CYS B 663 12.16 -27.35 44.19
N VAL B 664 11.05 -28.07 44.06
CA VAL B 664 10.28 -28.03 42.84
C VAL B 664 9.12 -27.05 42.88
N VAL B 665 9.35 -25.90 42.25
CA VAL B 665 8.39 -24.82 42.15
C VAL B 665 7.36 -25.15 41.05
N ARG B 666 6.08 -24.82 41.27
CA ARG B 666 5.01 -25.09 40.30
C ARG B 666 4.15 -23.87 39.94
N PHE B 667 4.19 -23.42 38.68
CA PHE B 667 3.39 -22.27 38.27
C PHE B 667 2.38 -22.53 37.16
N GLN B 668 1.84 -21.47 36.56
CA GLN B 668 0.82 -21.58 35.52
C GLN B 668 0.60 -20.29 34.72
N TYR B 669 0.85 -20.34 33.41
CA TYR B 669 0.67 -19.19 32.51
C TYR B 669 -0.79 -19.19 31.99
N TYR B 670 -1.41 -18.01 31.95
CA TYR B 670 -2.81 -17.89 31.54
C TYR B 670 -3.08 -16.57 30.79
N GLU B 671 -4.14 -16.54 29.98
CA GLU B 671 -4.48 -15.34 29.21
C GLU B 671 -5.97 -15.19 28.95
N ASP B 672 -6.63 -14.38 29.78
CA ASP B 672 -8.07 -14.15 29.70
C ASP B 672 -8.60 -13.27 28.56
N SER B 673 -8.89 -11.99 28.80
CA SER B 673 -9.45 -11.18 27.71
C SER B 673 -8.74 -9.99 27.07
N SER B 674 -8.01 -9.20 27.85
CA SER B 674 -7.25 -8.10 27.25
C SER B 674 -5.90 -8.74 26.93
N GLY B 675 -5.95 -10.07 26.75
CA GLY B 675 -4.77 -10.89 26.48
C GLY B 675 -4.00 -11.04 27.78
N LYS B 676 -4.64 -10.59 28.87
CA LYS B 676 -4.08 -10.60 30.22
C LYS B 676 -3.15 -11.76 30.57
N SER B 677 -1.87 -11.41 30.71
CA SER B 677 -0.83 -12.35 31.11
C SER B 677 -0.92 -12.47 32.62
N ILE B 678 -1.02 -13.69 33.13
CA ILE B 678 -1.13 -13.89 34.57
C ILE B 678 -0.55 -15.22 35.02
N LEU B 679 0.41 -15.16 35.95
CA LEU B 679 1.02 -16.37 36.47
C LEU B 679 0.54 -16.69 37.88
N TYR B 680 0.44 -17.97 38.20
CA TYR B 680 0.00 -18.40 39.52
C TYR B 680 1.00 -19.35 40.11
N VAL B 681 1.80 -18.86 41.06
CA VAL B 681 2.82 -19.68 41.67
C VAL B 681 2.34 -20.42 42.93
N VAL B 682 2.38 -21.75 42.88
CA VAL B 682 1.99 -22.58 44.01
C VAL B 682 2.76 -22.17 45.26
N GLU B 683 2.12 -21.34 46.09
CA GLU B 683 2.68 -20.88 47.36
C GLU B 683 3.02 -22.15 48.16
N GLU B 684 4.31 -22.38 48.38
CA GLU B 684 4.79 -23.54 49.11
C GLU B 684 5.24 -24.70 48.24
N PRO B 685 6.43 -24.57 47.62
CA PRO B 685 7.13 -25.50 46.75
C PRO B 685 7.53 -26.76 47.49
N GLU B 686 7.48 -27.91 46.81
CA GLU B 686 7.85 -29.19 47.41
C GLU B 686 9.36 -29.20 47.63
N CYS B 687 9.77 -29.34 48.88
CA CYS B 687 11.18 -29.34 49.21
C CYS B 687 11.59 -30.63 49.88
N PRO B 688 12.90 -30.92 49.87
CA PRO B 688 13.43 -32.13 50.51
C PRO B 688 13.18 -32.07 52.02
N LYS B 689 12.39 -33.00 52.53
CA LYS B 689 12.07 -33.03 53.98
C LYS B 689 13.04 -33.83 54.84
N GLY B 690 13.16 -33.42 56.11
CA GLY B 690 14.04 -34.11 57.02
C GLY B 690 13.85 -33.64 58.45
N ARG C 1 -31.67 -6.11 12.31
CA ARG C 1 -31.05 -5.80 11.03
C ARG C 1 -31.16 -4.28 11.01
N GLY C 2 -30.04 -3.61 10.72
CA GLY C 2 -29.99 -2.15 10.71
C GLY C 2 -29.75 -1.65 12.12
N ASP C 3 -30.49 -0.63 12.54
CA ASP C 3 -30.36 -0.09 13.90
C ASP C 3 -31.30 -0.89 14.82
N PHE C 4 -31.05 -2.20 14.92
CA PHE C 4 -31.85 -3.14 15.70
C PHE C 4 -31.34 -4.55 15.39
#